data_1BKM
# 
_entry.id   1BKM 
# 
_audit_conform.dict_name       mmcif_pdbx.dic 
_audit_conform.dict_version    5.392 
_audit_conform.dict_location   http://mmcif.pdb.org/dictionaries/ascii/mmcif_pdbx.dic 
# 
loop_
_database_2.database_id 
_database_2.database_code 
_database_2.pdbx_database_accession 
_database_2.pdbx_DOI 
PDB   1BKM         pdb_00001bkm 10.2210/pdb1bkm/pdb 
WWPDB D_1000171864 ?            ?                   
# 
loop_
_pdbx_audit_revision_history.ordinal 
_pdbx_audit_revision_history.data_content_type 
_pdbx_audit_revision_history.major_revision 
_pdbx_audit_revision_history.minor_revision 
_pdbx_audit_revision_history.revision_date 
1 'Structure model' 1 0 1997-07-07 
2 'Structure model' 1 1 2008-03-24 
3 'Structure model' 1 2 2011-07-13 
4 'Structure model' 1 3 2023-08-02 
5 'Structure model' 1 4 2024-05-22 
# 
_pdbx_audit_revision_details.ordinal             1 
_pdbx_audit_revision_details.revision_ordinal    1 
_pdbx_audit_revision_details.data_content_type   'Structure model' 
_pdbx_audit_revision_details.provider            repository 
_pdbx_audit_revision_details.type                'Initial release' 
_pdbx_audit_revision_details.description         ? 
_pdbx_audit_revision_details.details             ? 
# 
loop_
_pdbx_audit_revision_group.ordinal 
_pdbx_audit_revision_group.revision_ordinal 
_pdbx_audit_revision_group.data_content_type 
_pdbx_audit_revision_group.group 
1 2 'Structure model' 'Version format compliance' 
2 3 'Structure model' 'Version format compliance' 
3 4 'Structure model' 'Database references'       
4 4 'Structure model' 'Derived calculations'      
5 4 'Structure model' Other                       
6 4 'Structure model' 'Refinement description'    
7 5 'Structure model' 'Data collection'           
# 
loop_
_pdbx_audit_revision_category.ordinal 
_pdbx_audit_revision_category.revision_ordinal 
_pdbx_audit_revision_category.data_content_type 
_pdbx_audit_revision_category.category 
1 4 'Structure model' database_2                    
2 4 'Structure model' pdbx_database_status          
3 4 'Structure model' pdbx_initial_refinement_model 
4 4 'Structure model' struct_ref_seq_dif            
5 4 'Structure model' struct_site                   
6 5 'Structure model' chem_comp_atom                
7 5 'Structure model' chem_comp_bond                
# 
loop_
_pdbx_audit_revision_item.ordinal 
_pdbx_audit_revision_item.revision_ordinal 
_pdbx_audit_revision_item.data_content_type 
_pdbx_audit_revision_item.item 
1 4 'Structure model' '_database_2.pdbx_DOI'                
2 4 'Structure model' '_database_2.pdbx_database_accession' 
3 4 'Structure model' '_pdbx_database_status.process_site'  
4 4 'Structure model' '_struct_ref_seq_dif.details'         
5 4 'Structure model' '_struct_site.pdbx_auth_asym_id'      
6 4 'Structure model' '_struct_site.pdbx_auth_comp_id'      
7 4 'Structure model' '_struct_site.pdbx_auth_seq_id'       
# 
_pdbx_database_status.status_code                     REL 
_pdbx_database_status.entry_id                        1BKM 
_pdbx_database_status.recvd_initial_deposition_date   1997-05-02 
_pdbx_database_status.deposit_site                    ? 
_pdbx_database_status.process_site                    BNL 
_pdbx_database_status.status_code_sf                  REL 
_pdbx_database_status.status_code_mr                  ? 
_pdbx_database_status.SG_entry                        ? 
_pdbx_database_status.pdb_format_compatible           Y 
_pdbx_database_status.status_code_cs                  ? 
_pdbx_database_status.status_code_nmr_data            ? 
_pdbx_database_status.methods_development_category    ? 
# 
loop_
_audit_author.name 
_audit_author.pdbx_ordinal 
'Holland, D.R.' 1 
'Rubin, J.R.'   2 
# 
loop_
_citation.id 
_citation.title 
_citation.journal_abbrev 
_citation.journal_volume 
_citation.page_first 
_citation.page_last 
_citation.year 
_citation.journal_id_ASTM 
_citation.country 
_citation.journal_id_ISSN 
_citation.journal_id_CSD 
_citation.book_publisher 
_citation.pdbx_database_id_PubMed 
_citation.pdbx_database_id_DOI 
primary 'Structure-Based Design of a Novel Series of Nonpeptide Ligands that Bind to the Pp60Src Sh2 Domain' J.Am.Chem.Soc. 119 
12471 ? 1997 JACSAT US 0002-7863 0004 ? -1 ? 
1       
'Binding of a High Affinity Phosphotyrosyl Peptide to the Src Sh2 Domain: Crystal Structures of the Complexed and Peptide-Free Forms' 
'Cell(Cambridge,Mass.)' 72  779   ? 1993 CELLB5 US 0092-8674 0998 ? ?  ? 
# 
loop_
_citation_author.citation_id 
_citation_author.name 
_citation_author.ordinal 
_citation_author.identifier_ORCID 
primary 'Holland, D.R.'  1  ? 
primary 'Lunney, E.A.'   2  ? 
primary 'Plummer, M.S.'  3  ? 
primary 'Mueller, W.T.'  4  ? 
primary 'Mcconnell, P.'  5  ? 
primary 'Pavlovsky, A.'  6  ? 
primary 'Para, K.S.'     7  ? 
primary 'Shahripour, A.' 8  ? 
primary 'Humblet, C.'    9  ? 
primary 'Sawyer, T.K.'   10 ? 
primary 'Rubin, J.R.'    11 ? 
1       'Waksman, G.'    12 ? 
1       'Shoelson, S.E.' 13 ? 
1       'Pant, N.'       14 ? 
1       'Cowburn, D.'    15 ? 
1       'Kuriyan, J.'    16 ? 
# 
loop_
_entity.id 
_entity.type 
_entity.src_method 
_entity.pdbx_description 
_entity.formula_weight 
_entity.pdbx_number_of_molecules 
_entity.pdbx_ec 
_entity.pdbx_mutation 
_entity.pdbx_fragment 
_entity.details 
1 polymer     man 'PP60 V-SRC TYROSINE KINASE TRANSFORMING PROTEIN'                               12821.392 1  2.7.1.112 
'INS(G0,S1), INS(EFIVTD) AT C-TERMINUS' DOMAIN ? 
2 non-polymer syn '[[O-PHOSPHONO-N-ACETYL-TYROSINYL]-GLUTAMYL-3[CYCLOHEXYLMETHYL]ALANINYL]-AMINE' 598.582   1  ?         ? ?      
? 
3 water       nat water                                                                           18.015    61 ?         ? ?      
? 
# 
_entity_name_com.entity_id   1 
_entity_name_com.name        'SRC SH2' 
# 
_entity_poly.entity_id                      1 
_entity_poly.type                           'polypeptide(L)' 
_entity_poly.nstd_linkage                   no 
_entity_poly.nstd_monomer                   no 
_entity_poly.pdbx_seq_one_letter_code       
;GSAEEWYFGKITRRESEALLLNPENPRGTFLVRESETTKGAYCLSVSDFDNAKGLNVKHYKIRKLDSGGFYITSRTQFSS
LQQLVAYYSKHADGLCHRLTNVCPTSKEFIVTD
;
_entity_poly.pdbx_seq_one_letter_code_can   
;GSAEEWYFGKITRRESEALLLNPENPRGTFLVRESETTKGAYCLSVSDFDNAKGLNVKHYKIRKLDSGGFYITSRTQFSS
LQQLVAYYSKHADGLCHRLTNVCPTSKEFIVTD
;
_entity_poly.pdbx_strand_id                 A 
_entity_poly.pdbx_target_identifier         ? 
# 
loop_
_pdbx_entity_nonpoly.entity_id 
_pdbx_entity_nonpoly.name 
_pdbx_entity_nonpoly.comp_id 
2 '[[O-PHOSPHONO-N-ACETYL-TYROSINYL]-GLUTAMYL-3[CYCLOHEXYLMETHYL]ALANINYL]-AMINE' 1C5 
3 water                                                                           HOH 
# 
loop_
_entity_poly_seq.entity_id 
_entity_poly_seq.num 
_entity_poly_seq.mon_id 
_entity_poly_seq.hetero 
1 1   GLY n 
1 2   SER n 
1 3   ALA n 
1 4   GLU n 
1 5   GLU n 
1 6   TRP n 
1 7   TYR n 
1 8   PHE n 
1 9   GLY n 
1 10  LYS n 
1 11  ILE n 
1 12  THR n 
1 13  ARG n 
1 14  ARG n 
1 15  GLU n 
1 16  SER n 
1 17  GLU n 
1 18  ALA n 
1 19  LEU n 
1 20  LEU n 
1 21  LEU n 
1 22  ASN n 
1 23  PRO n 
1 24  GLU n 
1 25  ASN n 
1 26  PRO n 
1 27  ARG n 
1 28  GLY n 
1 29  THR n 
1 30  PHE n 
1 31  LEU n 
1 32  VAL n 
1 33  ARG n 
1 34  GLU n 
1 35  SER n 
1 36  GLU n 
1 37  THR n 
1 38  THR n 
1 39  LYS n 
1 40  GLY n 
1 41  ALA n 
1 42  TYR n 
1 43  CYS n 
1 44  LEU n 
1 45  SER n 
1 46  VAL n 
1 47  SER n 
1 48  ASP n 
1 49  PHE n 
1 50  ASP n 
1 51  ASN n 
1 52  ALA n 
1 53  LYS n 
1 54  GLY n 
1 55  LEU n 
1 56  ASN n 
1 57  VAL n 
1 58  LYS n 
1 59  HIS n 
1 60  TYR n 
1 61  LYS n 
1 62  ILE n 
1 63  ARG n 
1 64  LYS n 
1 65  LEU n 
1 66  ASP n 
1 67  SER n 
1 68  GLY n 
1 69  GLY n 
1 70  PHE n 
1 71  TYR n 
1 72  ILE n 
1 73  THR n 
1 74  SER n 
1 75  ARG n 
1 76  THR n 
1 77  GLN n 
1 78  PHE n 
1 79  SER n 
1 80  SER n 
1 81  LEU n 
1 82  GLN n 
1 83  GLN n 
1 84  LEU n 
1 85  VAL n 
1 86  ALA n 
1 87  TYR n 
1 88  TYR n 
1 89  SER n 
1 90  LYS n 
1 91  HIS n 
1 92  ALA n 
1 93  ASP n 
1 94  GLY n 
1 95  LEU n 
1 96  CYS n 
1 97  HIS n 
1 98  ARG n 
1 99  LEU n 
1 100 THR n 
1 101 ASN n 
1 102 VAL n 
1 103 CYS n 
1 104 PRO n 
1 105 THR n 
1 106 SER n 
1 107 LYS n 
1 108 GLU n 
1 109 PHE n 
1 110 ILE n 
1 111 VAL n 
1 112 THR n 
1 113 ASP n 
# 
_entity_src_gen.entity_id                          1 
_entity_src_gen.pdbx_src_id                        1 
_entity_src_gen.pdbx_alt_source_flag               sample 
_entity_src_gen.pdbx_seq_type                      ? 
_entity_src_gen.pdbx_beg_seq_num                   ? 
_entity_src_gen.pdbx_end_seq_num                   ? 
_entity_src_gen.gene_src_common_name               ? 
_entity_src_gen.gene_src_genus                     Alpharetrovirus 
_entity_src_gen.pdbx_gene_src_gene                 ? 
_entity_src_gen.gene_src_species                   ? 
_entity_src_gen.gene_src_strain                    'SCHMIDT-RUPPIN STRAIN A' 
_entity_src_gen.gene_src_tissue                    ? 
_entity_src_gen.gene_src_tissue_fraction           ? 
_entity_src_gen.gene_src_details                   ? 
_entity_src_gen.pdbx_gene_src_fragment             ? 
_entity_src_gen.pdbx_gene_src_scientific_name      'Rous sarcoma virus' 
_entity_src_gen.pdbx_gene_src_ncbi_taxonomy_id     11886 
_entity_src_gen.pdbx_gene_src_variant              ? 
_entity_src_gen.pdbx_gene_src_cell_line            ? 
_entity_src_gen.pdbx_gene_src_atcc                 ? 
_entity_src_gen.pdbx_gene_src_organ                ? 
_entity_src_gen.pdbx_gene_src_organelle            ? 
_entity_src_gen.pdbx_gene_src_cell                 ? 
_entity_src_gen.pdbx_gene_src_cellular_location    ? 
_entity_src_gen.host_org_common_name               ? 
_entity_src_gen.pdbx_host_org_scientific_name      'Escherichia coli' 
_entity_src_gen.pdbx_host_org_ncbi_taxonomy_id     562 
_entity_src_gen.host_org_genus                     Escherichia 
_entity_src_gen.pdbx_host_org_gene                 ? 
_entity_src_gen.pdbx_host_org_organ                ? 
_entity_src_gen.host_org_species                   ? 
_entity_src_gen.pdbx_host_org_tissue               ? 
_entity_src_gen.pdbx_host_org_tissue_fraction      ? 
_entity_src_gen.pdbx_host_org_strain               JM83 
_entity_src_gen.pdbx_host_org_variant              ? 
_entity_src_gen.pdbx_host_org_cell_line            ? 
_entity_src_gen.pdbx_host_org_atcc                 ? 
_entity_src_gen.pdbx_host_org_culture_collection   ? 
_entity_src_gen.pdbx_host_org_cell                 ? 
_entity_src_gen.pdbx_host_org_organelle            ? 
_entity_src_gen.pdbx_host_org_cellular_location    ? 
_entity_src_gen.pdbx_host_org_vector_type          ? 
_entity_src_gen.pdbx_host_org_vector               ? 
_entity_src_gen.host_org_details                   ? 
_entity_src_gen.expression_system_id               ? 
_entity_src_gen.plasmid_name                       ? 
_entity_src_gen.plasmid_details                    ? 
_entity_src_gen.pdbx_description                   ? 
# 
loop_
_chem_comp.id 
_chem_comp.type 
_chem_comp.mon_nstd_flag 
_chem_comp.name 
_chem_comp.pdbx_synonyms 
_chem_comp.formula 
_chem_comp.formula_weight 
1C5 non-polymer         . '[[O-PHOSPHONO-N-ACETYL-TYROSINYL]-GLUTAMYL-3[CYCLOHEXYLMETHYL]ALANINYL]-AMINE' ? 'C26 H39 N4 O10 P' 
598.582 
ALA 'L-peptide linking' y ALANINE                                                                         ? 'C3 H7 N O2'       
89.093  
ARG 'L-peptide linking' y ARGININE                                                                        ? 'C6 H15 N4 O2 1'   
175.209 
ASN 'L-peptide linking' y ASPARAGINE                                                                      ? 'C4 H8 N2 O3'      
132.118 
ASP 'L-peptide linking' y 'ASPARTIC ACID'                                                                 ? 'C4 H7 N O4'       
133.103 
CYS 'L-peptide linking' y CYSTEINE                                                                        ? 'C3 H7 N O2 S'     
121.158 
GLN 'L-peptide linking' y GLUTAMINE                                                                       ? 'C5 H10 N2 O3'     
146.144 
GLU 'L-peptide linking' y 'GLUTAMIC ACID'                                                                 ? 'C5 H9 N O4'       
147.129 
GLY 'peptide linking'   y GLYCINE                                                                         ? 'C2 H5 N O2'       
75.067  
HIS 'L-peptide linking' y HISTIDINE                                                                       ? 'C6 H10 N3 O2 1'   
156.162 
HOH non-polymer         . WATER                                                                           ? 'H2 O'             
18.015  
ILE 'L-peptide linking' y ISOLEUCINE                                                                      ? 'C6 H13 N O2'      
131.173 
LEU 'L-peptide linking' y LEUCINE                                                                         ? 'C6 H13 N O2'      
131.173 
LYS 'L-peptide linking' y LYSINE                                                                          ? 'C6 H15 N2 O2 1'   
147.195 
PHE 'L-peptide linking' y PHENYLALANINE                                                                   ? 'C9 H11 N O2'      
165.189 
PRO 'L-peptide linking' y PROLINE                                                                         ? 'C5 H9 N O2'       
115.130 
SER 'L-peptide linking' y SERINE                                                                          ? 'C3 H7 N O3'       
105.093 
THR 'L-peptide linking' y THREONINE                                                                       ? 'C4 H9 N O3'       
119.119 
TRP 'L-peptide linking' y TRYPTOPHAN                                                                      ? 'C11 H12 N2 O2'    
204.225 
TYR 'L-peptide linking' y TYROSINE                                                                        ? 'C9 H11 N O3'      
181.189 
VAL 'L-peptide linking' y VALINE                                                                          ? 'C5 H11 N O2'      
117.146 
# 
loop_
_pdbx_poly_seq_scheme.asym_id 
_pdbx_poly_seq_scheme.entity_id 
_pdbx_poly_seq_scheme.seq_id 
_pdbx_poly_seq_scheme.mon_id 
_pdbx_poly_seq_scheme.ndb_seq_num 
_pdbx_poly_seq_scheme.pdb_seq_num 
_pdbx_poly_seq_scheme.auth_seq_num 
_pdbx_poly_seq_scheme.pdb_mon_id 
_pdbx_poly_seq_scheme.auth_mon_id 
_pdbx_poly_seq_scheme.pdb_strand_id 
_pdbx_poly_seq_scheme.pdb_ins_code 
_pdbx_poly_seq_scheme.hetero 
A 1 1   GLY 1   0   ?   ?   ?   A . n 
A 1 2   SER 2   1   ?   ?   ?   A . n 
A 1 3   ALA 3   2   ?   ?   ?   A . n 
A 1 4   GLU 4   3   3   GLU GLU A . n 
A 1 5   GLU 5   4   4   GLU GLU A . n 
A 1 6   TRP 6   5   5   TRP TRP A . n 
A 1 7   TYR 7   6   6   TYR TYR A . n 
A 1 8   PHE 8   7   7   PHE PHE A . n 
A 1 9   GLY 9   8   8   GLY GLY A . n 
A 1 10  LYS 10  9   9   LYS LYS A . n 
A 1 11  ILE 11  10  10  ILE ILE A . n 
A 1 12  THR 12  11  11  THR THR A . n 
A 1 13  ARG 13  12  12  ARG ARG A . n 
A 1 14  ARG 14  13  13  ARG ARG A . n 
A 1 15  GLU 15  14  14  GLU GLU A . n 
A 1 16  SER 16  15  15  SER SER A . n 
A 1 17  GLU 17  16  16  GLU GLU A . n 
A 1 18  ALA 18  17  17  ALA ALA A . n 
A 1 19  LEU 19  18  18  LEU LEU A . n 
A 1 20  LEU 20  19  19  LEU LEU A . n 
A 1 21  LEU 21  20  20  LEU LEU A . n 
A 1 22  ASN 22  21  21  ASN ASN A . n 
A 1 23  PRO 23  22  22  PRO PRO A . n 
A 1 24  GLU 24  23  23  GLU GLU A . n 
A 1 25  ASN 25  24  24  ASN ASN A . n 
A 1 26  PRO 26  25  25  PRO PRO A . n 
A 1 27  ARG 27  26  26  ARG ARG A . n 
A 1 28  GLY 28  27  27  GLY GLY A . n 
A 1 29  THR 29  28  28  THR THR A . n 
A 1 30  PHE 30  29  29  PHE PHE A . n 
A 1 31  LEU 31  30  30  LEU LEU A . n 
A 1 32  VAL 32  31  31  VAL VAL A . n 
A 1 33  ARG 33  32  32  ARG ARG A . n 
A 1 34  GLU 34  33  33  GLU GLU A . n 
A 1 35  SER 35  34  34  SER SER A . n 
A 1 36  GLU 36  35  35  GLU GLU A . n 
A 1 37  THR 37  36  36  THR THR A . n 
A 1 38  THR 38  37  37  THR THR A . n 
A 1 39  LYS 39  38  38  LYS LYS A . n 
A 1 40  GLY 40  39  39  GLY GLY A . n 
A 1 41  ALA 41  40  40  ALA ALA A . n 
A 1 42  TYR 42  41  41  TYR TYR A . n 
A 1 43  CYS 43  42  42  CYS CYS A . n 
A 1 44  LEU 44  43  43  LEU LEU A . n 
A 1 45  SER 45  44  44  SER SER A . n 
A 1 46  VAL 46  45  45  VAL VAL A . n 
A 1 47  SER 47  46  46  SER SER A . n 
A 1 48  ASP 48  47  47  ASP ASP A . n 
A 1 49  PHE 49  48  48  PHE PHE A . n 
A 1 50  ASP 50  49  49  ASP ASP A . n 
A 1 51  ASN 51  50  50  ASN ASN A . n 
A 1 52  ALA 52  51  51  ALA ALA A . n 
A 1 53  LYS 53  52  52  LYS LYS A . n 
A 1 54  GLY 54  53  53  GLY GLY A . n 
A 1 55  LEU 55  54  54  LEU LEU A . n 
A 1 56  ASN 56  55  55  ASN ASN A . n 
A 1 57  VAL 57  56  56  VAL VAL A . n 
A 1 58  LYS 58  57  57  LYS LYS A . n 
A 1 59  HIS 59  58  58  HIS HIS A . n 
A 1 60  TYR 60  59  59  TYR TYR A . n 
A 1 61  LYS 61  60  60  LYS LYS A . n 
A 1 62  ILE 62  61  61  ILE ILE A . n 
A 1 63  ARG 63  62  62  ARG ARG A . n 
A 1 64  LYS 64  63  63  LYS LYS A . n 
A 1 65  LEU 65  64  64  LEU LEU A . n 
A 1 66  ASP 66  65  65  ASP ASP A . n 
A 1 67  SER 67  66  66  SER SER A . n 
A 1 68  GLY 68  67  67  GLY GLY A . n 
A 1 69  GLY 69  68  68  GLY GLY A . n 
A 1 70  PHE 70  69  69  PHE PHE A . n 
A 1 71  TYR 71  70  70  TYR TYR A . n 
A 1 72  ILE 72  71  71  ILE ILE A . n 
A 1 73  THR 73  72  72  THR THR A . n 
A 1 74  SER 74  73  73  SER SER A . n 
A 1 75  ARG 75  74  74  ARG ARG A . n 
A 1 76  THR 76  75  75  THR THR A . n 
A 1 77  GLN 77  76  76  GLN GLN A . n 
A 1 78  PHE 78  77  77  PHE PHE A . n 
A 1 79  SER 79  78  78  SER SER A . n 
A 1 80  SER 80  79  79  SER SER A . n 
A 1 81  LEU 81  80  80  LEU LEU A . n 
A 1 82  GLN 82  81  81  GLN GLN A . n 
A 1 83  GLN 83  82  82  GLN GLN A . n 
A 1 84  LEU 84  83  83  LEU LEU A . n 
A 1 85  VAL 85  84  84  VAL VAL A . n 
A 1 86  ALA 86  85  85  ALA ALA A . n 
A 1 87  TYR 87  86  86  TYR TYR A . n 
A 1 88  TYR 88  87  87  TYR TYR A . n 
A 1 89  SER 89  88  88  SER SER A . n 
A 1 90  LYS 90  89  89  LYS LYS A . n 
A 1 91  HIS 91  90  90  HIS HIS A . n 
A 1 92  ALA 92  91  91  ALA ALA A . n 
A 1 93  ASP 93  92  92  ASP ASP A . n 
A 1 94  GLY 94  93  93  GLY GLY A . n 
A 1 95  LEU 95  94  94  LEU LEU A . n 
A 1 96  CYS 96  95  95  CYS CYS A . n 
A 1 97  HIS 97  96  96  HIS HIS A . n 
A 1 98  ARG 98  97  97  ARG ARG A . n 
A 1 99  LEU 99  98  98  LEU LEU A . n 
A 1 100 THR 100 99  99  THR THR A . n 
A 1 101 ASN 101 100 100 ASN ASN A . n 
A 1 102 VAL 102 101 101 VAL VAL A . n 
A 1 103 CYS 103 102 102 CYS CYS A . n 
A 1 104 PRO 104 103 103 PRO PRO A . n 
A 1 105 THR 105 104 104 THR THR A . n 
A 1 106 SER 106 105 ?   ?   ?   A . n 
A 1 107 LYS 107 106 ?   ?   ?   A . n 
A 1 108 GLU 108 107 ?   ?   ?   A . n 
A 1 109 PHE 109 108 ?   ?   ?   A . n 
A 1 110 ILE 110 109 ?   ?   ?   A . n 
A 1 111 VAL 111 110 ?   ?   ?   A . n 
A 1 112 THR 112 111 ?   ?   ?   A . n 
A 1 113 ASP 113 112 ?   ?   ?   A . n 
# 
loop_
_pdbx_nonpoly_scheme.asym_id 
_pdbx_nonpoly_scheme.entity_id 
_pdbx_nonpoly_scheme.mon_id 
_pdbx_nonpoly_scheme.ndb_seq_num 
_pdbx_nonpoly_scheme.pdb_seq_num 
_pdbx_nonpoly_scheme.auth_seq_num 
_pdbx_nonpoly_scheme.pdb_mon_id 
_pdbx_nonpoly_scheme.auth_mon_id 
_pdbx_nonpoly_scheme.pdb_strand_id 
_pdbx_nonpoly_scheme.pdb_ins_code 
B 2 1C5 1  113 1   1C5 1C5 A . 
C 3 HOH 1  114 106 HOH HOH A . 
C 3 HOH 2  115 107 HOH HOH A . 
C 3 HOH 3  116 108 HOH HOH A . 
C 3 HOH 4  117 202 HOH HOH A . 
C 3 HOH 5  118 204 HOH HOH A . 
C 3 HOH 6  119 205 HOH HOH A . 
C 3 HOH 7  120 206 HOH HOH A . 
C 3 HOH 8  121 207 HOH HOH A . 
C 3 HOH 9  122 209 HOH HOH A . 
C 3 HOH 10 123 210 HOH HOH A . 
C 3 HOH 11 124 211 HOH HOH A . 
C 3 HOH 12 125 212 HOH HOH A . 
C 3 HOH 13 126 213 HOH HOH A . 
C 3 HOH 14 127 214 HOH HOH A . 
C 3 HOH 15 128 215 HOH HOH A . 
C 3 HOH 16 129 216 HOH HOH A . 
C 3 HOH 17 130 217 HOH HOH A . 
C 3 HOH 18 131 218 HOH HOH A . 
C 3 HOH 19 132 219 HOH HOH A . 
C 3 HOH 20 133 220 HOH HOH A . 
C 3 HOH 21 134 221 HOH HOH A . 
C 3 HOH 22 135 222 HOH HOH A . 
C 3 HOH 23 136 224 HOH HOH A . 
C 3 HOH 24 137 302 HOH HOH A . 
C 3 HOH 25 138 310 HOH HOH A . 
C 3 HOH 26 139 316 HOH HOH A . 
C 3 HOH 27 140 317 HOH HOH A . 
C 3 HOH 28 141 318 HOH HOH A . 
C 3 HOH 29 142 319 HOH HOH A . 
C 3 HOH 30 143 320 HOH HOH A . 
C 3 HOH 31 144 321 HOH HOH A . 
C 3 HOH 32 145 322 HOH HOH A . 
C 3 HOH 33 146 323 HOH HOH A . 
C 3 HOH 34 147 324 HOH HOH A . 
C 3 HOH 35 148 325 HOH HOH A . 
C 3 HOH 36 149 326 HOH HOH A . 
C 3 HOH 37 150 327 HOH HOH A . 
C 3 HOH 38 151 328 HOH HOH A . 
C 3 HOH 39 152 330 HOH HOH A . 
C 3 HOH 40 153 331 HOH HOH A . 
C 3 HOH 41 154 332 HOH HOH A . 
C 3 HOH 42 155 333 HOH HOH A . 
C 3 HOH 43 156 334 HOH HOH A . 
C 3 HOH 44 157 335 HOH HOH A . 
C 3 HOH 45 158 337 HOH HOH A . 
C 3 HOH 46 159 338 HOH HOH A . 
C 3 HOH 47 160 341 HOH HOH A . 
C 3 HOH 48 161 343 HOH HOH A . 
C 3 HOH 49 162 344 HOH HOH A . 
C 3 HOH 50 163 346 HOH HOH A . 
C 3 HOH 51 164 348 HOH HOH A . 
C 3 HOH 52 165 349 HOH HOH A . 
C 3 HOH 53 166 350 HOH HOH A . 
C 3 HOH 54 167 351 HOH HOH A . 
C 3 HOH 55 168 352 HOH HOH A . 
C 3 HOH 56 169 353 HOH HOH A . 
C 3 HOH 57 170 354 HOH HOH A . 
C 3 HOH 58 171 356 HOH HOH A . 
C 3 HOH 59 172 357 HOH HOH A . 
C 3 HOH 60 173 358 HOH HOH A . 
C 3 HOH 61 174 359 HOH HOH A . 
# 
loop_
_pdbx_unobs_or_zero_occ_atoms.id 
_pdbx_unobs_or_zero_occ_atoms.PDB_model_num 
_pdbx_unobs_or_zero_occ_atoms.polymer_flag 
_pdbx_unobs_or_zero_occ_atoms.occupancy_flag 
_pdbx_unobs_or_zero_occ_atoms.auth_asym_id 
_pdbx_unobs_or_zero_occ_atoms.auth_comp_id 
_pdbx_unobs_or_zero_occ_atoms.auth_seq_id 
_pdbx_unobs_or_zero_occ_atoms.PDB_ins_code 
_pdbx_unobs_or_zero_occ_atoms.auth_atom_id 
_pdbx_unobs_or_zero_occ_atoms.label_alt_id 
_pdbx_unobs_or_zero_occ_atoms.label_asym_id 
_pdbx_unobs_or_zero_occ_atoms.label_comp_id 
_pdbx_unobs_or_zero_occ_atoms.label_seq_id 
_pdbx_unobs_or_zero_occ_atoms.label_atom_id 
1  1 Y 1 A GLU 3 ? CB  ? A GLU 4 CB  
2  1 Y 1 A GLU 3 ? CG  ? A GLU 4 CG  
3  1 Y 1 A GLU 3 ? CD  ? A GLU 4 CD  
4  1 Y 1 A GLU 3 ? OE1 ? A GLU 4 OE1 
5  1 Y 1 A GLU 3 ? OE2 ? A GLU 4 OE2 
6  1 Y 1 A GLU 4 ? CG  ? A GLU 5 CG  
7  1 Y 1 A GLU 4 ? CD  ? A GLU 5 CD  
8  1 Y 1 A GLU 4 ? OE1 ? A GLU 5 OE1 
9  1 Y 1 A GLU 4 ? OE2 ? A GLU 5 OE2 
10 1 Y 1 A TYR 6 ? OH  ? A TYR 7 OH  
# 
loop_
_software.name 
_software.classification 
_software.version 
_software.citation_id 
_software.pdbx_ordinal 
X-PLOR 'model building' 3.1 ? 1 
X-PLOR refinement       3.1 ? 2 
XDS    'data reduction' .   ? 3 
XDS    'data scaling'   .   ? 4 
X-PLOR phasing          3.1 ? 5 
# 
_cell.entry_id           1BKM 
_cell.length_a           30.200 
_cell.length_b           46.900 
_cell.length_c           74.520 
_cell.angle_alpha        90.00 
_cell.angle_beta         90.00 
_cell.angle_gamma        90.00 
_cell.Z_PDB              4 
_cell.pdbx_unique_axis   ? 
# 
_symmetry.entry_id                         1BKM 
_symmetry.space_group_name_H-M             'P 21 21 21' 
_symmetry.pdbx_full_space_group_name_H-M   ? 
_symmetry.cell_setting                     ? 
_symmetry.Int_Tables_number                19 
# 
_exptl.entry_id          1BKM 
_exptl.method            'X-RAY DIFFRACTION' 
_exptl.crystals_number   1 
# 
_exptl_crystal.id                    1 
_exptl_crystal.density_meas          ? 
_exptl_crystal.density_Matthews      2.0 
_exptl_crystal.density_percent_sol   40.22 
_exptl_crystal.description           'WAKSMAN AND KURIYAN SRC SH2 STRUCTURE' 
# 
_exptl_crystal_grow.crystal_id      1 
_exptl_crystal_grow.method          'VAPOR DIFFUSION, SITTING DROP' 
_exptl_crystal_grow.temp            ? 
_exptl_crystal_grow.temp_details    ? 
_exptl_crystal_grow.pH              8.0 
_exptl_crystal_grow.pdbx_pH_range   ? 
_exptl_crystal_grow.pdbx_details    
;5% PEG 6K, 0.1M TRIS, PH 8, SITTING DROP EXPERIMENT, PROTEIN 50 MG/ML, INHIBITOR 4 MG/ML, 4:4:2 RATIO (WELL:PROT:INHIB), pH 8.0, vapor diffusion - sitting drop
;
# 
_diffrn.id                     1 
_diffrn.ambient_temp           293 
_diffrn.ambient_temp_details   ? 
_diffrn.crystal_id             1 
# 
_diffrn_detector.diffrn_id              1 
_diffrn_detector.detector               'IMAGE PLATE' 
_diffrn_detector.type                   MARRESEARCH 
_diffrn_detector.pdbx_collection_date   1994-07 
_diffrn_detector.details                ? 
# 
_diffrn_radiation.diffrn_id                        1 
_diffrn_radiation.wavelength_id                    1 
_diffrn_radiation.pdbx_monochromatic_or_laue_m_l   M 
_diffrn_radiation.monochromator                    'CU FILTER' 
_diffrn_radiation.pdbx_diffrn_protocol             ? 
_diffrn_radiation.pdbx_scattering_type             x-ray 
# 
_diffrn_radiation_wavelength.id           1 
_diffrn_radiation_wavelength.wavelength   1.5418 
_diffrn_radiation_wavelength.wt           1.0 
# 
_diffrn_source.diffrn_id                   1 
_diffrn_source.source                      'ROTATING ANODE' 
_diffrn_source.type                        RIGAKU 
_diffrn_source.pdbx_synchrotron_site       ? 
_diffrn_source.pdbx_synchrotron_beamline   ? 
_diffrn_source.pdbx_wavelength             1.5418 
_diffrn_source.pdbx_wavelength_list        ? 
# 
_reflns.entry_id                     1BKM 
_reflns.observed_criterion_sigma_I   2. 
_reflns.observed_criterion_sigma_F   ? 
_reflns.d_resolution_low             25. 
_reflns.d_resolution_high            2.0 
_reflns.number_obs                   6768 
_reflns.number_all                   ? 
_reflns.percent_possible_obs         88.7 
_reflns.pdbx_Rmerge_I_obs            0.0760000 
_reflns.pdbx_Rsym_value              ? 
_reflns.pdbx_netI_over_sigmaI        14.4 
_reflns.B_iso_Wilson_estimate        21.5 
_reflns.pdbx_redundancy              3. 
_reflns.pdbx_diffrn_id               1 
_reflns.pdbx_ordinal                 1 
# 
_reflns_shell.d_res_high             2.0 
_reflns_shell.d_res_low              2.12 
_reflns_shell.percent_possible_all   71.9 
_reflns_shell.Rmerge_I_obs           0.3170000 
_reflns_shell.pdbx_Rsym_value        ? 
_reflns_shell.meanI_over_sigI_obs    5. 
_reflns_shell.pdbx_redundancy        2. 
_reflns_shell.pdbx_diffrn_id         ? 
_reflns_shell.pdbx_ordinal           1 
# 
_refine.entry_id                                 1BKM 
_refine.ls_number_reflns_obs                     5528 
_refine.ls_number_reflns_all                     ? 
_refine.pdbx_ls_sigma_I                          ? 
_refine.pdbx_ls_sigma_F                          2. 
_refine.pdbx_data_cutoff_high_absF               ? 
_refine.pdbx_data_cutoff_low_absF                ? 
_refine.pdbx_data_cutoff_high_rms_absF           ? 
_refine.ls_d_res_low                             8. 
_refine.ls_d_res_high                            2.0 
_refine.ls_percent_reflns_obs                    ? 
_refine.ls_R_factor_obs                          0.2000000 
_refine.ls_R_factor_all                          ? 
_refine.ls_R_factor_R_work                       0.2000000 
_refine.ls_R_factor_R_free                       0.2750000 
_refine.ls_R_factor_R_free_error                 ? 
_refine.ls_R_factor_R_free_error_details         ? 
_refine.ls_percent_reflns_R_free                 10. 
_refine.ls_number_reflns_R_free                  546 
_refine.ls_number_parameters                     ? 
_refine.ls_number_restraints                     ? 
_refine.occupancy_min                            ? 
_refine.occupancy_max                            ? 
_refine.B_iso_mean                               20.6 
_refine.aniso_B[1][1]                            ? 
_refine.aniso_B[2][2]                            ? 
_refine.aniso_B[3][3]                            ? 
_refine.aniso_B[1][2]                            ? 
_refine.aniso_B[1][3]                            ? 
_refine.aniso_B[2][3]                            ? 
_refine.solvent_model_details                    ? 
_refine.solvent_model_param_ksol                 ? 
_refine.solvent_model_param_bsol                 ? 
_refine.pdbx_ls_cross_valid_method               R-FREE 
_refine.details                                  ? 
_refine.pdbx_starting_model                      'PROTEIN MODEL FROM 1SPS' 
_refine.pdbx_method_to_determine_struct          'MOLECULAR REPLACEMENT' 
_refine.pdbx_isotropic_thermal_model             ? 
_refine.pdbx_stereochemistry_target_values       ? 
_refine.pdbx_stereochem_target_val_spec_case     ? 
_refine.pdbx_R_Free_selection_details            RANDOM 
_refine.pdbx_overall_ESU_R                       ? 
_refine.pdbx_overall_ESU_R_Free                  ? 
_refine.overall_SU_ML                            ? 
_refine.overall_SU_B                             ? 
_refine.pdbx_refine_id                           'X-RAY DIFFRACTION' 
_refine.pdbx_diffrn_id                           1 
_refine.pdbx_TLS_residual_ADP_flag               ? 
_refine.correlation_coeff_Fo_to_Fc               ? 
_refine.correlation_coeff_Fo_to_Fc_free          ? 
_refine.pdbx_solvent_vdw_probe_radii             ? 
_refine.pdbx_solvent_ion_probe_radii             ? 
_refine.pdbx_solvent_shrinkage_radii             ? 
_refine.pdbx_overall_phase_error                 ? 
_refine.overall_SU_R_Cruickshank_DPI             ? 
_refine.pdbx_overall_SU_R_free_Cruickshank_DPI   ? 
_refine.pdbx_overall_SU_R_Blow_DPI               ? 
_refine.pdbx_overall_SU_R_free_Blow_DPI          ? 
# 
_refine_hist.pdbx_refine_id                   'X-RAY DIFFRACTION' 
_refine_hist.cycle_id                         LAST 
_refine_hist.pdbx_number_atoms_protein        813 
_refine_hist.pdbx_number_atoms_nucleic_acid   0 
_refine_hist.pdbx_number_atoms_ligand         0 
_refine_hist.number_atoms_solvent             61 
_refine_hist.number_atoms_total               874 
_refine_hist.d_res_high                       2.0 
_refine_hist.d_res_low                        8. 
# 
loop_
_refine_ls_restr.type 
_refine_ls_restr.dev_ideal 
_refine_ls_restr.dev_ideal_target 
_refine_ls_restr.weight 
_refine_ls_restr.number 
_refine_ls_restr.pdbx_refine_id 
_refine_ls_restr.pdbx_restraint_function 
x_bond_d                0.015 ? ? ? 'X-RAY DIFFRACTION' ? 
x_bond_d_na             ?     ? ? ? 'X-RAY DIFFRACTION' ? 
x_bond_d_prot           ?     ? ? ? 'X-RAY DIFFRACTION' ? 
x_angle_d               ?     ? ? ? 'X-RAY DIFFRACTION' ? 
x_angle_d_na            ?     ? ? ? 'X-RAY DIFFRACTION' ? 
x_angle_d_prot          ?     ? ? ? 'X-RAY DIFFRACTION' ? 
x_angle_deg             3.1   ? ? ? 'X-RAY DIFFRACTION' ? 
x_angle_deg_na          ?     ? ? ? 'X-RAY DIFFRACTION' ? 
x_angle_deg_prot        ?     ? ? ? 'X-RAY DIFFRACTION' ? 
x_dihedral_angle_d      29.2  ? ? ? 'X-RAY DIFFRACTION' ? 
x_dihedral_angle_d_na   ?     ? ? ? 'X-RAY DIFFRACTION' ? 
x_dihedral_angle_d_prot ?     ? ? ? 'X-RAY DIFFRACTION' ? 
x_improper_angle_d      2.7   ? ? ? 'X-RAY DIFFRACTION' ? 
x_improper_angle_d_na   ?     ? ? ? 'X-RAY DIFFRACTION' ? 
x_improper_angle_d_prot ?     ? ? ? 'X-RAY DIFFRACTION' ? 
x_mcbond_it             ?     ? ? ? 'X-RAY DIFFRACTION' ? 
x_mcangle_it            ?     ? ? ? 'X-RAY DIFFRACTION' ? 
x_scbond_it             ?     ? ? ? 'X-RAY DIFFRACTION' ? 
x_scangle_it            ?     ? ? ? 'X-RAY DIFFRACTION' ? 
# 
_refine_ls_shell.pdbx_total_number_of_bins_used   8 
_refine_ls_shell.d_res_high                       2.00 
_refine_ls_shell.d_res_low                        2.1 
_refine_ls_shell.number_reflns_R_work             387 
_refine_ls_shell.R_factor_R_work                  0.2400000 
_refine_ls_shell.percent_reflns_obs               50. 
_refine_ls_shell.R_factor_R_free                  0.3300000 
_refine_ls_shell.R_factor_R_free_error            ? 
_refine_ls_shell.percent_reflns_R_free            10. 
_refine_ls_shell.number_reflns_R_free             37 
_refine_ls_shell.pdbx_refine_id                   'X-RAY DIFFRACTION' 
_refine_ls_shell.number_reflns_all                ? 
_refine_ls_shell.R_factor_all                     ? 
# 
_struct.entry_id                  1BKM 
_struct.title                     'COCRYSTAL STRUCTURE OF D-AMINO ACID SUBSTITUTED PHOSPHOPEPTIDE COMPLEX' 
_struct.pdbx_model_details        ? 
_struct.pdbx_CASP_flag            ? 
_struct.pdbx_model_type_details   ? 
# 
_struct_keywords.entry_id        1BKM 
_struct_keywords.pdbx_keywords   'TRANSFORMING PROTEIN' 
_struct_keywords.text            
'V-SRC SH2 DOMAIN, PHOSPHOTYROSINE RECOGNITION DOMAIN, PP60 SRC SH2 DOMAIN, TRIPEPTIDE, D-AMINO ACID, TRANSFORMING PROTEIN' 
# 
loop_
_struct_asym.id 
_struct_asym.pdbx_blank_PDB_chainid_flag 
_struct_asym.pdbx_modified 
_struct_asym.entity_id 
_struct_asym.details 
A N N 1 ? 
B N N 2 ? 
C N N 3 ? 
# 
_struct_ref.id                         1 
_struct_ref.db_name                    UNP 
_struct_ref.db_code                    SRC_RSVSA 
_struct_ref.entity_id                  1 
_struct_ref.pdbx_db_accession          P00524 
_struct_ref.pdbx_align_begin           1 
_struct_ref.pdbx_seq_one_letter_code   
;MGSSKSKPKDPSQRRRSLEPPDSTHHGGFPASQTPNKTAAPDTHRTPSRSFGTVATEPKLFGGFNTSDTVTSPQRAGALA
GGVTTFVALYDYESRTETDLSFKKGERLQIVNNTEGDWWLAHSLTTGQTGYIPSNYVAPSDSIQAEEWYFGKITRRESER
LLLNPENPRGTFLVRESETTKGAYCLSVSDFDNAKGLNVKHYKIRKLDSGGFYITSRTQFSSLQQLVAYYSKHADGLCHR
LTNVCPTSKPQTQGLAKDAWEIPRESLRLEVKLGQGCFGEVWMGTWNGTTRVAIKTLKPGTMSPEAFLQEAQVMKKLRHE
KLVQLYAVVSEEPIYIVTEYMSKGSLLDFLKGEMGKYLRLPQLVDMAAQIASGMAYVERMNYVHRDLRAANILVGENLVC
KVADFGLARLIEDNEYTARQGAKFPIKWTAPEAALYGRFTIKSDVWSFGILLTELTTKGRVPYPGMVNREVLDQVERGYR
MPCPPECPESLHDLMCQCWRKDPEERPTFEYLQAFLEDYFTSTEPPVPAWREPIGLELLLAPEASLWGTGAWLRAEGPRF
GEQPQSRMWHGEVSGAPSLIKTVLGHP
;
_struct_ref.pdbx_db_isoform            ? 
# 
_struct_ref_seq.align_id                      1 
_struct_ref_seq.ref_id                        1 
_struct_ref_seq.pdbx_PDB_id_code              1BKM 
_struct_ref_seq.pdbx_strand_id                A 
_struct_ref_seq.seq_align_beg                 3 
_struct_ref_seq.pdbx_seq_align_beg_ins_code   ? 
_struct_ref_seq.seq_align_end                 107 
_struct_ref_seq.pdbx_seq_align_end_ins_code   ? 
_struct_ref_seq.pdbx_db_accession             P00524 
_struct_ref_seq.db_align_beg                  145 
_struct_ref_seq.pdbx_db_align_beg_ins_code    ? 
_struct_ref_seq.db_align_end                  249 
_struct_ref_seq.pdbx_db_align_end_ins_code    ? 
_struct_ref_seq.pdbx_auth_seq_align_beg       2 
_struct_ref_seq.pdbx_auth_seq_align_end       106 
# 
_struct_ref_seq_dif.align_id                     1 
_struct_ref_seq_dif.pdbx_pdb_id_code             1BKM 
_struct_ref_seq_dif.mon_id                       ALA 
_struct_ref_seq_dif.pdbx_pdb_strand_id           A 
_struct_ref_seq_dif.seq_num                      18 
_struct_ref_seq_dif.pdbx_pdb_ins_code            ? 
_struct_ref_seq_dif.pdbx_seq_db_name             UNP 
_struct_ref_seq_dif.pdbx_seq_db_accession_code   P00524 
_struct_ref_seq_dif.db_mon_id                    ARG 
_struct_ref_seq_dif.pdbx_seq_db_seq_num          160 
_struct_ref_seq_dif.details                      conflict 
_struct_ref_seq_dif.pdbx_auth_seq_num            17 
_struct_ref_seq_dif.pdbx_ordinal                 1 
# 
_pdbx_struct_assembly.id                   1 
_pdbx_struct_assembly.details              author_defined_assembly 
_pdbx_struct_assembly.method_details       ? 
_pdbx_struct_assembly.oligomeric_details   monomeric 
_pdbx_struct_assembly.oligomeric_count     1 
# 
_pdbx_struct_assembly_gen.assembly_id       1 
_pdbx_struct_assembly_gen.oper_expression   1 
_pdbx_struct_assembly_gen.asym_id_list      A,B,C 
# 
_pdbx_struct_oper_list.id                   1 
_pdbx_struct_oper_list.type                 'identity operation' 
_pdbx_struct_oper_list.name                 1_555 
_pdbx_struct_oper_list.symmetry_operation   x,y,z 
_pdbx_struct_oper_list.matrix[1][1]         1.0000000000 
_pdbx_struct_oper_list.matrix[1][2]         0.0000000000 
_pdbx_struct_oper_list.matrix[1][3]         0.0000000000 
_pdbx_struct_oper_list.vector[1]            0.0000000000 
_pdbx_struct_oper_list.matrix[2][1]         0.0000000000 
_pdbx_struct_oper_list.matrix[2][2]         1.0000000000 
_pdbx_struct_oper_list.matrix[2][3]         0.0000000000 
_pdbx_struct_oper_list.vector[2]            0.0000000000 
_pdbx_struct_oper_list.matrix[3][1]         0.0000000000 
_pdbx_struct_oper_list.matrix[3][2]         0.0000000000 
_pdbx_struct_oper_list.matrix[3][3]         1.0000000000 
_pdbx_struct_oper_list.vector[3]            0.0000000000 
# 
_struct_biol.id   1 
# 
loop_
_struct_conf.conf_type_id 
_struct_conf.id 
_struct_conf.pdbx_PDB_helix_id 
_struct_conf.beg_label_comp_id 
_struct_conf.beg_label_asym_id 
_struct_conf.beg_label_seq_id 
_struct_conf.pdbx_beg_PDB_ins_code 
_struct_conf.end_label_comp_id 
_struct_conf.end_label_asym_id 
_struct_conf.end_label_seq_id 
_struct_conf.pdbx_end_PDB_ins_code 
_struct_conf.beg_auth_comp_id 
_struct_conf.beg_auth_asym_id 
_struct_conf.beg_auth_seq_id 
_struct_conf.end_auth_comp_id 
_struct_conf.end_auth_asym_id 
_struct_conf.end_auth_seq_id 
_struct_conf.pdbx_PDB_helix_class 
_struct_conf.details 
_struct_conf.pdbx_PDB_helix_length 
HELX_P HELX_P1 1 ARG A 13 ? LEU A 20 ? ARG A 12 LEU A 19 1 ? 8  
HELX_P HELX_P2 2 LEU A 81 ? LYS A 90 ? LEU A 80 LYS A 89 1 ? 10 
# 
_struct_conf_type.id          HELX_P 
_struct_conf_type.criteria    ? 
_struct_conf_type.reference   ? 
# 
_struct_mon_prot_cis.pdbx_id                1 
_struct_mon_prot_cis.label_comp_id          GLU 
_struct_mon_prot_cis.label_seq_id           5 
_struct_mon_prot_cis.label_asym_id          A 
_struct_mon_prot_cis.label_alt_id           . 
_struct_mon_prot_cis.pdbx_PDB_ins_code      ? 
_struct_mon_prot_cis.auth_comp_id           GLU 
_struct_mon_prot_cis.auth_seq_id            4 
_struct_mon_prot_cis.auth_asym_id           A 
_struct_mon_prot_cis.pdbx_label_comp_id_2   TRP 
_struct_mon_prot_cis.pdbx_label_seq_id_2    6 
_struct_mon_prot_cis.pdbx_label_asym_id_2   A 
_struct_mon_prot_cis.pdbx_PDB_ins_code_2    ? 
_struct_mon_prot_cis.pdbx_auth_comp_id_2    TRP 
_struct_mon_prot_cis.pdbx_auth_seq_id_2     5 
_struct_mon_prot_cis.pdbx_auth_asym_id_2    A 
_struct_mon_prot_cis.pdbx_PDB_model_num     1 
_struct_mon_prot_cis.pdbx_omega_angle       4.90 
# 
_struct_sheet.id               A 
_struct_sheet.type             ? 
_struct_sheet.number_strands   3 
_struct_sheet.details          ? 
# 
loop_
_struct_sheet_order.sheet_id 
_struct_sheet_order.range_id_1 
_struct_sheet_order.range_id_2 
_struct_sheet_order.offset 
_struct_sheet_order.sense 
A 1 2 ? anti-parallel 
A 2 3 ? anti-parallel 
# 
loop_
_struct_sheet_range.sheet_id 
_struct_sheet_range.id 
_struct_sheet_range.beg_label_comp_id 
_struct_sheet_range.beg_label_asym_id 
_struct_sheet_range.beg_label_seq_id 
_struct_sheet_range.pdbx_beg_PDB_ins_code 
_struct_sheet_range.end_label_comp_id 
_struct_sheet_range.end_label_asym_id 
_struct_sheet_range.end_label_seq_id 
_struct_sheet_range.pdbx_end_PDB_ins_code 
_struct_sheet_range.beg_auth_comp_id 
_struct_sheet_range.beg_auth_asym_id 
_struct_sheet_range.beg_auth_seq_id 
_struct_sheet_range.end_auth_comp_id 
_struct_sheet_range.end_auth_asym_id 
_struct_sheet_range.end_auth_seq_id 
A 1 PHE A 30 ? GLU A 34 ? PHE A 29 GLU A 33 
A 2 TYR A 42 ? ASP A 50 ? TYR A 41 ASP A 49 
A 3 GLY A 54 ? ILE A 62 ? GLY A 53 ILE A 61 
# 
loop_
_pdbx_struct_sheet_hbond.sheet_id 
_pdbx_struct_sheet_hbond.range_id_1 
_pdbx_struct_sheet_hbond.range_id_2 
_pdbx_struct_sheet_hbond.range_1_label_atom_id 
_pdbx_struct_sheet_hbond.range_1_label_comp_id 
_pdbx_struct_sheet_hbond.range_1_label_asym_id 
_pdbx_struct_sheet_hbond.range_1_label_seq_id 
_pdbx_struct_sheet_hbond.range_1_PDB_ins_code 
_pdbx_struct_sheet_hbond.range_1_auth_atom_id 
_pdbx_struct_sheet_hbond.range_1_auth_comp_id 
_pdbx_struct_sheet_hbond.range_1_auth_asym_id 
_pdbx_struct_sheet_hbond.range_1_auth_seq_id 
_pdbx_struct_sheet_hbond.range_2_label_atom_id 
_pdbx_struct_sheet_hbond.range_2_label_comp_id 
_pdbx_struct_sheet_hbond.range_2_label_asym_id 
_pdbx_struct_sheet_hbond.range_2_label_seq_id 
_pdbx_struct_sheet_hbond.range_2_PDB_ins_code 
_pdbx_struct_sheet_hbond.range_2_auth_atom_id 
_pdbx_struct_sheet_hbond.range_2_auth_comp_id 
_pdbx_struct_sheet_hbond.range_2_auth_asym_id 
_pdbx_struct_sheet_hbond.range_2_auth_seq_id 
A 1 2 O LEU A 31 ? O LEU A 30 N SER A 45 ? N SER A 44 
A 2 3 O TYR A 42 ? O TYR A 41 N ILE A 62 ? N ILE A 61 
# 
_struct_site.id                   AC1 
_struct_site.pdbx_evidence_code   Software 
_struct_site.pdbx_auth_asym_id    A 
_struct_site.pdbx_auth_comp_id    1C5 
_struct_site.pdbx_auth_seq_id     113 
_struct_site.pdbx_auth_ins_code   ? 
_struct_site.pdbx_num_residues    16 
_struct_site.details              'BINDING SITE FOR RESIDUE 1C5 A 113' 
# 
loop_
_struct_site_gen.id 
_struct_site_gen.site_id 
_struct_site_gen.pdbx_num_res 
_struct_site_gen.label_comp_id 
_struct_site_gen.label_asym_id 
_struct_site_gen.label_seq_id 
_struct_site_gen.pdbx_auth_ins_code 
_struct_site_gen.auth_comp_id 
_struct_site_gen.auth_asym_id 
_struct_site_gen.auth_seq_id 
_struct_site_gen.label_atom_id 
_struct_site_gen.label_alt_id 
_struct_site_gen.symmetry 
_struct_site_gen.details 
1  AC1 16 ARG A 13 ? ARG A 12  . ? 1_555 ? 
2  AC1 16 ARG A 33 ? ARG A 32  . ? 1_555 ? 
3  AC1 16 SER A 35 ? SER A 34  . ? 1_555 ? 
4  AC1 16 GLU A 36 ? GLU A 35  . ? 1_555 ? 
5  AC1 16 THR A 37 ? THR A 36  . ? 1_555 ? 
6  AC1 16 CYS A 43 ? CYS A 42  . ? 1_555 ? 
7  AC1 16 HIS A 59 ? HIS A 58  . ? 1_555 ? 
8  AC1 16 TYR A 60 ? TYR A 59  . ? 1_555 ? 
9  AC1 16 LYS A 61 ? LYS A 60  . ? 1_555 ? 
10 AC1 16 THR A 73 ? THR A 72  . ? 1_555 ? 
11 AC1 16 LYS A 90 ? LYS A 89  . ? 1_655 ? 
12 AC1 16 GLY A 94 ? GLY A 93  . ? 1_555 ? 
13 AC1 16 HOH C .  ? HOH A 117 . ? 1_555 ? 
14 AC1 16 HOH C .  ? HOH A 118 . ? 1_555 ? 
15 AC1 16 HOH C .  ? HOH A 119 . ? 1_555 ? 
16 AC1 16 HOH C .  ? HOH A 127 . ? 1_555 ? 
# 
loop_
_pdbx_validate_close_contact.id 
_pdbx_validate_close_contact.PDB_model_num 
_pdbx_validate_close_contact.auth_atom_id_1 
_pdbx_validate_close_contact.auth_asym_id_1 
_pdbx_validate_close_contact.auth_comp_id_1 
_pdbx_validate_close_contact.auth_seq_id_1 
_pdbx_validate_close_contact.PDB_ins_code_1 
_pdbx_validate_close_contact.label_alt_id_1 
_pdbx_validate_close_contact.auth_atom_id_2 
_pdbx_validate_close_contact.auth_asym_id_2 
_pdbx_validate_close_contact.auth_comp_id_2 
_pdbx_validate_close_contact.auth_seq_id_2 
_pdbx_validate_close_contact.PDB_ins_code_2 
_pdbx_validate_close_contact.label_alt_id_2 
_pdbx_validate_close_contact.dist 
1  1 CZ   A ARG 13 ? ? H1  A HOH 140 ? ? 0.80 
2  1 HG1  A THR 11 ? ? H   A GLU 14  ? ? 1.03 
3  1 OG1  A THR 11 ? ? H   A GLU 14  ? ? 1.16 
4  1 NH2  A ARG 13 ? ? H1  A HOH 140 ? ? 1.18 
5  1 HE   A ARG 13 ? ? H2  A HOH 140 ? ? 1.27 
6  1 HH21 A ARG 13 ? ? O   A HOH 140 ? ? 1.34 
7  1 NE   A ARG 13 ? ? H1  A HOH 140 ? ? 1.39 
8  1 O    A ARG 12 ? ? HG  A SER 15  ? ? 1.41 
9  1 HH21 A ARG 13 ? ? OE1 A GLU 14  ? ? 1.46 
10 1 NH2  A ARG 13 ? ? OE1 A GLU 14  ? ? 1.49 
11 1 HE   A ARG 13 ? ? O   A HOH 140 ? ? 1.55 
12 1 NH2  A ARG 13 ? ? O   A HOH 140 ? ? 1.63 
13 1 CZ   A ARG 13 ? ? O   A HOH 140 ? ? 1.69 
14 1 NE   A ARG 13 ? ? O   A HOH 140 ? ? 1.75 
15 1 OG1  A THR 11 ? ? N   A GLU 14  ? ? 2.04 
# 
loop_
_pdbx_validate_rmsd_angle.id 
_pdbx_validate_rmsd_angle.PDB_model_num 
_pdbx_validate_rmsd_angle.auth_atom_id_1 
_pdbx_validate_rmsd_angle.auth_asym_id_1 
_pdbx_validate_rmsd_angle.auth_comp_id_1 
_pdbx_validate_rmsd_angle.auth_seq_id_1 
_pdbx_validate_rmsd_angle.PDB_ins_code_1 
_pdbx_validate_rmsd_angle.label_alt_id_1 
_pdbx_validate_rmsd_angle.auth_atom_id_2 
_pdbx_validate_rmsd_angle.auth_asym_id_2 
_pdbx_validate_rmsd_angle.auth_comp_id_2 
_pdbx_validate_rmsd_angle.auth_seq_id_2 
_pdbx_validate_rmsd_angle.PDB_ins_code_2 
_pdbx_validate_rmsd_angle.label_alt_id_2 
_pdbx_validate_rmsd_angle.auth_atom_id_3 
_pdbx_validate_rmsd_angle.auth_asym_id_3 
_pdbx_validate_rmsd_angle.auth_comp_id_3 
_pdbx_validate_rmsd_angle.auth_seq_id_3 
_pdbx_validate_rmsd_angle.PDB_ins_code_3 
_pdbx_validate_rmsd_angle.label_alt_id_3 
_pdbx_validate_rmsd_angle.angle_value 
_pdbx_validate_rmsd_angle.angle_target_value 
_pdbx_validate_rmsd_angle.angle_deviation 
_pdbx_validate_rmsd_angle.angle_standard_deviation 
_pdbx_validate_rmsd_angle.linker_flag 
1  1 CB A THR 11 ? ? CA A THR 11 ? ? C   A THR 11 ? ? 92.60  111.60 -19.00 2.70 N 
2  1 CA A THR 11 ? ? CB A THR 11 ? ? OG1 A THR 11 ? ? 124.80 109.00 15.80  2.10 N 
3  1 CA A THR 11 ? ? CB A THR 11 ? ? CG2 A THR 11 ? ? 92.65  112.40 -19.75 1.40 N 
4  1 NE A ARG 12 ? ? CZ A ARG 12 ? ? NH2 A ARG 12 ? ? 116.59 120.30 -3.71  0.50 N 
5  1 NE A ARG 13 ? ? CZ A ARG 13 ? ? NH1 A ARG 13 ? ? 104.74 120.30 -15.56 0.50 N 
6  1 NE A ARG 13 ? ? CZ A ARG 13 ? ? NH2 A ARG 13 ? ? 133.77 120.30 13.47  0.50 N 
7  1 CA A GLU 14 ? ? CB A GLU 14 ? ? CG  A GLU 14 ? ? 129.45 113.40 16.05  2.20 N 
8  1 CG A GLU 14 ? ? CD A GLU 14 ? ? OE1 A GLU 14 ? ? 131.56 118.30 13.26  2.00 N 
9  1 CG A GLU 14 ? ? CD A GLU 14 ? ? OE2 A GLU 14 ? ? 103.52 118.30 -14.78 2.00 N 
10 1 CA A LEU 30 ? ? CB A LEU 30 ? ? CG  A LEU 30 ? ? 129.64 115.30 14.34  2.30 N 
11 1 NE A ARG 32 ? ? CZ A ARG 32 ? ? NH1 A ARG 32 ? ? 123.64 120.30 3.34   0.50 N 
12 1 CB A TYR 87 ? ? CG A TYR 87 ? ? CD1 A TYR 87 ? ? 117.37 121.00 -3.63  0.60 N 
# 
loop_
_pdbx_validate_torsion.id 
_pdbx_validate_torsion.PDB_model_num 
_pdbx_validate_torsion.auth_comp_id 
_pdbx_validate_torsion.auth_asym_id 
_pdbx_validate_torsion.auth_seq_id 
_pdbx_validate_torsion.PDB_ins_code 
_pdbx_validate_torsion.label_alt_id 
_pdbx_validate_torsion.phi 
_pdbx_validate_torsion.psi 
1 1 LYS A 9  ? ? -90.49  39.12   
2 1 THR A 99 ? ? -120.80 -103.88 
# 
loop_
_pdbx_validate_planes.id 
_pdbx_validate_planes.PDB_model_num 
_pdbx_validate_planes.auth_comp_id 
_pdbx_validate_planes.auth_asym_id 
_pdbx_validate_planes.auth_seq_id 
_pdbx_validate_planes.PDB_ins_code 
_pdbx_validate_planes.label_alt_id 
_pdbx_validate_planes.rmsd 
_pdbx_validate_planes.type 
1 1 TYR A 41 ? ? 0.079 'SIDE CHAIN' 
2 1 TYR A 70 ? ? 0.073 'SIDE CHAIN' 
3 1 ARG A 97 ? ? 0.088 'SIDE CHAIN' 
# 
_pdbx_entry_details.entry_id                 1BKM 
_pdbx_entry_details.compound_details         ? 
_pdbx_entry_details.source_details           ? 
_pdbx_entry_details.nonpolymer_details       ? 
_pdbx_entry_details.sequence_details         
;G-S ARE NOT NATURAL SEQUENCE - BYPRODUCT OF CLONING
E-F-I-V-T-D NOT NATURAL SEQUENCE - BYPRODUCT OF CLONING
;
_pdbx_entry_details.has_ligand_of_interest   ? 
# 
loop_
_pdbx_unobs_or_zero_occ_residues.id 
_pdbx_unobs_or_zero_occ_residues.PDB_model_num 
_pdbx_unobs_or_zero_occ_residues.polymer_flag 
_pdbx_unobs_or_zero_occ_residues.occupancy_flag 
_pdbx_unobs_or_zero_occ_residues.auth_asym_id 
_pdbx_unobs_or_zero_occ_residues.auth_comp_id 
_pdbx_unobs_or_zero_occ_residues.auth_seq_id 
_pdbx_unobs_or_zero_occ_residues.PDB_ins_code 
_pdbx_unobs_or_zero_occ_residues.label_asym_id 
_pdbx_unobs_or_zero_occ_residues.label_comp_id 
_pdbx_unobs_or_zero_occ_residues.label_seq_id 
1  1 Y 1 A GLY 0   ? A GLY 1   
2  1 Y 1 A SER 1   ? A SER 2   
3  1 Y 1 A ALA 2   ? A ALA 3   
4  1 Y 1 A SER 105 ? A SER 106 
5  1 Y 1 A LYS 106 ? A LYS 107 
6  1 Y 1 A GLU 107 ? A GLU 108 
7  1 Y 1 A PHE 108 ? A PHE 109 
8  1 Y 1 A ILE 109 ? A ILE 110 
9  1 Y 1 A VAL 110 ? A VAL 111 
10 1 Y 1 A THR 111 ? A THR 112 
11 1 Y 1 A ASP 112 ? A ASP 113 
# 
loop_
_chem_comp_atom.comp_id 
_chem_comp_atom.atom_id 
_chem_comp_atom.type_symbol 
_chem_comp_atom.pdbx_aromatic_flag 
_chem_comp_atom.pdbx_stereo_config 
_chem_comp_atom.pdbx_ordinal 
1C5 C1   C N N 1   
1C5 C2   C N N 2   
1C5 C3   C N N 3   
1C5 C4   C N N 4   
1C5 C5   C N N 5   
1C5 C6   C N N 6   
1C5 C7   C N N 7   
1C5 C8   C N N 8   
1C5 C9   C N R 9   
1C5 C10  C N N 10  
1C5 C11  C N N 11  
1C5 C12  C N S 12  
1C5 C13  C N N 13  
1C5 C14  C N N 14  
1C5 C15  C N N 15  
1C5 C16  C N N 16  
1C5 C17  C N S 17  
1C5 C18  C N N 18  
1C5 C19  C Y N 19  
1C5 C20  C Y N 20  
1C5 C21  C Y N 21  
1C5 C22  C Y N 22  
1C5 C23  C Y N 23  
1C5 C24  C Y N 24  
1C5 C25  C N N 25  
1C5 C26  C N N 26  
1C5 N1   N N N 27  
1C5 N2   N N N 28  
1C5 N3   N N N 29  
1C5 N4   N N N 30  
1C5 O1   O N N 31  
1C5 O2   O N N 32  
1C5 O3   O N N 33  
1C5 O4   O N N 34  
1C5 O5   O N N 35  
1C5 O6   O N N 36  
1C5 O4P  O N N 37  
1C5 O1P  O N N 38  
1C5 O2P  O N N 39  
1C5 O3P  O N N 40  
1C5 P    P N N 41  
1C5 H11  H N N 42  
1C5 H12A H N N 43  
1C5 H21A H N N 44  
1C5 H22  H N N 45  
1C5 H31  H N N 46  
1C5 H32  H N N 47  
1C5 H4   H N N 48  
1C5 H51  H N N 49  
1C5 H52  H N N 50  
1C5 H61  H N N 51  
1C5 H62  H N N 52  
1C5 H71  H N N 53  
1C5 H72  H N N 54  
1C5 H81  H N N 55  
1C5 H82  H N N 56  
1C5 H9   H N N 57  
1C5 H12  H N N 58  
1C5 H131 H N N 59  
1C5 H132 H N N 60  
1C5 H141 H N N 61  
1C5 H142 H N N 62  
1C5 H17  H N N 63  
1C5 H181 H N N 64  
1C5 H182 H N N 65  
1C5 H20  H N N 66  
1C5 H21  H N N 67  
1C5 H23  H N N 68  
1C5 H24  H N N 69  
1C5 H261 H N N 70  
1C5 H262 H N N 71  
1C5 H263 H N N 72  
1C5 HN11 H N N 73  
1C5 HN12 H N N 74  
1C5 HN2  H N N 75  
1C5 HN3  H N N 76  
1C5 HN4  H N N 77  
1C5 HO4  H N N 78  
1C5 HOP2 H N N 79  
1C5 HOP3 H N N 80  
ALA N    N N N 81  
ALA CA   C N S 82  
ALA C    C N N 83  
ALA O    O N N 84  
ALA CB   C N N 85  
ALA OXT  O N N 86  
ALA H    H N N 87  
ALA H2   H N N 88  
ALA HA   H N N 89  
ALA HB1  H N N 90  
ALA HB2  H N N 91  
ALA HB3  H N N 92  
ALA HXT  H N N 93  
ARG N    N N N 94  
ARG CA   C N S 95  
ARG C    C N N 96  
ARG O    O N N 97  
ARG CB   C N N 98  
ARG CG   C N N 99  
ARG CD   C N N 100 
ARG NE   N N N 101 
ARG CZ   C N N 102 
ARG NH1  N N N 103 
ARG NH2  N N N 104 
ARG OXT  O N N 105 
ARG H    H N N 106 
ARG H2   H N N 107 
ARG HA   H N N 108 
ARG HB2  H N N 109 
ARG HB3  H N N 110 
ARG HG2  H N N 111 
ARG HG3  H N N 112 
ARG HD2  H N N 113 
ARG HD3  H N N 114 
ARG HE   H N N 115 
ARG HH11 H N N 116 
ARG HH12 H N N 117 
ARG HH21 H N N 118 
ARG HH22 H N N 119 
ARG HXT  H N N 120 
ASN N    N N N 121 
ASN CA   C N S 122 
ASN C    C N N 123 
ASN O    O N N 124 
ASN CB   C N N 125 
ASN CG   C N N 126 
ASN OD1  O N N 127 
ASN ND2  N N N 128 
ASN OXT  O N N 129 
ASN H    H N N 130 
ASN H2   H N N 131 
ASN HA   H N N 132 
ASN HB2  H N N 133 
ASN HB3  H N N 134 
ASN HD21 H N N 135 
ASN HD22 H N N 136 
ASN HXT  H N N 137 
ASP N    N N N 138 
ASP CA   C N S 139 
ASP C    C N N 140 
ASP O    O N N 141 
ASP CB   C N N 142 
ASP CG   C N N 143 
ASP OD1  O N N 144 
ASP OD2  O N N 145 
ASP OXT  O N N 146 
ASP H    H N N 147 
ASP H2   H N N 148 
ASP HA   H N N 149 
ASP HB2  H N N 150 
ASP HB3  H N N 151 
ASP HD2  H N N 152 
ASP HXT  H N N 153 
CYS N    N N N 154 
CYS CA   C N R 155 
CYS C    C N N 156 
CYS O    O N N 157 
CYS CB   C N N 158 
CYS SG   S N N 159 
CYS OXT  O N N 160 
CYS H    H N N 161 
CYS H2   H N N 162 
CYS HA   H N N 163 
CYS HB2  H N N 164 
CYS HB3  H N N 165 
CYS HG   H N N 166 
CYS HXT  H N N 167 
GLN N    N N N 168 
GLN CA   C N S 169 
GLN C    C N N 170 
GLN O    O N N 171 
GLN CB   C N N 172 
GLN CG   C N N 173 
GLN CD   C N N 174 
GLN OE1  O N N 175 
GLN NE2  N N N 176 
GLN OXT  O N N 177 
GLN H    H N N 178 
GLN H2   H N N 179 
GLN HA   H N N 180 
GLN HB2  H N N 181 
GLN HB3  H N N 182 
GLN HG2  H N N 183 
GLN HG3  H N N 184 
GLN HE21 H N N 185 
GLN HE22 H N N 186 
GLN HXT  H N N 187 
GLU N    N N N 188 
GLU CA   C N S 189 
GLU C    C N N 190 
GLU O    O N N 191 
GLU CB   C N N 192 
GLU CG   C N N 193 
GLU CD   C N N 194 
GLU OE1  O N N 195 
GLU OE2  O N N 196 
GLU OXT  O N N 197 
GLU H    H N N 198 
GLU H2   H N N 199 
GLU HA   H N N 200 
GLU HB2  H N N 201 
GLU HB3  H N N 202 
GLU HG2  H N N 203 
GLU HG3  H N N 204 
GLU HE2  H N N 205 
GLU HXT  H N N 206 
GLY N    N N N 207 
GLY CA   C N N 208 
GLY C    C N N 209 
GLY O    O N N 210 
GLY OXT  O N N 211 
GLY H    H N N 212 
GLY H2   H N N 213 
GLY HA2  H N N 214 
GLY HA3  H N N 215 
GLY HXT  H N N 216 
HIS N    N N N 217 
HIS CA   C N S 218 
HIS C    C N N 219 
HIS O    O N N 220 
HIS CB   C N N 221 
HIS CG   C Y N 222 
HIS ND1  N Y N 223 
HIS CD2  C Y N 224 
HIS CE1  C Y N 225 
HIS NE2  N Y N 226 
HIS OXT  O N N 227 
HIS H    H N N 228 
HIS H2   H N N 229 
HIS HA   H N N 230 
HIS HB2  H N N 231 
HIS HB3  H N N 232 
HIS HD1  H N N 233 
HIS HD2  H N N 234 
HIS HE1  H N N 235 
HIS HE2  H N N 236 
HIS HXT  H N N 237 
HOH O    O N N 238 
HOH H1   H N N 239 
HOH H2   H N N 240 
ILE N    N N N 241 
ILE CA   C N S 242 
ILE C    C N N 243 
ILE O    O N N 244 
ILE CB   C N S 245 
ILE CG1  C N N 246 
ILE CG2  C N N 247 
ILE CD1  C N N 248 
ILE OXT  O N N 249 
ILE H    H N N 250 
ILE H2   H N N 251 
ILE HA   H N N 252 
ILE HB   H N N 253 
ILE HG12 H N N 254 
ILE HG13 H N N 255 
ILE HG21 H N N 256 
ILE HG22 H N N 257 
ILE HG23 H N N 258 
ILE HD11 H N N 259 
ILE HD12 H N N 260 
ILE HD13 H N N 261 
ILE HXT  H N N 262 
LEU N    N N N 263 
LEU CA   C N S 264 
LEU C    C N N 265 
LEU O    O N N 266 
LEU CB   C N N 267 
LEU CG   C N N 268 
LEU CD1  C N N 269 
LEU CD2  C N N 270 
LEU OXT  O N N 271 
LEU H    H N N 272 
LEU H2   H N N 273 
LEU HA   H N N 274 
LEU HB2  H N N 275 
LEU HB3  H N N 276 
LEU HG   H N N 277 
LEU HD11 H N N 278 
LEU HD12 H N N 279 
LEU HD13 H N N 280 
LEU HD21 H N N 281 
LEU HD22 H N N 282 
LEU HD23 H N N 283 
LEU HXT  H N N 284 
LYS N    N N N 285 
LYS CA   C N S 286 
LYS C    C N N 287 
LYS O    O N N 288 
LYS CB   C N N 289 
LYS CG   C N N 290 
LYS CD   C N N 291 
LYS CE   C N N 292 
LYS NZ   N N N 293 
LYS OXT  O N N 294 
LYS H    H N N 295 
LYS H2   H N N 296 
LYS HA   H N N 297 
LYS HB2  H N N 298 
LYS HB3  H N N 299 
LYS HG2  H N N 300 
LYS HG3  H N N 301 
LYS HD2  H N N 302 
LYS HD3  H N N 303 
LYS HE2  H N N 304 
LYS HE3  H N N 305 
LYS HZ1  H N N 306 
LYS HZ2  H N N 307 
LYS HZ3  H N N 308 
LYS HXT  H N N 309 
PHE N    N N N 310 
PHE CA   C N S 311 
PHE C    C N N 312 
PHE O    O N N 313 
PHE CB   C N N 314 
PHE CG   C Y N 315 
PHE CD1  C Y N 316 
PHE CD2  C Y N 317 
PHE CE1  C Y N 318 
PHE CE2  C Y N 319 
PHE CZ   C Y N 320 
PHE OXT  O N N 321 
PHE H    H N N 322 
PHE H2   H N N 323 
PHE HA   H N N 324 
PHE HB2  H N N 325 
PHE HB3  H N N 326 
PHE HD1  H N N 327 
PHE HD2  H N N 328 
PHE HE1  H N N 329 
PHE HE2  H N N 330 
PHE HZ   H N N 331 
PHE HXT  H N N 332 
PRO N    N N N 333 
PRO CA   C N S 334 
PRO C    C N N 335 
PRO O    O N N 336 
PRO CB   C N N 337 
PRO CG   C N N 338 
PRO CD   C N N 339 
PRO OXT  O N N 340 
PRO H    H N N 341 
PRO HA   H N N 342 
PRO HB2  H N N 343 
PRO HB3  H N N 344 
PRO HG2  H N N 345 
PRO HG3  H N N 346 
PRO HD2  H N N 347 
PRO HD3  H N N 348 
PRO HXT  H N N 349 
SER N    N N N 350 
SER CA   C N S 351 
SER C    C N N 352 
SER O    O N N 353 
SER CB   C N N 354 
SER OG   O N N 355 
SER OXT  O N N 356 
SER H    H N N 357 
SER H2   H N N 358 
SER HA   H N N 359 
SER HB2  H N N 360 
SER HB3  H N N 361 
SER HG   H N N 362 
SER HXT  H N N 363 
THR N    N N N 364 
THR CA   C N S 365 
THR C    C N N 366 
THR O    O N N 367 
THR CB   C N R 368 
THR OG1  O N N 369 
THR CG2  C N N 370 
THR OXT  O N N 371 
THR H    H N N 372 
THR H2   H N N 373 
THR HA   H N N 374 
THR HB   H N N 375 
THR HG1  H N N 376 
THR HG21 H N N 377 
THR HG22 H N N 378 
THR HG23 H N N 379 
THR HXT  H N N 380 
TRP N    N N N 381 
TRP CA   C N S 382 
TRP C    C N N 383 
TRP O    O N N 384 
TRP CB   C N N 385 
TRP CG   C Y N 386 
TRP CD1  C Y N 387 
TRP CD2  C Y N 388 
TRP NE1  N Y N 389 
TRP CE2  C Y N 390 
TRP CE3  C Y N 391 
TRP CZ2  C Y N 392 
TRP CZ3  C Y N 393 
TRP CH2  C Y N 394 
TRP OXT  O N N 395 
TRP H    H N N 396 
TRP H2   H N N 397 
TRP HA   H N N 398 
TRP HB2  H N N 399 
TRP HB3  H N N 400 
TRP HD1  H N N 401 
TRP HE1  H N N 402 
TRP HE3  H N N 403 
TRP HZ2  H N N 404 
TRP HZ3  H N N 405 
TRP HH2  H N N 406 
TRP HXT  H N N 407 
TYR N    N N N 408 
TYR CA   C N S 409 
TYR C    C N N 410 
TYR O    O N N 411 
TYR CB   C N N 412 
TYR CG   C Y N 413 
TYR CD1  C Y N 414 
TYR CD2  C Y N 415 
TYR CE1  C Y N 416 
TYR CE2  C Y N 417 
TYR CZ   C Y N 418 
TYR OH   O N N 419 
TYR OXT  O N N 420 
TYR H    H N N 421 
TYR H2   H N N 422 
TYR HA   H N N 423 
TYR HB2  H N N 424 
TYR HB3  H N N 425 
TYR HD1  H N N 426 
TYR HD2  H N N 427 
TYR HE1  H N N 428 
TYR HE2  H N N 429 
TYR HH   H N N 430 
TYR HXT  H N N 431 
VAL N    N N N 432 
VAL CA   C N S 433 
VAL C    C N N 434 
VAL O    O N N 435 
VAL CB   C N N 436 
VAL CG1  C N N 437 
VAL CG2  C N N 438 
VAL OXT  O N N 439 
VAL H    H N N 440 
VAL H2   H N N 441 
VAL HA   H N N 442 
VAL HB   H N N 443 
VAL HG11 H N N 444 
VAL HG12 H N N 445 
VAL HG13 H N N 446 
VAL HG21 H N N 447 
VAL HG22 H N N 448 
VAL HG23 H N N 449 
VAL HXT  H N N 450 
# 
loop_
_chem_comp_bond.comp_id 
_chem_comp_bond.atom_id_1 
_chem_comp_bond.atom_id_2 
_chem_comp_bond.value_order 
_chem_comp_bond.pdbx_aromatic_flag 
_chem_comp_bond.pdbx_stereo_config 
_chem_comp_bond.pdbx_ordinal 
1C5 C1  C2   sing N N 1   
1C5 C1  C6   sing N N 2   
1C5 C1  H11  sing N N 3   
1C5 C1  H12A sing N N 4   
1C5 C2  C3   sing N N 5   
1C5 C2  H21A sing N N 6   
1C5 C2  H22  sing N N 7   
1C5 C3  C4   sing N N 8   
1C5 C3  H31  sing N N 9   
1C5 C3  H32  sing N N 10  
1C5 C4  C5   sing N N 11  
1C5 C4  C7   sing N N 12  
1C5 C4  H4   sing N N 13  
1C5 C5  C6   sing N N 14  
1C5 C5  H51  sing N N 15  
1C5 C5  H52  sing N N 16  
1C5 C6  H61  sing N N 17  
1C5 C6  H62  sing N N 18  
1C5 C7  C8   sing N N 19  
1C5 C7  H71  sing N N 20  
1C5 C7  H72  sing N N 21  
1C5 C8  C9   sing N N 22  
1C5 C8  H81  sing N N 23  
1C5 C8  H82  sing N N 24  
1C5 C9  C10  sing N N 25  
1C5 C9  N2   sing N N 26  
1C5 C9  H9   sing N N 27  
1C5 C10 N1   sing N N 28  
1C5 C10 O1   doub N N 29  
1C5 C11 C12  sing N N 30  
1C5 C11 N2   sing N N 31  
1C5 C11 O2   doub N N 32  
1C5 C12 C13  sing N N 33  
1C5 C12 N3   sing N N 34  
1C5 C12 H12  sing N N 35  
1C5 C13 C14  sing N N 36  
1C5 C13 H131 sing N N 37  
1C5 C13 H132 sing N N 38  
1C5 C14 C15  sing N N 39  
1C5 C14 H141 sing N N 40  
1C5 C14 H142 sing N N 41  
1C5 C15 O3   doub N N 42  
1C5 C15 O4   sing N N 43  
1C5 C16 C17  sing N N 44  
1C5 C16 N3   sing N N 45  
1C5 C16 O5   doub N N 46  
1C5 C17 C18  sing N N 47  
1C5 C17 N4   sing N N 48  
1C5 C17 H17  sing N N 49  
1C5 C18 C19  sing N N 50  
1C5 C18 H181 sing N N 51  
1C5 C18 H182 sing N N 52  
1C5 C19 C20  doub Y N 53  
1C5 C19 C24  sing Y N 54  
1C5 C20 C21  sing Y N 55  
1C5 C20 H20  sing N N 56  
1C5 C21 C22  doub Y N 57  
1C5 C21 H21  sing N N 58  
1C5 C22 C23  sing Y N 59  
1C5 C22 O4P  sing N N 60  
1C5 C23 C24  doub Y N 61  
1C5 C23 H23  sing N N 62  
1C5 C24 H24  sing N N 63  
1C5 C25 C26  sing N N 64  
1C5 C25 N4   sing N N 65  
1C5 C25 O6   doub N N 66  
1C5 C26 H261 sing N N 67  
1C5 C26 H262 sing N N 68  
1C5 C26 H263 sing N N 69  
1C5 N1  HN11 sing N N 70  
1C5 N1  HN12 sing N N 71  
1C5 N2  HN2  sing N N 72  
1C5 N3  HN3  sing N N 73  
1C5 N4  HN4  sing N N 74  
1C5 O4  HO4  sing N N 75  
1C5 O4P P    sing N N 76  
1C5 O1P P    doub N N 77  
1C5 O2P P    sing N N 78  
1C5 O2P HOP2 sing N N 79  
1C5 O3P P    sing N N 80  
1C5 O3P HOP3 sing N N 81  
ALA N   CA   sing N N 82  
ALA N   H    sing N N 83  
ALA N   H2   sing N N 84  
ALA CA  C    sing N N 85  
ALA CA  CB   sing N N 86  
ALA CA  HA   sing N N 87  
ALA C   O    doub N N 88  
ALA C   OXT  sing N N 89  
ALA CB  HB1  sing N N 90  
ALA CB  HB2  sing N N 91  
ALA CB  HB3  sing N N 92  
ALA OXT HXT  sing N N 93  
ARG N   CA   sing N N 94  
ARG N   H    sing N N 95  
ARG N   H2   sing N N 96  
ARG CA  C    sing N N 97  
ARG CA  CB   sing N N 98  
ARG CA  HA   sing N N 99  
ARG C   O    doub N N 100 
ARG C   OXT  sing N N 101 
ARG CB  CG   sing N N 102 
ARG CB  HB2  sing N N 103 
ARG CB  HB3  sing N N 104 
ARG CG  CD   sing N N 105 
ARG CG  HG2  sing N N 106 
ARG CG  HG3  sing N N 107 
ARG CD  NE   sing N N 108 
ARG CD  HD2  sing N N 109 
ARG CD  HD3  sing N N 110 
ARG NE  CZ   sing N N 111 
ARG NE  HE   sing N N 112 
ARG CZ  NH1  sing N N 113 
ARG CZ  NH2  doub N N 114 
ARG NH1 HH11 sing N N 115 
ARG NH1 HH12 sing N N 116 
ARG NH2 HH21 sing N N 117 
ARG NH2 HH22 sing N N 118 
ARG OXT HXT  sing N N 119 
ASN N   CA   sing N N 120 
ASN N   H    sing N N 121 
ASN N   H2   sing N N 122 
ASN CA  C    sing N N 123 
ASN CA  CB   sing N N 124 
ASN CA  HA   sing N N 125 
ASN C   O    doub N N 126 
ASN C   OXT  sing N N 127 
ASN CB  CG   sing N N 128 
ASN CB  HB2  sing N N 129 
ASN CB  HB3  sing N N 130 
ASN CG  OD1  doub N N 131 
ASN CG  ND2  sing N N 132 
ASN ND2 HD21 sing N N 133 
ASN ND2 HD22 sing N N 134 
ASN OXT HXT  sing N N 135 
ASP N   CA   sing N N 136 
ASP N   H    sing N N 137 
ASP N   H2   sing N N 138 
ASP CA  C    sing N N 139 
ASP CA  CB   sing N N 140 
ASP CA  HA   sing N N 141 
ASP C   O    doub N N 142 
ASP C   OXT  sing N N 143 
ASP CB  CG   sing N N 144 
ASP CB  HB2  sing N N 145 
ASP CB  HB3  sing N N 146 
ASP CG  OD1  doub N N 147 
ASP CG  OD2  sing N N 148 
ASP OD2 HD2  sing N N 149 
ASP OXT HXT  sing N N 150 
CYS N   CA   sing N N 151 
CYS N   H    sing N N 152 
CYS N   H2   sing N N 153 
CYS CA  C    sing N N 154 
CYS CA  CB   sing N N 155 
CYS CA  HA   sing N N 156 
CYS C   O    doub N N 157 
CYS C   OXT  sing N N 158 
CYS CB  SG   sing N N 159 
CYS CB  HB2  sing N N 160 
CYS CB  HB3  sing N N 161 
CYS SG  HG   sing N N 162 
CYS OXT HXT  sing N N 163 
GLN N   CA   sing N N 164 
GLN N   H    sing N N 165 
GLN N   H2   sing N N 166 
GLN CA  C    sing N N 167 
GLN CA  CB   sing N N 168 
GLN CA  HA   sing N N 169 
GLN C   O    doub N N 170 
GLN C   OXT  sing N N 171 
GLN CB  CG   sing N N 172 
GLN CB  HB2  sing N N 173 
GLN CB  HB3  sing N N 174 
GLN CG  CD   sing N N 175 
GLN CG  HG2  sing N N 176 
GLN CG  HG3  sing N N 177 
GLN CD  OE1  doub N N 178 
GLN CD  NE2  sing N N 179 
GLN NE2 HE21 sing N N 180 
GLN NE2 HE22 sing N N 181 
GLN OXT HXT  sing N N 182 
GLU N   CA   sing N N 183 
GLU N   H    sing N N 184 
GLU N   H2   sing N N 185 
GLU CA  C    sing N N 186 
GLU CA  CB   sing N N 187 
GLU CA  HA   sing N N 188 
GLU C   O    doub N N 189 
GLU C   OXT  sing N N 190 
GLU CB  CG   sing N N 191 
GLU CB  HB2  sing N N 192 
GLU CB  HB3  sing N N 193 
GLU CG  CD   sing N N 194 
GLU CG  HG2  sing N N 195 
GLU CG  HG3  sing N N 196 
GLU CD  OE1  doub N N 197 
GLU CD  OE2  sing N N 198 
GLU OE2 HE2  sing N N 199 
GLU OXT HXT  sing N N 200 
GLY N   CA   sing N N 201 
GLY N   H    sing N N 202 
GLY N   H2   sing N N 203 
GLY CA  C    sing N N 204 
GLY CA  HA2  sing N N 205 
GLY CA  HA3  sing N N 206 
GLY C   O    doub N N 207 
GLY C   OXT  sing N N 208 
GLY OXT HXT  sing N N 209 
HIS N   CA   sing N N 210 
HIS N   H    sing N N 211 
HIS N   H2   sing N N 212 
HIS CA  C    sing N N 213 
HIS CA  CB   sing N N 214 
HIS CA  HA   sing N N 215 
HIS C   O    doub N N 216 
HIS C   OXT  sing N N 217 
HIS CB  CG   sing N N 218 
HIS CB  HB2  sing N N 219 
HIS CB  HB3  sing N N 220 
HIS CG  ND1  sing Y N 221 
HIS CG  CD2  doub Y N 222 
HIS ND1 CE1  doub Y N 223 
HIS ND1 HD1  sing N N 224 
HIS CD2 NE2  sing Y N 225 
HIS CD2 HD2  sing N N 226 
HIS CE1 NE2  sing Y N 227 
HIS CE1 HE1  sing N N 228 
HIS NE2 HE2  sing N N 229 
HIS OXT HXT  sing N N 230 
HOH O   H1   sing N N 231 
HOH O   H2   sing N N 232 
ILE N   CA   sing N N 233 
ILE N   H    sing N N 234 
ILE N   H2   sing N N 235 
ILE CA  C    sing N N 236 
ILE CA  CB   sing N N 237 
ILE CA  HA   sing N N 238 
ILE C   O    doub N N 239 
ILE C   OXT  sing N N 240 
ILE CB  CG1  sing N N 241 
ILE CB  CG2  sing N N 242 
ILE CB  HB   sing N N 243 
ILE CG1 CD1  sing N N 244 
ILE CG1 HG12 sing N N 245 
ILE CG1 HG13 sing N N 246 
ILE CG2 HG21 sing N N 247 
ILE CG2 HG22 sing N N 248 
ILE CG2 HG23 sing N N 249 
ILE CD1 HD11 sing N N 250 
ILE CD1 HD12 sing N N 251 
ILE CD1 HD13 sing N N 252 
ILE OXT HXT  sing N N 253 
LEU N   CA   sing N N 254 
LEU N   H    sing N N 255 
LEU N   H2   sing N N 256 
LEU CA  C    sing N N 257 
LEU CA  CB   sing N N 258 
LEU CA  HA   sing N N 259 
LEU C   O    doub N N 260 
LEU C   OXT  sing N N 261 
LEU CB  CG   sing N N 262 
LEU CB  HB2  sing N N 263 
LEU CB  HB3  sing N N 264 
LEU CG  CD1  sing N N 265 
LEU CG  CD2  sing N N 266 
LEU CG  HG   sing N N 267 
LEU CD1 HD11 sing N N 268 
LEU CD1 HD12 sing N N 269 
LEU CD1 HD13 sing N N 270 
LEU CD2 HD21 sing N N 271 
LEU CD2 HD22 sing N N 272 
LEU CD2 HD23 sing N N 273 
LEU OXT HXT  sing N N 274 
LYS N   CA   sing N N 275 
LYS N   H    sing N N 276 
LYS N   H2   sing N N 277 
LYS CA  C    sing N N 278 
LYS CA  CB   sing N N 279 
LYS CA  HA   sing N N 280 
LYS C   O    doub N N 281 
LYS C   OXT  sing N N 282 
LYS CB  CG   sing N N 283 
LYS CB  HB2  sing N N 284 
LYS CB  HB3  sing N N 285 
LYS CG  CD   sing N N 286 
LYS CG  HG2  sing N N 287 
LYS CG  HG3  sing N N 288 
LYS CD  CE   sing N N 289 
LYS CD  HD2  sing N N 290 
LYS CD  HD3  sing N N 291 
LYS CE  NZ   sing N N 292 
LYS CE  HE2  sing N N 293 
LYS CE  HE3  sing N N 294 
LYS NZ  HZ1  sing N N 295 
LYS NZ  HZ2  sing N N 296 
LYS NZ  HZ3  sing N N 297 
LYS OXT HXT  sing N N 298 
PHE N   CA   sing N N 299 
PHE N   H    sing N N 300 
PHE N   H2   sing N N 301 
PHE CA  C    sing N N 302 
PHE CA  CB   sing N N 303 
PHE CA  HA   sing N N 304 
PHE C   O    doub N N 305 
PHE C   OXT  sing N N 306 
PHE CB  CG   sing N N 307 
PHE CB  HB2  sing N N 308 
PHE CB  HB3  sing N N 309 
PHE CG  CD1  doub Y N 310 
PHE CG  CD2  sing Y N 311 
PHE CD1 CE1  sing Y N 312 
PHE CD1 HD1  sing N N 313 
PHE CD2 CE2  doub Y N 314 
PHE CD2 HD2  sing N N 315 
PHE CE1 CZ   doub Y N 316 
PHE CE1 HE1  sing N N 317 
PHE CE2 CZ   sing Y N 318 
PHE CE2 HE2  sing N N 319 
PHE CZ  HZ   sing N N 320 
PHE OXT HXT  sing N N 321 
PRO N   CA   sing N N 322 
PRO N   CD   sing N N 323 
PRO N   H    sing N N 324 
PRO CA  C    sing N N 325 
PRO CA  CB   sing N N 326 
PRO CA  HA   sing N N 327 
PRO C   O    doub N N 328 
PRO C   OXT  sing N N 329 
PRO CB  CG   sing N N 330 
PRO CB  HB2  sing N N 331 
PRO CB  HB3  sing N N 332 
PRO CG  CD   sing N N 333 
PRO CG  HG2  sing N N 334 
PRO CG  HG3  sing N N 335 
PRO CD  HD2  sing N N 336 
PRO CD  HD3  sing N N 337 
PRO OXT HXT  sing N N 338 
SER N   CA   sing N N 339 
SER N   H    sing N N 340 
SER N   H2   sing N N 341 
SER CA  C    sing N N 342 
SER CA  CB   sing N N 343 
SER CA  HA   sing N N 344 
SER C   O    doub N N 345 
SER C   OXT  sing N N 346 
SER CB  OG   sing N N 347 
SER CB  HB2  sing N N 348 
SER CB  HB3  sing N N 349 
SER OG  HG   sing N N 350 
SER OXT HXT  sing N N 351 
THR N   CA   sing N N 352 
THR N   H    sing N N 353 
THR N   H2   sing N N 354 
THR CA  C    sing N N 355 
THR CA  CB   sing N N 356 
THR CA  HA   sing N N 357 
THR C   O    doub N N 358 
THR C   OXT  sing N N 359 
THR CB  OG1  sing N N 360 
THR CB  CG2  sing N N 361 
THR CB  HB   sing N N 362 
THR OG1 HG1  sing N N 363 
THR CG2 HG21 sing N N 364 
THR CG2 HG22 sing N N 365 
THR CG2 HG23 sing N N 366 
THR OXT HXT  sing N N 367 
TRP N   CA   sing N N 368 
TRP N   H    sing N N 369 
TRP N   H2   sing N N 370 
TRP CA  C    sing N N 371 
TRP CA  CB   sing N N 372 
TRP CA  HA   sing N N 373 
TRP C   O    doub N N 374 
TRP C   OXT  sing N N 375 
TRP CB  CG   sing N N 376 
TRP CB  HB2  sing N N 377 
TRP CB  HB3  sing N N 378 
TRP CG  CD1  doub Y N 379 
TRP CG  CD2  sing Y N 380 
TRP CD1 NE1  sing Y N 381 
TRP CD1 HD1  sing N N 382 
TRP CD2 CE2  doub Y N 383 
TRP CD2 CE3  sing Y N 384 
TRP NE1 CE2  sing Y N 385 
TRP NE1 HE1  sing N N 386 
TRP CE2 CZ2  sing Y N 387 
TRP CE3 CZ3  doub Y N 388 
TRP CE3 HE3  sing N N 389 
TRP CZ2 CH2  doub Y N 390 
TRP CZ2 HZ2  sing N N 391 
TRP CZ3 CH2  sing Y N 392 
TRP CZ3 HZ3  sing N N 393 
TRP CH2 HH2  sing N N 394 
TRP OXT HXT  sing N N 395 
TYR N   CA   sing N N 396 
TYR N   H    sing N N 397 
TYR N   H2   sing N N 398 
TYR CA  C    sing N N 399 
TYR CA  CB   sing N N 400 
TYR CA  HA   sing N N 401 
TYR C   O    doub N N 402 
TYR C   OXT  sing N N 403 
TYR CB  CG   sing N N 404 
TYR CB  HB2  sing N N 405 
TYR CB  HB3  sing N N 406 
TYR CG  CD1  doub Y N 407 
TYR CG  CD2  sing Y N 408 
TYR CD1 CE1  sing Y N 409 
TYR CD1 HD1  sing N N 410 
TYR CD2 CE2  doub Y N 411 
TYR CD2 HD2  sing N N 412 
TYR CE1 CZ   doub Y N 413 
TYR CE1 HE1  sing N N 414 
TYR CE2 CZ   sing Y N 415 
TYR CE2 HE2  sing N N 416 
TYR CZ  OH   sing N N 417 
TYR OH  HH   sing N N 418 
TYR OXT HXT  sing N N 419 
VAL N   CA   sing N N 420 
VAL N   H    sing N N 421 
VAL N   H2   sing N N 422 
VAL CA  C    sing N N 423 
VAL CA  CB   sing N N 424 
VAL CA  HA   sing N N 425 
VAL C   O    doub N N 426 
VAL C   OXT  sing N N 427 
VAL CB  CG1  sing N N 428 
VAL CB  CG2  sing N N 429 
VAL CB  HB   sing N N 430 
VAL CG1 HG11 sing N N 431 
VAL CG1 HG12 sing N N 432 
VAL CG1 HG13 sing N N 433 
VAL CG2 HG21 sing N N 434 
VAL CG2 HG22 sing N N 435 
VAL CG2 HG23 sing N N 436 
VAL OXT HXT  sing N N 437 
# 
_pdbx_initial_refinement_model.id               1 
_pdbx_initial_refinement_model.entity_id_list   ? 
_pdbx_initial_refinement_model.type             'experimental model' 
_pdbx_initial_refinement_model.source_name      PDB 
_pdbx_initial_refinement_model.accession_code   1SPS 
_pdbx_initial_refinement_model.details          'PROTEIN MODEL FROM 1SPS' 
# 
_atom_sites.entry_id                    1BKM 
_atom_sites.fract_transf_matrix[1][1]   -0.01642977 
_atom_sites.fract_transf_matrix[1][2]   0.02766829 
_atom_sites.fract_transf_matrix[1][3]   0.00781020 
_atom_sites.fract_transf_matrix[2][1]   -0.00362570 
_atom_sites.fract_transf_matrix[2][2]   -0.00767433 
_atom_sites.fract_transf_matrix[2][3]   0.01955982 
_atom_sites.fract_transf_matrix[3][1]   0.01142506 
_atom_sites.fract_transf_matrix[3][2]   0.00556967 
_atom_sites.fract_transf_matrix[3][3]   0.00430307 
_atom_sites.fract_transf_vector[1]      0.068825 
_atom_sites.fract_transf_vector[2]      0.166845 
_atom_sites.fract_transf_vector[3]      0.179720 
# 
loop_
_atom_type.symbol 
C 
H 
N 
O 
P 
S 
# 
loop_
_atom_site.group_PDB 
_atom_site.id 
_atom_site.type_symbol 
_atom_site.label_atom_id 
_atom_site.label_alt_id 
_atom_site.label_comp_id 
_atom_site.label_asym_id 
_atom_site.label_entity_id 
_atom_site.label_seq_id 
_atom_site.pdbx_PDB_ins_code 
_atom_site.Cartn_x 
_atom_site.Cartn_y 
_atom_site.Cartn_z 
_atom_site.occupancy 
_atom_site.B_iso_or_equiv 
_atom_site.pdbx_formal_charge 
_atom_site.auth_seq_id 
_atom_site.auth_comp_id 
_atom_site.auth_asym_id 
_atom_site.auth_atom_id 
_atom_site.pdbx_PDB_model_num 
ATOM   1    N N    . GLU A 1 4   ? -4.105  2.090   -13.102 1.00 35.56 ? 3   GLU A N    1 
ATOM   2    C CA   . GLU A 1 4   ? -3.583  0.764   -13.506 1.00 35.07 ? 3   GLU A CA   1 
ATOM   3    C C    . GLU A 1 4   ? -2.266  0.521   -12.771 1.00 35.42 ? 3   GLU A C    1 
ATOM   4    O O    . GLU A 1 4   ? -1.579  1.514   -12.570 1.00 38.67 ? 3   GLU A O    1 
ATOM   5    N N    . GLU A 1 5   ? -2.035  -0.750  -12.332 1.00 33.91 ? 4   GLU A N    1 
ATOM   6    C CA   . GLU A 1 5   ? -1.203  -1.165  -11.171 1.00 28.18 ? 4   GLU A CA   1 
ATOM   7    C C    . GLU A 1 5   ? 0.170   -1.912  -11.351 1.00 24.06 ? 4   GLU A C    1 
ATOM   8    O O    . GLU A 1 5   ? 0.534   -2.479  -12.378 1.00 25.93 ? 4   GLU A O    1 
ATOM   9    C CB   . GLU A 1 5   ? -2.158  -1.997  -10.281 1.00 32.35 ? 4   GLU A CB   1 
ATOM   10   H H    . GLU A 1 5   ? -2.589  -1.461  -12.761 1.00 0.00  ? 4   GLU A H    1 
ATOM   11   N N    . TRP A 1 6   ? 0.984   -1.932  -10.299 1.00 18.64 ? 5   TRP A N    1 
ATOM   12   C CA   . TRP A 1 6   ? 0.687   -1.410  -8.952  1.00 18.50 ? 5   TRP A CA   1 
ATOM   13   C C    . TRP A 1 6   ? 0.805   0.087   -8.624  1.00 14.35 ? 5   TRP A C    1 
ATOM   14   O O    . TRP A 1 6   ? 0.157   0.566   -7.711  1.00 12.37 ? 5   TRP A O    1 
ATOM   15   C CB   . TRP A 1 6   ? 1.378   -2.291  -7.896  1.00 17.82 ? 5   TRP A CB   1 
ATOM   16   C CG   . TRP A 1 6   ? 2.842   -2.506  -8.174  1.00 18.36 ? 5   TRP A CG   1 
ATOM   17   C CD1  . TRP A 1 6   ? 3.421   -3.702  -8.635  1.00 21.38 ? 5   TRP A CD1  1 
ATOM   18   C CD2  . TRP A 1 6   ? 3.949   -1.585  -8.010  1.00 18.23 ? 5   TRP A CD2  1 
ATOM   19   N NE1  . TRP A 1 6   ? 4.777   -3.578  -8.758  1.00 21.95 ? 5   TRP A NE1  1 
ATOM   20   C CE2  . TRP A 1 6   ? 5.150   -2.290  -8.376  1.00 20.14 ? 5   TRP A CE2  1 
ATOM   21   C CE3  . TRP A 1 6   ? 4.042   -0.254  -7.577  1.00 15.75 ? 5   TRP A CE3  1 
ATOM   22   C CZ2  . TRP A 1 6   ? 6.395   -1.626  -8.336  1.00 18.72 ? 5   TRP A CZ2  1 
ATOM   23   C CZ3  . TRP A 1 6   ? 5.289   0.399   -7.536  1.00 15.26 ? 5   TRP A CZ3  1 
ATOM   24   C CH2  . TRP A 1 6   ? 6.464   -0.283  -7.912  1.00 18.86 ? 5   TRP A CH2  1 
ATOM   25   H H    . TRP A 1 6   ? 1.845   -2.372  -10.557 1.00 0.00  ? 5   TRP A H    1 
ATOM   26   H HE1  . TRP A 1 6   ? 5.411   -4.271  -9.077  1.00 0.00  ? 5   TRP A HE1  1 
ATOM   27   N N    . TYR A 1 7   ? 1.607   0.816   -9.421  1.00 13.80 ? 6   TYR A N    1 
ATOM   28   C CA   . TYR A 1 7   ? 1.642   2.270   -9.260  1.00 12.26 ? 6   TYR A CA   1 
ATOM   29   C C    . TYR A 1 7   ? 0.470   3.082   -9.887  1.00 14.25 ? 6   TYR A C    1 
ATOM   30   O O    . TYR A 1 7   ? 0.213   3.146   -11.084 1.00 12.05 ? 6   TYR A O    1 
ATOM   31   C CB   . TYR A 1 7   ? 3.022   2.787   -9.660  1.00 9.67  ? 6   TYR A CB   1 
ATOM   32   C CG   . TYR A 1 7   ? 3.285   4.215   -9.193  1.00 6.33  ? 6   TYR A CG   1 
ATOM   33   C CD1  . TYR A 1 7   ? 3.464   4.496   -7.823  1.00 8.04  ? 6   TYR A CD1  1 
ATOM   34   C CD2  . TYR A 1 7   ? 3.323   5.267   -10.143 1.00 10.72 ? 6   TYR A CD2  1 
ATOM   35   C CE1  . TYR A 1 7   ? 3.723   5.833   -7.406  1.00 12.95 ? 6   TYR A CE1  1 
ATOM   36   C CE2  . TYR A 1 7   ? 3.609   6.595   -9.721  1.00 13.33 ? 6   TYR A CE2  1 
ATOM   37   C CZ   . TYR A 1 7   ? 3.826   6.904   -8.345  1.00 12.45 ? 6   TYR A CZ   1 
ATOM   38   H H    . TYR A 1 7   ? 2.124   0.370   -10.150 1.00 0.00  ? 6   TYR A H    1 
ATOM   39   N N    . PHE A 1 8   ? -0.259  3.707   -8.955  1.00 12.50 ? 7   PHE A N    1 
ATOM   40   C CA   . PHE A 1 8   ? -1.402  4.546   -9.330  1.00 13.91 ? 7   PHE A CA   1 
ATOM   41   C C    . PHE A 1 8   ? -1.129  6.060   -9.294  1.00 13.40 ? 7   PHE A C    1 
ATOM   42   O O    . PHE A 1 8   ? -2.017  6.898   -9.378  1.00 14.73 ? 7   PHE A O    1 
ATOM   43   C CB   . PHE A 1 8   ? -2.605  4.190   -8.412  1.00 12.08 ? 7   PHE A CB   1 
ATOM   44   C CG   . PHE A 1 8   ? -3.449  3.039   -8.929  1.00 13.06 ? 7   PHE A CG   1 
ATOM   45   C CD1  . PHE A 1 8   ? -2.950  1.709   -8.983  1.00 10.59 ? 7   PHE A CD1  1 
ATOM   46   C CD2  . PHE A 1 8   ? -4.786  3.320   -9.317  1.00 14.72 ? 7   PHE A CD2  1 
ATOM   47   C CE1  . PHE A 1 8   ? -3.810  0.645   -9.344  1.00 10.01 ? 7   PHE A CE1  1 
ATOM   48   C CE2  . PHE A 1 8   ? -5.644  2.263   -9.695  1.00 12.79 ? 7   PHE A CE2  1 
ATOM   49   C CZ   . PHE A 1 8   ? -5.158  0.936   -9.670  1.00 10.78 ? 7   PHE A CZ   1 
ATOM   50   H H    . PHE A 1 8   ? -0.018  3.524   -8.004  1.00 0.00  ? 7   PHE A H    1 
ATOM   51   N N    . GLY A 1 9   ? 0.154   6.404   -9.114  1.00 13.89 ? 8   GLY A N    1 
ATOM   52   C CA   . GLY A 1 9   ? 0.484   7.843   -9.047  1.00 14.26 ? 8   GLY A CA   1 
ATOM   53   C C    . GLY A 1 9   ? -0.394  8.765   -8.190  1.00 16.26 ? 8   GLY A C    1 
ATOM   54   O O    . GLY A 1 9   ? -0.613  8.559   -7.008  1.00 14.90 ? 8   GLY A O    1 
ATOM   55   H H    . GLY A 1 9   ? 0.862   5.707   -9.177  1.00 0.00  ? 8   GLY A H    1 
ATOM   56   N N    . LYS A 1 10  ? -0.918  9.807   -8.842  1.00 17.19 ? 9   LYS A N    1 
ATOM   57   C CA   . LYS A 1 10  ? -1.521  10.875  -8.048  1.00 17.60 ? 9   LYS A CA   1 
ATOM   58   C C    . LYS A 1 10  ? -3.001  10.727  -7.752  1.00 19.96 ? 9   LYS A C    1 
ATOM   59   O O    . LYS A 1 10  ? -3.752  11.691  -7.769  1.00 23.01 ? 9   LYS A O    1 
ATOM   60   C CB   . LYS A 1 10  ? -1.310  12.238  -8.703  1.00 19.35 ? 9   LYS A CB   1 
ATOM   61   C CG   . LYS A 1 10  ? 0.153   12.644  -8.816  1.00 17.38 ? 9   LYS A CG   1 
ATOM   62   C CD   . LYS A 1 10  ? 0.281   14.006  -9.479  1.00 16.43 ? 9   LYS A CD   1 
ATOM   63   C CE   . LYS A 1 10  ? 1.745   14.430  -9.499  1.00 15.98 ? 9   LYS A CE   1 
ATOM   64   N NZ   . LYS A 1 10  ? 2.212   14.520  -8.124  1.00 13.27 ? 9   LYS A NZ   1 
ATOM   65   H H    . LYS A 1 10  ? -0.795  9.843   -9.834  1.00 0.00  ? 9   LYS A H    1 
ATOM   66   H HZ1  . LYS A 1 10  ? 1.566   14.035  -7.466  1.00 0.00  ? 9   LYS A HZ1  1 
ATOM   67   H HZ2  . LYS A 1 10  ? 3.053   13.921  -7.946  1.00 0.00  ? 9   LYS A HZ2  1 
ATOM   68   H HZ3  . LYS A 1 10  ? 2.328   15.471  -7.745  1.00 0.00  ? 9   LYS A HZ3  1 
ATOM   69   N N    . ILE A 1 11  ? -3.418  9.483   -7.478  1.00 19.00 ? 10  ILE A N    1 
ATOM   70   C CA   . ILE A 1 11  ? -4.760  9.419   -6.921  1.00 17.40 ? 10  ILE A CA   1 
ATOM   71   C C    . ILE A 1 11  ? -4.920  9.790   -5.439  1.00 16.15 ? 10  ILE A C    1 
ATOM   72   O O    . ILE A 1 11  ? -4.021  9.663   -4.620  1.00 16.30 ? 10  ILE A O    1 
ATOM   73   C CB   . ILE A 1 11  ? -5.420  8.102   -7.252  1.00 17.01 ? 10  ILE A CB   1 
ATOM   74   C CG1  . ILE A 1 11  ? -4.791  6.956   -6.484  1.00 17.58 ? 10  ILE A CG1  1 
ATOM   75   C CG2  . ILE A 1 11  ? -5.302  7.890   -8.767  1.00 21.23 ? 10  ILE A CG2  1 
ATOM   76   C CD1  . ILE A 1 11  ? -5.835  5.832   -6.538  1.00 20.77 ? 10  ILE A CD1  1 
ATOM   77   H H    . ILE A 1 11  ? -2.747  8.744   -7.467  1.00 0.00  ? 10  ILE A H    1 
ATOM   78   N N    . THR A 1 12  ? -6.133  10.295  -5.149  1.00 0.00  ? 11  THR A N    1 
ATOM   79   C CA   . THR A 1 12  ? -6.543  10.723  -3.785  1.00 0.00  ? 11  THR A CA   1 
ATOM   80   C C    . THR A 1 12  ? -6.611  9.536   -2.817  1.00 0.00  ? 11  THR A C    1 
ATOM   81   O O    . THR A 1 12  ? -7.039  8.443   -3.181  1.00 0.00  ? 11  THR A O    1 
ATOM   82   C CB   . THR A 1 12  ? -8.038  10.940  -3.731  1.00 0.00  ? 11  THR A CB   1 
ATOM   83   O OG1  . THR A 1 12  ? -9.018  9.902   -3.823  1.00 0.00  ? 11  THR A OG1  1 
ATOM   84   C CG2  . THR A 1 12  ? -8.040  11.738  -5.035  1.00 0.00  ? 11  THR A CG2  1 
ATOM   85   H H    . THR A 1 12  ? -6.741  10.424  -5.925  1.00 0.00  ? 11  THR A H    1 
ATOM   86   H HG1  . THR A 1 12  ? -8.743  8.982   -3.729  1.00 0.00  ? 11  THR A HG1  1 
ATOM   87   N N    . ARG A 1 13  ? -6.284  9.760   -1.566  1.00 10.51 ? 12  ARG A N    1 
ATOM   88   C CA   . ARG A 1 13  ? -6.795  8.839   -0.533  1.00 8.41  ? 12  ARG A CA   1 
ATOM   89   C C    . ARG A 1 13  ? -8.226  8.248   -0.699  1.00 9.94  ? 12  ARG A C    1 
ATOM   90   O O    . ARG A 1 13  ? -8.405  7.044   -0.792  1.00 8.80  ? 12  ARG A O    1 
ATOM   91   C CB   . ARG A 1 13  ? -6.661  9.534   0.814   1.00 6.02  ? 12  ARG A CB   1 
ATOM   92   C CG   . ARG A 1 13  ? -7.058  8.628   1.968   1.00 13.37 ? 12  ARG A CG   1 
ATOM   93   C CD   . ARG A 1 13  ? -6.388  9.173   3.201   1.00 12.91 ? 12  ARG A CD   1 
ATOM   94   N NE   . ARG A 1 13  ? -6.774  8.409   4.349   1.00 16.73 ? 12  ARG A NE   1 
ATOM   95   C CZ   . ARG A 1 13  ? -5.883  8.001   5.218   1.00 18.27 ? 12  ARG A CZ   1 
ATOM   96   N NH1  . ARG A 1 13  ? -4.594  8.249   5.051   1.00 10.66 ? 12  ARG A NH1  1 
ATOM   97   N NH2  . ARG A 1 13  ? -6.331  7.337   6.244   1.00 14.11 ? 12  ARG A NH2  1 
ATOM   98   H H    . ARG A 1 13  ? -5.840  10.639  -1.386  1.00 0.00  ? 12  ARG A H    1 
ATOM   99   H HE   . ARG A 1 13  ? -7.726  8.135   4.499   1.00 0.00  ? 12  ARG A HE   1 
ATOM   100  H HH11 . ARG A 1 13  ? -4.259  8.750   4.253   1.00 0.00  ? 12  ARG A HH11 1 
ATOM   101  H HH12 . ARG A 1 13  ? -3.970  7.922   5.747   1.00 0.00  ? 12  ARG A HH12 1 
ATOM   102  H HH21 . ARG A 1 13  ? -7.328  7.298   6.357   1.00 0.00  ? 12  ARG A HH21 1 
ATOM   103  H HH22 . ARG A 1 13  ? -5.734  6.856   6.881   1.00 0.00  ? 12  ARG A HH22 1 
ATOM   104  N N    . ARG A 1 14  ? -9.236  9.142   -0.812  1.00 0.00  ? 13  ARG A N    1 
ATOM   105  C CA   . ARG A 1 14  ? -10.609 8.634   -0.961  1.00 0.00  ? 13  ARG A CA   1 
ATOM   106  C C    . ARG A 1 14  ? -10.895 7.887   -2.250  1.00 0.00  ? 13  ARG A C    1 
ATOM   107  O O    . ARG A 1 14  ? -11.623 6.913   -2.326  1.00 0.00  ? 13  ARG A O    1 
ATOM   108  C CB   . ARG A 1 14  ? -11.513 9.853   -0.693  1.00 0.00  ? 13  ARG A CB   1 
ATOM   109  C CG   . ARG A 1 14  ? -13.013 9.746   -1.216  1.00 0.00  ? 13  ARG A CG   1 
ATOM   110  C CD   . ARG A 1 14  ? -13.549 10.368  -2.511  1.00 0.00  ? 13  ARG A CD   1 
ATOM   111  N NE   . ARG A 1 14  ? -13.918 9.436   -3.581  1.00 0.00  ? 13  ARG A NE   1 
ATOM   112  C CZ   . ARG A 1 14  ? -14.151 9.934   -4.809  1.00 0.00  ? 13  ARG A CZ   1 
ATOM   113  N NH1  . ARG A 1 14  ? -14.120 11.260  -4.650  1.00 0.00  ? 13  ARG A NH1  1 
ATOM   114  N NH2  . ARG A 1 14  ? -14.590 9.411   -5.940  1.00 0.00  ? 13  ARG A NH2  1 
ATOM   115  H H    . ARG A 1 14  ? -9.039  10.111  -0.660  1.00 0.00  ? 13  ARG A H    1 
ATOM   116  H HE   . ARG A 1 14  ? -13.901 8.441   -3.368  1.00 0.00  ? 13  ARG A HE   1 
ATOM   117  H HH11 . ARG A 1 14  ? -13.792 11.646  -3.816  1.00 0.00  ? 13  ARG A HH11 1 
ATOM   118  H HH12 . ARG A 1 14  ? -14.417 11.841  -5.376  1.00 0.00  ? 13  ARG A HH12 1 
ATOM   119  H HH21 . ARG A 1 14  ? -14.619 8.432   -6.053  1.00 0.00  ? 13  ARG A HH21 1 
ATOM   120  H HH22 . ARG A 1 14  ? -14.896 9.993   -6.673  1.00 0.00  ? 13  ARG A HH22 1 
ATOM   121  N N    . GLU A 1 15  ? -10.256 8.356   -3.322  1.00 0.00  ? 14  GLU A N    1 
ATOM   122  C CA   . GLU A 1 15  ? -10.430 7.532   -4.518  1.00 0.00  ? 14  GLU A CA   1 
ATOM   123  C C    . GLU A 1 15  ? -9.772  6.124   -4.452  1.00 0.00  ? 14  GLU A C    1 
ATOM   124  O O    . GLU A 1 15  ? -10.360 5.127   -4.858  1.00 0.00  ? 14  GLU A O    1 
ATOM   125  C CB   . GLU A 1 15  ? -10.213 8.392   -5.774  1.00 0.00  ? 14  GLU A CB   1 
ATOM   126  C CG   . GLU A 1 15  ? -10.972 8.379   -7.107  1.00 0.00  ? 14  GLU A CG   1 
ATOM   127  C CD   . GLU A 1 15  ? -12.470 8.421   -7.302  1.00 0.00  ? 14  GLU A CD   1 
ATOM   128  O OE1  . GLU A 1 15  ? -13.366 8.924   -6.627  1.00 0.00  ? 14  GLU A OE1  1 
ATOM   129  O OE2  . GLU A 1 15  ? -12.615 8.105   -8.474  1.00 0.00  ? 14  GLU A OE2  1 
ATOM   130  H H    . GLU A 1 15  ? -9.633  9.127   -3.226  1.00 0.00  ? 14  GLU A H    1 
ATOM   131  N N    . SER A 1 16  ? -8.566  6.082   -3.832  1.00 0.00  ? 15  SER A N    1 
ATOM   132  C CA   . SER A 1 16  ? -7.904  4.808   -3.475  1.00 0.00  ? 15  SER A CA   1 
ATOM   133  C C    . SER A 1 16  ? -8.793  3.790   -2.774  1.00 0.00  ? 15  SER A C    1 
ATOM   134  O O    . SER A 1 16  ? -8.953  2.654   -3.209  1.00 0.00  ? 15  SER A O    1 
ATOM   135  C CB   . SER A 1 16  ? -6.662  5.114   -2.617  1.00 0.00  ? 15  SER A CB   1 
ATOM   136  O OG   . SER A 1 16  ? -6.714  5.504   -1.238  1.00 0.00  ? 15  SER A OG   1 
ATOM   137  H H    . SER A 1 16  ? -8.154  6.951   -3.567  1.00 0.00  ? 15  SER A H    1 
ATOM   138  H HG   . SER A 1 16  ? -7.462  6.003   -0.906  1.00 0.00  ? 15  SER A HG   1 
ATOM   139  N N    . GLU A 1 17  ? -9.426  4.310   -1.690  1.00 9.15  ? 16  GLU A N    1 
ATOM   140  C CA   . GLU A 1 17  ? -10.450 3.607   -0.921  1.00 8.38  ? 16  GLU A CA   1 
ATOM   141  C C    . GLU A 1 17  ? -11.670 3.139   -1.669  1.00 10.54 ? 16  GLU A C    1 
ATOM   142  O O    . GLU A 1 17  ? -12.070 1.984   -1.596  1.00 9.99  ? 16  GLU A O    1 
ATOM   143  C CB   . GLU A 1 17  ? -10.869 4.402   0.309   1.00 11.00 ? 16  GLU A CB   1 
ATOM   144  C CG   . GLU A 1 17  ? -9.658  4.720   1.182   1.00 15.17 ? 16  GLU A CG   1 
ATOM   145  C CD   . GLU A 1 17  ? -10.043 5.615   2.355   1.00 22.05 ? 16  GLU A CD   1 
ATOM   146  O OE1  . GLU A 1 17  ? -10.824 6.565   2.215   1.00 26.27 ? 16  GLU A OE1  1 
ATOM   147  O OE2  . GLU A 1 17  ? -9.534  5.376   3.434   1.00 22.25 ? 16  GLU A OE2  1 
ATOM   148  H H    . GLU A 1 17  ? -9.154  5.233   -1.402  1.00 0.00  ? 16  GLU A H    1 
ATOM   149  N N    . ALA A 1 18  ? -12.238 4.038   -2.465  1.00 0.00  ? 17  ALA A N    1 
ATOM   150  C CA   . ALA A 1 18  ? -13.305 3.555   -3.352  1.00 0.00  ? 17  ALA A CA   1 
ATOM   151  C C    . ALA A 1 18  ? -12.941 2.414   -4.318  1.00 0.00  ? 17  ALA A C    1 
ATOM   152  O O    . ALA A 1 18  ? -13.646 1.423   -4.458  1.00 0.00  ? 17  ALA A O    1 
ATOM   153  C CB   . ALA A 1 18  ? -13.885 4.827   -4.020  1.00 0.00  ? 17  ALA A CB   1 
ATOM   154  H H    . ALA A 1 18  ? -11.947 4.995   -2.420  1.00 0.00  ? 17  ALA A H    1 
ATOM   155  N N    . LEU A 1 19  ? -11.750 2.517   -4.934  1.00 12.46 ? 18  LEU A N    1 
ATOM   156  C CA   . LEU A 1 19  ? -11.204 1.377   -5.722  1.00 11.92 ? 18  LEU A CA   1 
ATOM   157  C C    . LEU A 1 19  ? -10.957 0.042   -5.012  1.00 11.82 ? 18  LEU A C    1 
ATOM   158  O O    . LEU A 1 19  ? -11.466 -1.018  -5.362  1.00 12.60 ? 18  LEU A O    1 
ATOM   159  C CB   . LEU A 1 19  ? -9.911  1.796   -6.401  1.00 12.77 ? 18  LEU A CB   1 
ATOM   160  C CG   . LEU A 1 19  ? -9.979  2.284   -7.855  1.00 15.45 ? 18  LEU A CG   1 
ATOM   161  C CD1  . LEU A 1 19  ? -11.394 2.397   -8.440  1.00 15.70 ? 18  LEU A CD1  1 
ATOM   162  C CD2  . LEU A 1 19  ? -9.141  3.552   -7.988  1.00 12.58 ? 18  LEU A CD2  1 
ATOM   163  H H    . LEU A 1 19  ? -11.263 3.387   -4.835  1.00 0.00  ? 18  LEU A H    1 
ATOM   164  N N    . LEU A 1 20  ? -10.150 0.122   -3.953  1.00 12.51 ? 19  LEU A N    1 
ATOM   165  C CA   . LEU A 1 20  ? -9.938  -1.084  -3.128  1.00 15.41 ? 19  LEU A CA   1 
ATOM   166  C C    . LEU A 1 20  ? -11.181 -1.816  -2.603  1.00 16.89 ? 19  LEU A C    1 
ATOM   167  O O    . LEU A 1 20  ? -11.270 -3.033  -2.618  1.00 19.65 ? 19  LEU A O    1 
ATOM   168  C CB   . LEU A 1 20  ? -8.966  -0.781  -1.964  1.00 11.82 ? 19  LEU A CB   1 
ATOM   169  C CG   . LEU A 1 20  ? -7.587  -0.332  -2.442  1.00 7.43  ? 19  LEU A CG   1 
ATOM   170  C CD1  . LEU A 1 20  ? -6.768  0.233   -1.307  1.00 4.55  ? 19  LEU A CD1  1 
ATOM   171  C CD2  . LEU A 1 20  ? -6.854  -1.481  -3.115  1.00 10.14 ? 19  LEU A CD2  1 
ATOM   172  H H    . LEU A 1 20  ? -9.728  1.007   -3.753  1.00 0.00  ? 19  LEU A H    1 
ATOM   173  N N    . LEU A 1 21  ? -12.145 -1.021  -2.154  1.00 18.57 ? 20  LEU A N    1 
ATOM   174  C CA   . LEU A 1 21  ? -13.333 -1.549  -1.475  1.00 19.88 ? 20  LEU A CA   1 
ATOM   175  C C    . LEU A 1 21  ? -14.417 -2.217  -2.307  1.00 21.81 ? 20  LEU A C    1 
ATOM   176  O O    . LEU A 1 21  ? -15.478 -2.612  -1.841  1.00 22.66 ? 20  LEU A O    1 
ATOM   177  C CB   . LEU A 1 21  ? -13.928 -0.449  -0.602  1.00 21.29 ? 20  LEU A CB   1 
ATOM   178  C CG   . LEU A 1 21  ? -13.053 -0.108  0.611   1.00 24.88 ? 20  LEU A CG   1 
ATOM   179  C CD1  . LEU A 1 21  ? -13.410 1.229   1.253   1.00 25.05 ? 20  LEU A CD1  1 
ATOM   180  C CD2  . LEU A 1 21  ? -13.076 -1.231  1.646   1.00 27.28 ? 20  LEU A CD2  1 
ATOM   181  H H    . LEU A 1 21  ? -11.989 -0.033  -2.215  1.00 0.00  ? 20  LEU A H    1 
ATOM   182  N N    . ASN A 1 22  ? -14.072 -2.401  -3.580  1.00 23.05 ? 21  ASN A N    1 
ATOM   183  C CA   . ASN A 1 22  ? -14.869 -3.319  -4.392  1.00 22.03 ? 21  ASN A CA   1 
ATOM   184  C C    . ASN A 1 22  ? -14.994 -4.700  -3.742  1.00 21.10 ? 21  ASN A C    1 
ATOM   185  O O    . ASN A 1 22  ? -14.014 -5.327  -3.366  1.00 19.99 ? 21  ASN A O    1 
ATOM   186  C CB   . ASN A 1 22  ? -14.187 -3.336  -5.762  1.00 23.94 ? 21  ASN A CB   1 
ATOM   187  C CG   . ASN A 1 22  ? -14.858 -4.261  -6.771  1.00 27.07 ? 21  ASN A CG   1 
ATOM   188  O OD1  . ASN A 1 22  ? -15.797 -4.989  -6.488  1.00 28.41 ? 21  ASN A OD1  1 
ATOM   189  N ND2  . ASN A 1 22  ? -14.307 -4.250  -7.971  1.00 26.95 ? 21  ASN A ND2  1 
ATOM   190  H H    . ASN A 1 22  ? -13.233 -1.977  -3.919  1.00 0.00  ? 21  ASN A H    1 
ATOM   191  H HD21 . ASN A 1 22  ? -14.717 -4.907  -8.601  1.00 0.00  ? 21  ASN A HD21 1 
ATOM   192  H HD22 . ASN A 1 22  ? -13.535 -3.660  -8.204  1.00 0.00  ? 21  ASN A HD22 1 
ATOM   193  N N    . PRO A 1 23  ? -16.238 -5.195  -3.589  1.00 21.10 ? 22  PRO A N    1 
ATOM   194  C CA   . PRO A 1 23  ? -16.357 -6.477  -2.894  1.00 20.26 ? 22  PRO A CA   1 
ATOM   195  C C    . PRO A 1 23  ? -15.798 -7.703  -3.616  1.00 22.08 ? 22  PRO A C    1 
ATOM   196  O O    . PRO A 1 23  ? -15.643 -8.750  -3.009  1.00 25.85 ? 22  PRO A O    1 
ATOM   197  C CB   . PRO A 1 23  ? -17.853 -6.539  -2.606  1.00 21.86 ? 22  PRO A CB   1 
ATOM   198  C CG   . PRO A 1 23  ? -18.473 -5.758  -3.774  1.00 21.76 ? 22  PRO A CG   1 
ATOM   199  C CD   . PRO A 1 23  ? -17.504 -4.598  -3.955  1.00 19.37 ? 22  PRO A CD   1 
ATOM   200  N N    . GLU A 1 24  ? -15.481 -7.552  -4.915  1.00 21.22 ? 23  GLU A N    1 
ATOM   201  C CA   . GLU A 1 24  ? -14.673 -8.551  -5.650  1.00 23.32 ? 23  GLU A CA   1 
ATOM   202  C C    . GLU A 1 24  ? -13.262 -8.840  -5.094  1.00 22.02 ? 23  GLU A C    1 
ATOM   203  O O    . GLU A 1 24  ? -12.725 -9.949  -5.069  1.00 21.99 ? 23  GLU A O    1 
ATOM   204  C CB   . GLU A 1 24  ? -14.457 -8.029  -7.072  1.00 28.21 ? 23  GLU A CB   1 
ATOM   205  C CG   . GLU A 1 24  ? -15.083 -8.817  -8.216  1.00 37.01 ? 23  GLU A CG   1 
ATOM   206  C CD   . GLU A 1 24  ? -16.598 -8.760  -8.202  1.00 42.96 ? 23  GLU A CD   1 
ATOM   207  O OE1  . GLU A 1 24  ? -17.238 -9.336  -7.300  1.00 48.19 ? 23  GLU A OE1  1 
ATOM   208  O OE2  . GLU A 1 24  ? -17.132 -8.138  -9.116  1.00 42.01 ? 23  GLU A OE2  1 
ATOM   209  H H    . GLU A 1 24  ? -15.805 -6.737  -5.402  1.00 0.00  ? 23  GLU A H    1 
ATOM   210  N N    . ASN A 1 25  ? -12.682 -7.718  -4.641  1.00 18.77 ? 24  ASN A N    1 
ATOM   211  C CA   . ASN A 1 25  ? -11.302 -7.685  -4.137  1.00 17.67 ? 24  ASN A CA   1 
ATOM   212  C C    . ASN A 1 25  ? -11.041 -8.461  -2.820  1.00 16.74 ? 24  ASN A C    1 
ATOM   213  O O    . ASN A 1 25  ? -11.679 -8.216  -1.802  1.00 17.24 ? 24  ASN A O    1 
ATOM   214  C CB   . ASN A 1 25  ? -10.842 -6.205  -3.981  1.00 17.20 ? 24  ASN A CB   1 
ATOM   215  C CG   . ASN A 1 25  ? -10.823 -5.476  -5.327  1.00 12.97 ? 24  ASN A CG   1 
ATOM   216  O OD1  . ASN A 1 25  ? -10.801 -6.045  -6.398  1.00 11.31 ? 24  ASN A OD1  1 
ATOM   217  N ND2  . ASN A 1 25  ? -10.861 -4.176  -5.261  1.00 15.93 ? 24  ASN A ND2  1 
ATOM   218  H H    . ASN A 1 25  ? -13.261 -6.906  -4.581  1.00 0.00  ? 24  ASN A H    1 
ATOM   219  H HD21 . ASN A 1 25  ? -10.860 -3.691  -6.132  1.00 0.00  ? 24  ASN A HD21 1 
ATOM   220  H HD22 . ASN A 1 25  ? -10.919 -3.731  -4.370  1.00 0.00  ? 24  ASN A HD22 1 
ATOM   221  N N    . PRO A 1 26  ? -10.067 -9.412  -2.864  1.00 16.45 ? 25  PRO A N    1 
ATOM   222  C CA   . PRO A 1 26  ? -9.735  -10.142 -1.646  1.00 13.56 ? 25  PRO A CA   1 
ATOM   223  C C    . PRO A 1 26  ? -8.849  -9.341  -0.703  1.00 14.88 ? 25  PRO A C    1 
ATOM   224  O O    . PRO A 1 26  ? -8.254  -8.346  -1.118  1.00 16.03 ? 25  PRO A O    1 
ATOM   225  C CB   . PRO A 1 26  ? -9.057  -11.357 -2.261  1.00 14.71 ? 25  PRO A CB   1 
ATOM   226  C CG   . PRO A 1 26  ? -8.370  -10.912 -3.546  1.00 13.11 ? 25  PRO A CG   1 
ATOM   227  C CD   . PRO A 1 26  ? -9.318  -9.857  -4.052  1.00 14.99 ? 25  PRO A CD   1 
ATOM   228  N N    . ARG A 1 27  ? -8.738  -9.812  0.578   1.00 13.28 ? 26  ARG A N    1 
ATOM   229  C CA   . ARG A 1 27  ? -7.746  -9.177  1.492   1.00 12.01 ? 26  ARG A CA   1 
ATOM   230  C C    . ARG A 1 27  ? -6.330  -9.071  0.938   1.00 10.36 ? 26  ARG A C    1 
ATOM   231  O O    . ARG A 1 27  ? -5.847  -9.942  0.226   1.00 11.59 ? 26  ARG A O    1 
ATOM   232  C CB   . ARG A 1 27  ? -7.558  -9.937  2.795   1.00 14.24 ? 26  ARG A CB   1 
ATOM   233  C CG   . ARG A 1 27  ? -8.739  -10.082 3.690   1.00 16.39 ? 26  ARG A CG   1 
ATOM   234  C CD   . ARG A 1 27  ? -8.381  -11.045 4.815   1.00 24.82 ? 26  ARG A CD   1 
ATOM   235  N NE   . ARG A 1 27  ? -8.017  -10.374 6.062   1.00 31.90 ? 26  ARG A NE   1 
ATOM   236  C CZ   . ARG A 1 27  ? -8.263  -11.007 7.202   1.00 34.21 ? 26  ARG A CZ   1 
ATOM   237  N NH1  . ARG A 1 27  ? -8.697  -12.240 7.215   1.00 36.45 ? 26  ARG A NH1  1 
ATOM   238  N NH2  . ARG A 1 27  ? -8.106  -10.394 8.337   1.00 35.49 ? 26  ARG A NH2  1 
ATOM   239  H H    . ARG A 1 27  ? -9.352  -10.546 0.863   1.00 0.00  ? 26  ARG A H    1 
ATOM   240  H HE   . ARG A 1 27  ? -7.722  -9.414  6.099   1.00 0.00  ? 26  ARG A HE   1 
ATOM   241  H HH11 . ARG A 1 27  ? -8.760  -12.787 6.389   1.00 0.00  ? 26  ARG A HH11 1 
ATOM   242  H HH12 . ARG A 1 27  ? -9.009  -12.601 8.092   1.00 0.00  ? 26  ARG A HH12 1 
ATOM   243  H HH21 . ARG A 1 27  ? -7.791  -9.445  8.359   1.00 0.00  ? 26  ARG A HH21 1 
ATOM   244  H HH22 . ARG A 1 27  ? -8.341  -10.871 9.184   1.00 0.00  ? 26  ARG A HH22 1 
ATOM   245  N N    . GLY A 1 28  ? -5.670  -7.970  1.245   1.00 9.51  ? 27  GLY A N    1 
ATOM   246  C CA   . GLY A 1 28  ? -4.352  -7.892  0.604   1.00 8.65  ? 27  GLY A CA   1 
ATOM   247  C C    . GLY A 1 28  ? -4.338  -7.246  -0.767  1.00 8.41  ? 27  GLY A C    1 
ATOM   248  O O    . GLY A 1 28  ? -3.279  -7.002  -1.329  1.00 8.29  ? 27  GLY A O    1 
ATOM   249  H H    . GLY A 1 28  ? -6.064  -7.266  1.832   1.00 0.00  ? 27  GLY A H    1 
ATOM   250  N N    . THR A 1 29  ? -5.545  -6.940  -1.287  1.00 9.54  ? 28  THR A N    1 
ATOM   251  C CA   . THR A 1 29  ? -5.522  -6.110  -2.522  1.00 10.19 ? 28  THR A CA   1 
ATOM   252  C C    . THR A 1 29  ? -4.898  -4.731  -2.265  1.00 10.72 ? 28  THR A C    1 
ATOM   253  O O    . THR A 1 29  ? -5.145  -4.081  -1.260  1.00 8.55  ? 28  THR A O    1 
ATOM   254  C CB   . THR A 1 29  ? -6.919  -5.963  -3.228  1.00 10.68 ? 28  THR A CB   1 
ATOM   255  O OG1  . THR A 1 29  ? -7.513  -7.253  -3.493  1.00 9.99  ? 28  THR A OG1  1 
ATOM   256  C CG2  . THR A 1 29  ? -6.924  -5.126  -4.543  1.00 2.00  ? 28  THR A CG2  1 
ATOM   257  H H    . THR A 1 29  ? -6.365  -7.091  -0.741  1.00 0.00  ? 28  THR A H    1 
ATOM   258  H HG1  . THR A 1 29  ? -7.554  -7.699  -2.652  1.00 0.00  ? 28  THR A HG1  1 
ATOM   259  N N    . PHE A 1 30  ? -4.048  -4.330  -3.201  1.00 8.96  ? 29  PHE A N    1 
ATOM   260  C CA   . PHE A 1 30  ? -3.241  -3.158  -2.967  1.00 6.33  ? 29  PHE A CA   1 
ATOM   261  C C    . PHE A 1 30  ? -2.966  -2.242  -4.189  1.00 8.71  ? 29  PHE A C    1 
ATOM   262  O O    . PHE A 1 30  ? -3.096  -2.571  -5.376  1.00 7.57  ? 29  PHE A O    1 
ATOM   263  C CB   . PHE A 1 30  ? -1.925  -3.559  -2.283  1.00 5.65  ? 29  PHE A CB   1 
ATOM   264  C CG   . PHE A 1 30  ? -0.997  -4.203  -3.289  1.00 7.24  ? 29  PHE A CG   1 
ATOM   265  C CD1  . PHE A 1 30  ? -1.199  -5.549  -3.671  1.00 6.45  ? 29  PHE A CD1  1 
ATOM   266  C CD2  . PHE A 1 30  ? 0.040   -3.433  -3.839  1.00 5.99  ? 29  PHE A CD2  1 
ATOM   267  C CE1  . PHE A 1 30  ? -0.344  -6.151  -4.601  1.00 2.19  ? 29  PHE A CE1  1 
ATOM   268  C CE2  . PHE A 1 30  ? 0.901   -4.047  -4.778  1.00 7.26  ? 29  PHE A CE2  1 
ATOM   269  C CZ   . PHE A 1 30  ? 0.698   -5.393  -5.130  1.00 6.18  ? 29  PHE A CZ   1 
ATOM   270  H H    . PHE A 1 30  ? -3.879  -4.984  -3.942  1.00 0.00  ? 29  PHE A H    1 
ATOM   271  N N    . LEU A 1 31  ? -2.570  -1.025  -3.799  1.00 7.92  ? 30  LEU A N    1 
ATOM   272  C CA   . LEU A 1 31  ? -1.938  -0.123  -4.756  1.00 8.84  ? 30  LEU A CA   1 
ATOM   273  C C    . LEU A 1 31  ? -0.874  0.751   -4.087  1.00 9.92  ? 30  LEU A C    1 
ATOM   274  O O    . LEU A 1 31  ? -0.883  0.917   -2.863  1.00 10.25 ? 30  LEU A O    1 
ATOM   275  C CB   . LEU A 1 31  ? -2.992  0.639   -5.625  1.00 6.50  ? 30  LEU A CB   1 
ATOM   276  C CG   . LEU A 1 31  ? -3.814  1.930   -5.294  1.00 12.27 ? 30  LEU A CG   1 
ATOM   277  C CD1  . LEU A 1 31  ? -5.358  1.745   -5.385  1.00 8.75  ? 30  LEU A CD1  1 
ATOM   278  C CD2  . LEU A 1 31  ? -3.360  2.788   -4.114  1.00 10.07 ? 30  LEU A CD2  1 
ATOM   279  H H    . LEU A 1 31  ? -2.673  -0.811  -2.827  1.00 0.00  ? 30  LEU A H    1 
ATOM   280  N N    . VAL A 1 32  ? -0.003  1.308   -4.942  1.00 8.80  ? 31  VAL A N    1 
ATOM   281  C CA   . VAL A 1 32  ? 0.926   2.354   -4.504  1.00 10.30 ? 31  VAL A CA   1 
ATOM   282  C C    . VAL A 1 32  ? 0.586   3.712   -5.099  1.00 10.34 ? 31  VAL A C    1 
ATOM   283  O O    . VAL A 1 32  ? 0.333   3.847   -6.277  1.00 12.69 ? 31  VAL A O    1 
ATOM   284  C CB   . VAL A 1 32  ? 2.423   1.998   -4.738  1.00 10.33 ? 31  VAL A CB   1 
ATOM   285  C CG1  . VAL A 1 32  ? 3.370   3.180   -4.456  1.00 8.30  ? 31  VAL A CG1  1 
ATOM   286  C CG2  . VAL A 1 32  ? 2.817   0.767   -3.888  1.00 9.75  ? 31  VAL A CG2  1 
ATOM   287  H H    . VAL A 1 32  ? -0.088  1.057   -5.907  1.00 0.00  ? 31  VAL A H    1 
ATOM   288  N N    . ARG A 1 33  ? 0.543   4.715   -4.235  1.00 11.39 ? 32  ARG A N    1 
ATOM   289  C CA   . ARG A 1 33  ? 0.232   6.061   -4.718  1.00 11.58 ? 32  ARG A CA   1 
ATOM   290  C C    . ARG A 1 33  ? 1.174   7.093   -4.119  1.00 9.78  ? 32  ARG A C    1 
ATOM   291  O O    . ARG A 1 33  ? 1.829   6.839   -3.136  1.00 7.79  ? 32  ARG A O    1 
ATOM   292  C CB   . ARG A 1 33  ? -1.240  6.414   -4.417  1.00 10.11 ? 32  ARG A CB   1 
ATOM   293  C CG   . ARG A 1 33  ? -1.675  6.248   -2.950  1.00 11.18 ? 32  ARG A CG   1 
ATOM   294  C CD   . ARG A 1 33  ? -3.169  6.568   -2.734  1.00 9.75  ? 32  ARG A CD   1 
ATOM   295  N NE   . ARG A 1 33  ? -3.568  6.541   -1.316  1.00 6.32  ? 32  ARG A NE   1 
ATOM   296  C CZ   . ARG A 1 33  ? -3.259  7.527   -0.448  1.00 6.76  ? 32  ARG A CZ   1 
ATOM   297  N NH1  . ARG A 1 33  ? -2.621  8.598   -0.781  1.00 7.65  ? 32  ARG A NH1  1 
ATOM   298  N NH2  . ARG A 1 33  ? -3.576  7.421   0.807   1.00 6.75  ? 32  ARG A NH2  1 
ATOM   299  H H    . ARG A 1 33  ? 0.726   4.514   -3.274  1.00 0.00  ? 32  ARG A H    1 
ATOM   300  H HE   . ARG A 1 33  ? -4.009  5.714   -0.965  1.00 0.00  ? 32  ARG A HE   1 
ATOM   301  H HH11 . ARG A 1 33  ? -2.284  8.712   -1.720  1.00 0.00  ? 32  ARG A HH11 1 
ATOM   302  H HH12 . ARG A 1 33  ? -2.470  9.340   -0.127  1.00 0.00  ? 32  ARG A HH12 1 
ATOM   303  H HH21 . ARG A 1 33  ? -4.060  6.616   1.127   1.00 0.00  ? 32  ARG A HH21 1 
ATOM   304  H HH22 . ARG A 1 33  ? -3.331  8.156   1.440   1.00 0.00  ? 32  ARG A HH22 1 
ATOM   305  N N    . GLU A 1 34  ? 1.204   8.277   -4.706  1.00 11.53 ? 33  GLU A N    1 
ATOM   306  C CA   . GLU A 1 34  ? 1.743   9.409   -3.949  1.00 13.34 ? 33  GLU A CA   1 
ATOM   307  C C    . GLU A 1 34  ? 0.962   9.710   -2.656  1.00 15.44 ? 33  GLU A C    1 
ATOM   308  O O    . GLU A 1 34  ? -0.252  9.524   -2.592  1.00 16.09 ? 33  GLU A O    1 
ATOM   309  C CB   . GLU A 1 34  ? 1.707   10.611  -4.879  1.00 15.93 ? 33  GLU A CB   1 
ATOM   310  C CG   . GLU A 1 34  ? 3.096   11.174  -5.168  1.00 22.20 ? 33  GLU A CG   1 
ATOM   311  C CD   . GLU A 1 34  ? 2.953   12.371  -6.085  1.00 24.47 ? 33  GLU A CD   1 
ATOM   312  O OE1  . GLU A 1 34  ? 2.001   13.145  -5.957  1.00 28.51 ? 33  GLU A OE1  1 
ATOM   313  O OE2  . GLU A 1 34  ? 3.790   12.548  -6.956  1.00 22.86 ? 33  GLU A OE2  1 
ATOM   314  H H    . GLU A 1 34  ? 0.676   8.417   -5.546  1.00 0.00  ? 33  GLU A H    1 
ATOM   315  N N    . SER A 1 35  ? 1.684   10.126  -1.606  1.00 15.31 ? 34  SER A N    1 
ATOM   316  C CA   . SER A 1 35  ? 0.975   10.657  -0.422  1.00 14.07 ? 34  SER A CA   1 
ATOM   317  C C    . SER A 1 35  ? 0.395   12.023  -0.698  1.00 15.99 ? 34  SER A C    1 
ATOM   318  O O    . SER A 1 35  ? 1.126   12.965  -0.966  1.00 19.69 ? 34  SER A O    1 
ATOM   319  C CB   . SER A 1 35  ? 1.919   10.852  0.762   1.00 8.74  ? 34  SER A CB   1 
ATOM   320  O OG   . SER A 1 35  ? 1.234   11.396  1.891   1.00 11.05 ? 34  SER A OG   1 
ATOM   321  H H    . SER A 1 35  ? 2.661   10.292  -1.768  1.00 0.00  ? 34  SER A H    1 
ATOM   322  H HG   . SER A 1 35  ? 0.642   10.712  2.207   1.00 0.00  ? 34  SER A HG   1 
ATOM   323  N N    . GLU A 1 36  ? -0.942  12.153  -0.601  1.00 18.50 ? 35  GLU A N    1 
ATOM   324  C CA   . GLU A 1 36  ? -1.526  13.512  -0.725  1.00 16.32 ? 35  GLU A CA   1 
ATOM   325  C C    . GLU A 1 36  ? -1.027  14.573  0.235   1.00 16.00 ? 35  GLU A C    1 
ATOM   326  O O    . GLU A 1 36  ? -1.044  15.773  0.006   1.00 18.50 ? 35  GLU A O    1 
ATOM   327  C CB   . GLU A 1 36  ? -3.012  13.529  -0.468  1.00 18.99 ? 35  GLU A CB   1 
ATOM   328  C CG   . GLU A 1 36  ? -3.851  12.907  -1.546  1.00 22.12 ? 35  GLU A CG   1 
ATOM   329  C CD   . GLU A 1 36  ? -5.230  13.072  -1.055  1.00 20.41 ? 35  GLU A CD   1 
ATOM   330  O OE1  . GLU A 1 36  ? -5.682  12.227  -0.315  1.00 22.93 ? 35  GLU A OE1  1 
ATOM   331  O OE2  . GLU A 1 36  ? -5.843  14.058  -1.361  1.00 23.39 ? 35  GLU A OE2  1 
ATOM   332  H H    . GLU A 1 36  ? -1.499  11.327  -0.556  1.00 0.00  ? 35  GLU A H    1 
ATOM   333  N N    . THR A 1 37  ? -0.573  14.120  1.381   1.00 15.62 ? 36  THR A N    1 
ATOM   334  C CA   . THR A 1 37  ? -0.327  15.153  2.386   1.00 17.18 ? 36  THR A CA   1 
ATOM   335  C C    . THR A 1 37  ? 1.133   15.355  2.761   1.00 19.27 ? 36  THR A C    1 
ATOM   336  O O    . THR A 1 37  ? 1.599   16.476  2.922   1.00 22.39 ? 36  THR A O    1 
ATOM   337  C CB   . THR A 1 37  ? -1.202  14.898  3.604   1.00 16.89 ? 36  THR A CB   1 
ATOM   338  O OG1  . THR A 1 37  ? -1.032  13.542  4.041   1.00 16.18 ? 36  THR A OG1  1 
ATOM   339  C CG2  . THR A 1 37  ? -2.677  15.154  3.269   1.00 16.79 ? 36  THR A CG2  1 
ATOM   340  H H    . THR A 1 37  ? -0.455  13.135  1.525   1.00 0.00  ? 36  THR A H    1 
ATOM   341  H HG1  . THR A 1 37  ? -1.729  13.019  3.648   1.00 0.00  ? 36  THR A HG1  1 
ATOM   342  N N    . THR A 1 38  ? 1.879   14.246  2.786   1.00 18.66 ? 37  THR A N    1 
ATOM   343  C CA   . THR A 1 38  ? 3.343   14.404  2.892   1.00 19.75 ? 37  THR A CA   1 
ATOM   344  C C    . THR A 1 38  ? 4.076   14.463  1.569   1.00 22.86 ? 37  THR A C    1 
ATOM   345  O O    . THR A 1 38  ? 4.193   13.491  0.844   1.00 24.26 ? 37  THR A O    1 
ATOM   346  C CB   . THR A 1 38  ? 3.990   13.290  3.683   1.00 20.07 ? 37  THR A CB   1 
ATOM   347  O OG1  . THR A 1 38  ? 3.304   13.115  4.925   1.00 21.28 ? 37  THR A OG1  1 
ATOM   348  C CG2  . THR A 1 38  ? 5.494   13.511  3.923   1.00 23.12 ? 37  THR A CG2  1 
ATOM   349  H H    . THR A 1 38  ? 1.453   13.358  2.590   1.00 0.00  ? 37  THR A H    1 
ATOM   350  H HG1  . THR A 1 38  ? 2.424   13.489  4.796   1.00 0.00  ? 37  THR A HG1  1 
ATOM   351  N N    . LYS A 1 39  ? 4.595   15.639  1.258   1.00 25.83 ? 38  LYS A N    1 
ATOM   352  C CA   . LYS A 1 39  ? 5.367   15.691  0.014   1.00 27.48 ? 38  LYS A CA   1 
ATOM   353  C C    . LYS A 1 39  ? 6.739   15.005  -0.015  1.00 25.24 ? 38  LYS A C    1 
ATOM   354  O O    . LYS A 1 39  ? 7.492   14.980  0.954   1.00 26.20 ? 38  LYS A O    1 
ATOM   355  C CB   . LYS A 1 39  ? 5.372   17.125  -0.496  1.00 31.28 ? 38  LYS A CB   1 
ATOM   356  C CG   . LYS A 1 39  ? 4.519   17.190  -1.768  1.00 37.96 ? 38  LYS A CG   1 
ATOM   357  C CD   . LYS A 1 39  ? 3.090   16.620  -1.675  1.00 39.95 ? 38  LYS A CD   1 
ATOM   358  C CE   . LYS A 1 39  ? 2.196   17.413  -0.729  1.00 40.94 ? 38  LYS A CE   1 
ATOM   359  N NZ   . LYS A 1 39  ? 0.807   17.184  -1.118  1.00 44.64 ? 38  LYS A NZ   1 
ATOM   360  H H    . LYS A 1 39  ? 4.550   16.357  1.952   1.00 0.00  ? 38  LYS A H    1 
ATOM   361  H HZ1  . LYS A 1 39  ? 0.635   17.467  -2.101  1.00 0.00  ? 38  LYS A HZ1  1 
ATOM   362  H HZ2  . LYS A 1 39  ? 0.524   16.185  -1.015  1.00 0.00  ? 38  LYS A HZ2  1 
ATOM   363  H HZ3  . LYS A 1 39  ? 0.167   17.707  -0.485  1.00 0.00  ? 38  LYS A HZ3  1 
ATOM   364  N N    . GLY A 1 40  ? 6.973   14.346  -1.165  1.00 23.06 ? 39  GLY A N    1 
ATOM   365  C CA   . GLY A 1 40  ? 8.057   13.338  -1.166  1.00 22.04 ? 39  GLY A CA   1 
ATOM   366  C C    . GLY A 1 40  ? 7.765   11.910  -0.620  1.00 19.86 ? 39  GLY A C    1 
ATOM   367  O O    . GLY A 1 40  ? 8.481   10.963  -0.904  1.00 19.60 ? 39  GLY A O    1 
ATOM   368  H H    . GLY A 1 40  ? 6.324   14.449  -1.913  1.00 0.00  ? 39  GLY A H    1 
ATOM   369  N N    . ALA A 1 41  ? 6.675   11.767  0.155   1.00 18.50 ? 40  ALA A N    1 
ATOM   370  C CA   . ALA A 1 41  ? 6.335   10.388  0.572   1.00 17.03 ? 40  ALA A CA   1 
ATOM   371  C C    . ALA A 1 41  ? 5.418   9.694   -0.425  1.00 15.15 ? 40  ALA A C    1 
ATOM   372  O O    . ALA A 1 41  ? 4.814   10.305  -1.296  1.00 16.08 ? 40  ALA A O    1 
ATOM   373  C CB   . ALA A 1 41  ? 5.695   10.322  1.980   1.00 13.91 ? 40  ALA A CB   1 
ATOM   374  H H    . ALA A 1 41  ? 6.086   12.542  0.365   1.00 0.00  ? 40  ALA A H    1 
ATOM   375  N N    . TYR A 1 42  ? 5.342   8.375   -0.293  1.00 13.87 ? 41  TYR A N    1 
ATOM   376  C CA   . TYR A 1 42  ? 4.404   7.582   -1.102  1.00 9.20  ? 41  TYR A CA   1 
ATOM   377  C C    . TYR A 1 42  ? 3.491   6.883   -0.128  1.00 7.67  ? 41  TYR A C    1 
ATOM   378  O O    . TYR A 1 42  ? 3.675   6.965   1.073   1.00 8.01  ? 41  TYR A O    1 
ATOM   379  C CB   . TYR A 1 42  ? 5.132   6.516   -1.975  1.00 9.93  ? 41  TYR A CB   1 
ATOM   380  C CG   . TYR A 1 42  ? 5.948   7.133   -3.085  1.00 9.93  ? 41  TYR A CG   1 
ATOM   381  C CD1  . TYR A 1 42  ? 5.292   7.428   -4.293  1.00 10.29 ? 41  TYR A CD1  1 
ATOM   382  C CD2  . TYR A 1 42  ? 7.298   7.428   -2.877  1.00 10.48 ? 41  TYR A CD2  1 
ATOM   383  C CE1  . TYR A 1 42  ? 5.979   8.154   -5.271  1.00 12.21 ? 41  TYR A CE1  1 
ATOM   384  C CE2  . TYR A 1 42  ? 8.003   8.134   -3.872  1.00 9.51  ? 41  TYR A CE2  1 
ATOM   385  C CZ   . TYR A 1 42  ? 7.314   8.521   -5.025  1.00 10.66 ? 41  TYR A CZ   1 
ATOM   386  O OH   . TYR A 1 42  ? 7.951   9.325   -5.953  1.00 16.89 ? 41  TYR A OH   1 
ATOM   387  H H    . TYR A 1 42  ? 5.914   7.964   0.425   1.00 0.00  ? 41  TYR A H    1 
ATOM   388  H HH   . TYR A 1 42  ? 7.555   10.194  -5.873  1.00 0.00  ? 41  TYR A HH   1 
ATOM   389  N N    . CYS A 1 43  ? 2.533   6.160   -0.657  1.00 8.02  ? 42  CYS A N    1 
ATOM   390  C CA   . CYS A 1 43  ? 1.628   5.423   0.206   1.00 8.75  ? 42  CYS A CA   1 
ATOM   391  C C    . CYS A 1 43  ? 1.213   4.060   -0.368  1.00 9.67  ? 42  CYS A C    1 
ATOM   392  O O    . CYS A 1 43  ? 0.840   3.941   -1.528  1.00 7.28  ? 42  CYS A O    1 
ATOM   393  C CB   . CYS A 1 43  ? 0.423   6.328   0.519   1.00 11.58 ? 42  CYS A CB   1 
ATOM   394  S SG   . CYS A 1 43  ? -0.802  5.488   1.550   1.00 16.71 ? 42  CYS A SG   1 
ATOM   395  H H    . CYS A 1 43  ? 2.499   6.098   -1.649  1.00 0.00  ? 42  CYS A H    1 
ATOM   396  N N    . LEU A 1 44  ? 1.273   3.046   0.527   1.00 8.50  ? 43  LEU A N    1 
ATOM   397  C CA   . LEU A 1 44  ? 0.762   1.681   0.268   1.00 8.14  ? 43  LEU A CA   1 
ATOM   398  C C    . LEU A 1 44  ? -0.629  1.495   0.829   1.00 5.39  ? 43  LEU A C    1 
ATOM   399  O O    . LEU A 1 44  ? -0.879  1.550   2.024   1.00 10.04 ? 43  LEU A O    1 
ATOM   400  C CB   . LEU A 1 44  ? 1.694   0.660   0.958   1.00 7.71  ? 43  LEU A CB   1 
ATOM   401  C CG   . LEU A 1 44  ? 1.896   -0.773  0.410   1.00 13.00 ? 43  LEU A CG   1 
ATOM   402  C CD1  . LEU A 1 44  ? 2.269   -1.741  1.521   1.00 9.85  ? 43  LEU A CD1  1 
ATOM   403  C CD2  . LEU A 1 44  ? 0.787   -1.354  -0.456  1.00 14.29 ? 43  LEU A CD2  1 
ATOM   404  H H    . LEU A 1 44  ? 1.613   3.292   1.436   1.00 0.00  ? 43  LEU A H    1 
ATOM   405  N N    . SER A 1 45  ? -1.561  1.332   -0.060  1.00 6.42  ? 44  SER A N    1 
ATOM   406  C CA   . SER A 1 45  ? -2.951  1.234   0.421   1.00 7.67  ? 44  SER A CA   1 
ATOM   407  C C    . SER A 1 45  ? -3.501  -0.156  0.160   1.00 9.59  ? 44  SER A C    1 
ATOM   408  O O    . SER A 1 45  ? -3.458  -0.649  -0.962  1.00 10.22 ? 44  SER A O    1 
ATOM   409  C CB   . SER A 1 45  ? -3.881  2.256   -0.284  1.00 5.33  ? 44  SER A CB   1 
ATOM   410  O OG   . SER A 1 45  ? -3.360  3.596   -0.120  1.00 6.76  ? 44  SER A OG   1 
ATOM   411  H H    . SER A 1 45  ? -1.293  1.186   -1.015  1.00 0.00  ? 44  SER A H    1 
ATOM   412  H HG   . SER A 1 45  ? -2.446  3.518   -0.386  1.00 0.00  ? 44  SER A HG   1 
ATOM   413  N N    . VAL A 1 46  ? -3.924  -0.782  1.269   1.00 9.53  ? 45  VAL A N    1 
ATOM   414  C CA   . VAL A 1 46  ? -4.216  -2.234  1.284   1.00 8.16  ? 45  VAL A CA   1 
ATOM   415  C C    . VAL A 1 46  ? -5.635  -2.499  1.777   1.00 8.91  ? 45  VAL A C    1 
ATOM   416  O O    . VAL A 1 46  ? -6.090  -1.926  2.757   1.00 12.65 ? 45  VAL A O    1 
ATOM   417  C CB   . VAL A 1 46  ? -3.233  -3.033  2.197   1.00 4.43  ? 45  VAL A CB   1 
ATOM   418  C CG1  . VAL A 1 46  ? -3.397  -4.528  2.010   1.00 2.92  ? 45  VAL A CG1  1 
ATOM   419  C CG2  . VAL A 1 46  ? -1.777  -2.684  1.966   1.00 5.33  ? 45  VAL A CG2  1 
ATOM   420  H H    . VAL A 1 46  ? -3.941  -0.252  2.118   1.00 0.00  ? 45  VAL A H    1 
ATOM   421  N N    . SER A 1 47  ? -6.353  -3.394  1.085   1.00 10.53 ? 46  SER A N    1 
ATOM   422  C CA   . SER A 1 47  ? -7.666  -3.794  1.580   1.00 6.57  ? 46  SER A CA   1 
ATOM   423  C C    . SER A 1 47  ? -7.622  -4.870  2.671   1.00 9.81  ? 46  SER A C    1 
ATOM   424  O O    . SER A 1 47  ? -6.880  -5.842  2.609   1.00 9.87  ? 46  SER A O    1 
ATOM   425  C CB   . SER A 1 47  ? -8.579  -4.203  0.428   1.00 8.82  ? 46  SER A CB   1 
ATOM   426  O OG   . SER A 1 47  ? -8.142  -5.436  -0.140  1.00 13.78 ? 46  SER A OG   1 
ATOM   427  H H    . SER A 1 47  ? -5.910  -3.878  0.335   1.00 0.00  ? 46  SER A H    1 
ATOM   428  H HG   . SER A 1 47  ? -8.906  -5.841  -0.542  1.00 0.00  ? 46  SER A HG   1 
ATOM   429  N N    . ASP A 1 48  ? -8.439  -4.666  3.706   1.00 8.35  ? 47  ASP A N    1 
ATOM   430  C CA   . ASP A 1 48  ? -8.544  -5.652  4.767   1.00 6.67  ? 47  ASP A CA   1 
ATOM   431  C C    . ASP A 1 48  ? -10.005 -6.038  5.050   1.00 9.77  ? 47  ASP A C    1 
ATOM   432  O O    . ASP A 1 48  ? -10.937 -5.648  4.338   1.00 9.39  ? 47  ASP A O    1 
ATOM   433  C CB   . ASP A 1 48  ? -7.742  -5.062  5.937   1.00 10.59 ? 47  ASP A CB   1 
ATOM   434  C CG   . ASP A 1 48  ? -7.295  -6.055  7.021   1.00 13.34 ? 47  ASP A CG   1 
ATOM   435  O OD1  . ASP A 1 48  ? -7.486  -7.260  6.892   1.00 13.99 ? 47  ASP A OD1  1 
ATOM   436  O OD2  . ASP A 1 48  ? -6.760  -5.620  8.043   1.00 13.36 ? 47  ASP A OD2  1 
ATOM   437  H H    . ASP A 1 48  ? -8.999  -3.846  3.658   1.00 0.00  ? 47  ASP A H    1 
ATOM   438  N N    . PHE A 1 49  ? -10.174 -6.809  6.134   1.00 7.60  ? 48  PHE A N    1 
ATOM   439  C CA   . PHE A 1 49  ? -11.466 -7.197  6.695   1.00 11.06 ? 48  PHE A CA   1 
ATOM   440  C C    . PHE A 1 49  ? -11.355 -7.585  8.162   1.00 14.59 ? 48  PHE A C    1 
ATOM   441  O O    . PHE A 1 49  ? -10.474 -8.335  8.553   1.00 15.75 ? 48  PHE A O    1 
ATOM   442  C CB   . PHE A 1 49  ? -12.024 -8.357  5.885   1.00 10.72 ? 48  PHE A CB   1 
ATOM   443  C CG   . PHE A 1 49  ? -13.342 -8.807  6.430   1.00 15.47 ? 48  PHE A CG   1 
ATOM   444  C CD1  . PHE A 1 49  ? -13.364 -9.772  7.462   1.00 14.96 ? 48  PHE A CD1  1 
ATOM   445  C CD2  . PHE A 1 49  ? -14.531 -8.265  5.900   1.00 14.75 ? 48  PHE A CD2  1 
ATOM   446  C CE1  . PHE A 1 49  ? -14.599 -10.167 8.000   1.00 12.29 ? 48  PHE A CE1  1 
ATOM   447  C CE2  . PHE A 1 49  ? -15.761 -8.666  6.458   1.00 17.10 ? 48  PHE A CE2  1 
ATOM   448  C CZ   . PHE A 1 49  ? -15.778 -9.585  7.525   1.00 10.00 ? 48  PHE A CZ   1 
ATOM   449  H H    . PHE A 1 49  ? -9.329  -7.171  6.514   1.00 0.00  ? 48  PHE A H    1 
ATOM   450  N N    . ASP A 1 50  ? -12.281 -7.070  8.971   1.00 20.04 ? 49  ASP A N    1 
ATOM   451  C CA   . ASP A 1 50  ? -12.533 -7.721  10.274  1.00 22.26 ? 49  ASP A CA   1 
ATOM   452  C C    . ASP A 1 50  ? -14.021 -7.791  10.568  1.00 22.98 ? 49  ASP A C    1 
ATOM   453  O O    . ASP A 1 50  ? -14.799 -7.054  9.986   1.00 21.08 ? 49  ASP A O    1 
ATOM   454  C CB   . ASP A 1 50  ? -11.760 -7.137  11.473  1.00 27.40 ? 49  ASP A CB   1 
ATOM   455  C CG   . ASP A 1 50  ? -12.035 -5.672  11.720  1.00 31.27 ? 49  ASP A CG   1 
ATOM   456  O OD1  . ASP A 1 50  ? -11.722 -4.882  10.855  1.00 39.38 ? 49  ASP A OD1  1 
ATOM   457  O OD2  . ASP A 1 50  ? -12.537 -5.274  12.765  1.00 34.13 ? 49  ASP A OD2  1 
ATOM   458  H H    . ASP A 1 50  ? -12.848 -6.304  8.666   1.00 0.00  ? 49  ASP A H    1 
ATOM   459  N N    . ASN A 1 51  ? -14.461 -8.704  11.442  1.00 26.22 ? 50  ASN A N    1 
ATOM   460  C CA   . ASN A 1 51  ? -15.939 -8.687  11.558  1.00 30.03 ? 50  ASN A CA   1 
ATOM   461  C C    . ASN A 1 51  ? -16.560 -7.527  12.314  1.00 29.66 ? 50  ASN A C    1 
ATOM   462  O O    . ASN A 1 51  ? -17.758 -7.318  12.241  1.00 30.66 ? 50  ASN A O    1 
ATOM   463  C CB   . ASN A 1 51  ? -16.646 -10.014 11.922  1.00 33.51 ? 50  ASN A CB   1 
ATOM   464  C CG   . ASN A 1 51  ? -15.708 -11.053 12.488  1.00 38.17 ? 50  ASN A CG   1 
ATOM   465  O OD1  . ASN A 1 51  ? -15.505 -12.136 11.961  1.00 40.48 ? 50  ASN A OD1  1 
ATOM   466  N ND2  . ASN A 1 51  ? -15.093 -10.674 13.599  1.00 38.75 ? 50  ASN A ND2  1 
ATOM   467  H H    . ASN A 1 51  ? -13.824 -9.296  11.942  1.00 0.00  ? 50  ASN A H    1 
ATOM   468  H HD21 . ASN A 1 51  ? -14.435 -11.355 13.902  1.00 0.00  ? 50  ASN A HD21 1 
ATOM   469  H HD22 . ASN A 1 51  ? -15.235 -9.815  14.080  1.00 0.00  ? 50  ASN A HD22 1 
ATOM   470  N N    . ALA A 1 52  ? -15.688 -6.753  12.983  1.00 28.37 ? 51  ALA A N    1 
ATOM   471  C CA   . ALA A 1 52  ? -16.180 -5.492  13.553  1.00 29.66 ? 51  ALA A CA   1 
ATOM   472  C C    . ALA A 1 52  ? -16.432 -4.323  12.586  1.00 29.49 ? 51  ALA A C    1 
ATOM   473  O O    . ALA A 1 52  ? -17.529 -3.797  12.425  1.00 31.58 ? 51  ALA A O    1 
ATOM   474  C CB   . ALA A 1 52  ? -15.198 -5.020  14.633  1.00 31.80 ? 51  ALA A CB   1 
ATOM   475  H H    . ALA A 1 52  ? -14.729 -7.022  13.055  1.00 0.00  ? 51  ALA A H    1 
ATOM   476  N N    . LYS A 1 53  ? -15.326 -3.957  11.921  1.00 28.71 ? 52  LYS A N    1 
ATOM   477  C CA   . LYS A 1 53  ? -15.418 -3.021  10.784  1.00 26.18 ? 52  LYS A CA   1 
ATOM   478  C C    . LYS A 1 53  ? -15.963 -3.512  9.429   1.00 22.62 ? 52  LYS A C    1 
ATOM   479  O O    . LYS A 1 53  ? -16.241 -2.713  8.547   1.00 25.21 ? 52  LYS A O    1 
ATOM   480  C CB   . LYS A 1 53  ? -14.060 -2.378  10.513  1.00 28.96 ? 52  LYS A CB   1 
ATOM   481  C CG   . LYS A 1 53  ? -13.596 -1.495  11.663  1.00 38.16 ? 52  LYS A CG   1 
ATOM   482  C CD   . LYS A 1 53  ? -12.270 -0.776  11.373  1.00 43.86 ? 52  LYS A CD   1 
ATOM   483  C CE   . LYS A 1 53  ? -11.081 -1.709  11.084  1.00 47.91 ? 52  LYS A CE   1 
ATOM   484  N NZ   . LYS A 1 53  ? -10.924 -2.736  12.131  1.00 52.59 ? 52  LYS A NZ   1 
ATOM   485  H H    . LYS A 1 53  ? -14.487 -4.469  12.127  1.00 0.00  ? 52  LYS A H    1 
ATOM   486  H HZ1  . LYS A 1 53  ? -11.067 -2.369  13.085  1.00 0.00  ? 52  LYS A HZ1  1 
ATOM   487  H HZ2  . LYS A 1 53  ? -11.595 -3.527  11.967  1.00 0.00  ? 52  LYS A HZ2  1 
ATOM   488  H HZ3  . LYS A 1 53  ? -9.978  -3.165  12.048  1.00 0.00  ? 52  LYS A HZ3  1 
ATOM   489  N N    . GLY A 1 54  ? -16.058 -4.832  9.242   1.00 17.16 ? 53  GLY A N    1 
ATOM   490  C CA   . GLY A 1 54  ? -16.209 -5.331  7.871   1.00 10.13 ? 53  GLY A CA   1 
ATOM   491  C C    . GLY A 1 54  ? -15.014 -5.018  6.964   1.00 12.13 ? 53  GLY A C    1 
ATOM   492  O O    . GLY A 1 54  ? -13.854 -4.868  7.391   1.00 9.70  ? 53  GLY A O    1 
ATOM   493  H H    . GLY A 1 54  ? -15.852 -5.440  10.008  1.00 0.00  ? 53  GLY A H    1 
ATOM   494  N N    . LEU A 1 55  ? -15.393 -4.845  5.683   1.00 11.24 ? 54  LEU A N    1 
ATOM   495  C CA   . LEU A 1 55  ? -14.479 -4.323  4.647   1.00 13.61 ? 54  LEU A CA   1 
ATOM   496  C C    . LEU A 1 55  ? -13.921 -2.940  4.968   1.00 12.73 ? 54  LEU A C    1 
ATOM   497  O O    . LEU A 1 55  ? -14.673 -2.004  5.220   1.00 11.55 ? 54  LEU A O    1 
ATOM   498  C CB   . LEU A 1 55  ? -15.235 -4.199  3.323   1.00 16.21 ? 54  LEU A CB   1 
ATOM   499  C CG   . LEU A 1 55  ? -15.005 -5.157  2.164   1.00 17.38 ? 54  LEU A CG   1 
ATOM   500  C CD1  . LEU A 1 55  ? -14.713 -6.595  2.578   1.00 22.72 ? 54  LEU A CD1  1 
ATOM   501  C CD2  . LEU A 1 55  ? -16.186 -5.092  1.193   1.00 17.79 ? 54  LEU A CD2  1 
ATOM   502  H H    . LEU A 1 55  ? -16.365 -4.982  5.471   1.00 0.00  ? 54  LEU A H    1 
ATOM   503  N N    . ASN A 1 56  ? -12.572 -2.875  4.984   1.00 13.30 ? 55  ASN A N    1 
ATOM   504  C CA   . ASN A 1 56  ? -11.898 -1.610  5.358   1.00 11.99 ? 55  ASN A CA   1 
ATOM   505  C C    . ASN A 1 56  ? -10.511 -1.454  4.739   1.00 14.82 ? 55  ASN A C    1 
ATOM   506  O O    . ASN A 1 56  ? -9.876  -2.421  4.337   1.00 11.65 ? 55  ASN A O    1 
ATOM   507  C CB   . ASN A 1 56  ? -11.804 -1.396  6.880   1.00 9.59  ? 55  ASN A CB   1 
ATOM   508  C CG   . ASN A 1 56  ? -10.866 -2.379  7.542   1.00 10.68 ? 55  ASN A CG   1 
ATOM   509  O OD1  . ASN A 1 56  ? -9.713  -2.093  7.817   1.00 11.24 ? 55  ASN A OD1  1 
ATOM   510  N ND2  . ASN A 1 56  ? -11.397 -3.548  7.868   1.00 10.58 ? 55  ASN A ND2  1 
ATOM   511  H H    . ASN A 1 56  ? -12.071 -3.720  4.772   1.00 0.00  ? 55  ASN A H    1 
ATOM   512  H HD21 . ASN A 1 56  ? -10.846 -4.161  8.435   1.00 0.00  ? 55  ASN A HD21 1 
ATOM   513  H HD22 . ASN A 1 56  ? -12.320 -3.820  7.594   1.00 0.00  ? 55  ASN A HD22 1 
ATOM   514  N N    . VAL A 1 57  ? -10.016 -0.219  4.676   1.00 14.72 ? 56  VAL A N    1 
ATOM   515  C CA   . VAL A 1 57  ? -8.648  -0.168  4.168   1.00 14.23 ? 56  VAL A CA   1 
ATOM   516  C C    . VAL A 1 57  ? -7.615  0.387   5.148   1.00 12.49 ? 56  VAL A C    1 
ATOM   517  O O    . VAL A 1 57  ? -7.929  1.263   5.930   1.00 18.27 ? 56  VAL A O    1 
ATOM   518  C CB   . VAL A 1 57  ? -8.575  0.420   2.710   1.00 14.27 ? 56  VAL A CB   1 
ATOM   519  C CG1  . VAL A 1 57  ? -9.924  0.577   2.029   1.00 11.77 ? 56  VAL A CG1  1 
ATOM   520  C CG2  . VAL A 1 57  ? -7.698  1.632   2.525   1.00 10.32 ? 56  VAL A CG2  1 
ATOM   521  H H    . VAL A 1 57  ? -10.590 0.576   4.871   1.00 0.00  ? 56  VAL A H    1 
ATOM   522  N N    . LYS A 1 58  ? -6.394  -0.168  5.103   1.00 9.88  ? 57  LYS A N    1 
ATOM   523  C CA   . LYS A 1 58  ? -5.249  0.443   5.808   1.00 5.14  ? 57  LYS A CA   1 
ATOM   524  C C    . LYS A 1 58  ? -4.267  1.196   4.893   1.00 7.88  ? 57  LYS A C    1 
ATOM   525  O O    . LYS A 1 58  ? -4.015  0.812   3.759   1.00 5.04  ? 57  LYS A O    1 
ATOM   526  C CB   . LYS A 1 58  ? -4.473  -0.655  6.533   1.00 12.15 ? 57  LYS A CB   1 
ATOM   527  C CG   . LYS A 1 58  ? -5.252  -1.689  7.416   1.00 14.63 ? 57  LYS A CG   1 
ATOM   528  C CD   . LYS A 1 58  ? -5.909  -1.139  8.685   1.00 21.03 ? 57  LYS A CD   1 
ATOM   529  C CE   . LYS A 1 58  ? -6.499  -2.224  9.609   1.00 23.36 ? 57  LYS A CE   1 
ATOM   530  N NZ   . LYS A 1 58  ? -7.467  -3.078  8.891   1.00 25.01 ? 57  LYS A NZ   1 
ATOM   531  H H    . LYS A 1 58  ? -6.269  -0.891  4.420   1.00 0.00  ? 57  LYS A H    1 
ATOM   532  H HZ1  . LYS A 1 58  ? -8.139  -2.513  8.328   1.00 0.00  ? 57  LYS A HZ1  1 
ATOM   533  H HZ2  . LYS A 1 58  ? -6.984  -3.757  8.262   1.00 0.00  ? 57  LYS A HZ2  1 
ATOM   534  H HZ3  . LYS A 1 58  ? -8.045  -3.681  9.513   1.00 0.00  ? 57  LYS A HZ3  1 
ATOM   535  N N    . HIS A 1 59  ? -3.714  2.289   5.414   1.00 7.22  ? 58  HIS A N    1 
ATOM   536  C CA   . HIS A 1 59  ? -2.728  3.056   4.669   1.00 8.95  ? 58  HIS A CA   1 
ATOM   537  C C    . HIS A 1 59  ? -1.416  3.162   5.374   1.00 10.46 ? 58  HIS A C    1 
ATOM   538  O O    . HIS A 1 59  ? -1.318  3.579   6.523   1.00 12.06 ? 58  HIS A O    1 
ATOM   539  C CB   . HIS A 1 59  ? -3.159  4.506   4.398   1.00 9.81  ? 58  HIS A CB   1 
ATOM   540  C CG   . HIS A 1 59  ? -4.489  4.602   3.680   1.00 7.37  ? 58  HIS A CG   1 
ATOM   541  N ND1  . HIS A 1 59  ? -4.629  4.633   2.340   1.00 9.21  ? 58  HIS A ND1  1 
ATOM   542  C CD2  . HIS A 1 59  ? -5.765  4.675   4.262   1.00 9.96  ? 58  HIS A CD2  1 
ATOM   543  C CE1  . HIS A 1 59  ? -5.973  4.733   2.068   1.00 9.51  ? 58  HIS A CE1  1 
ATOM   544  N NE2  . HIS A 1 59  ? -6.660  4.756   3.254   1.00 11.28 ? 58  HIS A NE2  1 
ATOM   545  H H    . HIS A 1 59  ? -4.038  2.573   6.314   1.00 0.00  ? 58  HIS A H    1 
ATOM   546  H HD1  . HIS A 1 59  ? -3.936  4.415   1.681   1.00 0.00  ? 58  HIS A HD1  1 
ATOM   547  N N    . TYR A 1 60  ? -0.393  2.794   4.634   1.00 10.12 ? 59  TYR A N    1 
ATOM   548  C CA   . TYR A 1 60  ? 0.956   2.847   5.175   1.00 9.79  ? 59  TYR A CA   1 
ATOM   549  C C    . TYR A 1 60  ? 1.785   3.877   4.439   1.00 12.14 ? 59  TYR A C    1 
ATOM   550  O O    . TYR A 1 60  ? 1.981   3.765   3.239   1.00 10.78 ? 59  TYR A O    1 
ATOM   551  C CB   . TYR A 1 60  ? 1.704   1.495   5.021   1.00 8.47  ? 59  TYR A CB   1 
ATOM   552  C CG   . TYR A 1 60  ? 0.969   0.373   5.726   1.00 8.28  ? 59  TYR A CG   1 
ATOM   553  C CD1  . TYR A 1 60  ? -0.022  -0.306  5.010   1.00 5.54  ? 59  TYR A CD1  1 
ATOM   554  C CD2  . TYR A 1 60  ? 1.262   0.062   7.078   1.00 6.84  ? 59  TYR A CD2  1 
ATOM   555  C CE1  . TYR A 1 60  ? -0.776  -1.290  5.651   1.00 7.50  ? 59  TYR A CE1  1 
ATOM   556  C CE2  . TYR A 1 60  ? 0.494   -0.921  7.727   1.00 6.99  ? 59  TYR A CE2  1 
ATOM   557  C CZ   . TYR A 1 60  ? -0.536  -1.557  7.013   1.00 8.06  ? 59  TYR A CZ   1 
ATOM   558  O OH   . TYR A 1 60  ? -1.357  -2.455  7.650   1.00 4.45  ? 59  TYR A OH   1 
ATOM   559  H H    . TYR A 1 60  ? -0.583  2.407   3.728   1.00 0.00  ? 59  TYR A H    1 
ATOM   560  H HH   . TYR A 1 60  ? -1.494  -2.212  8.567   1.00 0.00  ? 59  TYR A HH   1 
ATOM   561  N N    . LYS A 1 61  ? 2.282   4.885   5.184   1.00 11.05 ? 60  LYS A N    1 
ATOM   562  C CA   . LYS A 1 61  ? 3.247   5.810   4.583   1.00 9.92  ? 60  LYS A CA   1 
ATOM   563  C C    . LYS A 1 61  ? 4.585   5.161   4.247   1.00 11.16 ? 60  LYS A C    1 
ATOM   564  O O    . LYS A 1 61  ? 5.210   4.474   5.051   1.00 9.89  ? 60  LYS A O    1 
ATOM   565  C CB   . LYS A 1 61  ? 3.500   6.976   5.547   1.00 11.77 ? 60  LYS A CB   1 
ATOM   566  C CG   . LYS A 1 61  ? 3.832   8.276   4.813   1.00 20.11 ? 60  LYS A CG   1 
ATOM   567  C CD   . LYS A 1 61  ? 4.066   9.537   5.664   1.00 23.25 ? 60  LYS A CD   1 
ATOM   568  C CE   . LYS A 1 61  ? 2.873   10.030  6.465   1.00 24.56 ? 60  LYS A CE   1 
ATOM   569  N NZ   . LYS A 1 61  ? 3.107   11.411  6.926   1.00 29.65 ? 60  LYS A NZ   1 
ATOM   570  H H    . LYS A 1 61  ? 2.056   4.856   6.147   1.00 0.00  ? 60  LYS A H    1 
ATOM   571  H HZ1  . LYS A 1 61  ? 3.502   11.998  6.156   1.00 0.00  ? 60  LYS A HZ1  1 
ATOM   572  H HZ2  . LYS A 1 61  ? 2.210   11.902  7.144   1.00 0.00  ? 60  LYS A HZ2  1 
ATOM   573  H HZ3  . LYS A 1 61  ? 3.698   11.507  7.772   1.00 0.00  ? 60  LYS A HZ3  1 
ATOM   574  N N    . ILE A 1 62  ? 5.013   5.433   3.027   1.00 10.59 ? 61  ILE A N    1 
ATOM   575  C CA   . ILE A 1 62  ? 6.358   5.005   2.604   1.00 10.45 ? 61  ILE A CA   1 
ATOM   576  C C    . ILE A 1 62  ? 7.283   6.232   2.569   1.00 12.82 ? 61  ILE A C    1 
ATOM   577  O O    . ILE A 1 62  ? 7.131   7.156   1.783   1.00 13.41 ? 61  ILE A O    1 
ATOM   578  C CB   . ILE A 1 62  ? 6.303   4.300   1.231   1.00 7.93  ? 61  ILE A CB   1 
ATOM   579  C CG1  . ILE A 1 62  ? 5.352   3.090   1.191   1.00 8.61  ? 61  ILE A CG1  1 
ATOM   580  C CG2  . ILE A 1 62  ? 7.704   3.916   0.730   1.00 10.58 ? 61  ILE A CG2  1 
ATOM   581  C CD1  . ILE A 1 62  ? 4.876   2.662   -0.231  1.00 3.58  ? 61  ILE A CD1  1 
ATOM   582  H H    . ILE A 1 62  ? 4.392   5.917   2.412   1.00 0.00  ? 61  ILE A H    1 
ATOM   583  N N    . ARG A 1 63  ? 8.217   6.236   3.514   1.00 16.34 ? 62  ARG A N    1 
ATOM   584  C CA   . ARG A 1 63  ? 9.203   7.307   3.451   1.00 20.43 ? 62  ARG A CA   1 
ATOM   585  C C    . ARG A 1 63  ? 10.412  6.945   2.619   1.00 20.57 ? 62  ARG A C    1 
ATOM   586  O O    . ARG A 1 63  ? 10.767  5.788   2.459   1.00 19.19 ? 62  ARG A O    1 
ATOM   587  C CB   . ARG A 1 63  ? 9.706   7.693   4.828   1.00 24.88 ? 62  ARG A CB   1 
ATOM   588  C CG   . ARG A 1 63  ? 8.813   8.716   5.528   1.00 30.76 ? 62  ARG A CG   1 
ATOM   589  C CD   . ARG A 1 63  ? 7.662   8.103   6.303   1.00 38.43 ? 62  ARG A CD   1 
ATOM   590  N NE   . ARG A 1 63  ? 8.145   7.342   7.457   1.00 47.46 ? 62  ARG A NE   1 
ATOM   591  C CZ   . ARG A 1 63  ? 7.793   6.067   7.597   1.00 52.67 ? 62  ARG A CZ   1 
ATOM   592  N NH1  . ARG A 1 63  ? 7.110   5.473   6.658   1.00 52.03 ? 62  ARG A NH1  1 
ATOM   593  N NH2  . ARG A 1 63  ? 8.128   5.384   8.665   1.00 56.59 ? 62  ARG A NH2  1 
ATOM   594  H H    . ARG A 1 63  ? 8.386   5.367   3.973   1.00 0.00  ? 62  ARG A H    1 
ATOM   595  H HE   . ARG A 1 63  ? 8.741   7.755   8.146   1.00 0.00  ? 62  ARG A HE   1 
ATOM   596  H HH11 . ARG A 1 63  ? 6.946   5.894   5.776   1.00 0.00  ? 62  ARG A HH11 1 
ATOM   597  H HH12 . ARG A 1 63  ? 6.714   4.572   6.836   1.00 0.00  ? 62  ARG A HH12 1 
ATOM   598  H HH21 . ARG A 1 63  ? 8.650   5.791   9.406   1.00 0.00  ? 62  ARG A HH21 1 
ATOM   599  H HH22 . ARG A 1 63  ? 7.843   4.421   8.717   1.00 0.00  ? 62  ARG A HH22 1 
ATOM   600  N N    . LYS A 1 64  ? 11.044  7.983   2.115   1.00 23.93 ? 63  LYS A N    1 
ATOM   601  C CA   . LYS A 1 64  ? 12.313  7.783   1.417   1.00 25.48 ? 63  LYS A CA   1 
ATOM   602  C C    . LYS A 1 64  ? 13.472  8.563   2.031   1.00 28.00 ? 63  LYS A C    1 
ATOM   603  O O    . LYS A 1 64  ? 13.507  9.788   2.079   1.00 30.74 ? 63  LYS A O    1 
ATOM   604  C CB   . LYS A 1 64  ? 12.179  8.207   -0.033  1.00 24.75 ? 63  LYS A CB   1 
ATOM   605  C CG   . LYS A 1 64  ? 13.417  7.743   -0.760  1.00 30.68 ? 63  LYS A CG   1 
ATOM   606  C CD   . LYS A 1 64  ? 13.586  8.479   -2.063  1.00 36.34 ? 63  LYS A CD   1 
ATOM   607  C CE   . LYS A 1 64  ? 14.823  7.996   -2.822  1.00 41.81 ? 63  LYS A CE   1 
ATOM   608  N NZ   . LYS A 1 64  ? 15.012  8.858   -4.005  1.00 46.11 ? 63  LYS A NZ   1 
ATOM   609  H H    . LYS A 1 64  ? 10.603  8.882   2.169   1.00 0.00  ? 63  LYS A H    1 
ATOM   610  H HZ1  . LYS A 1 64  ? 14.162  8.961   -4.589  1.00 0.00  ? 63  LYS A HZ1  1 
ATOM   611  H HZ2  . LYS A 1 64  ? 15.323  9.801   -3.692  1.00 0.00  ? 63  LYS A HZ2  1 
ATOM   612  H HZ3  . LYS A 1 64  ? 15.785  8.475   -4.583  1.00 0.00  ? 63  LYS A HZ3  1 
ATOM   613  N N    . LEU A 1 65  ? 14.479  7.846   2.477   1.00 30.19 ? 64  LEU A N    1 
ATOM   614  C CA   . LEU A 1 65  ? 15.629  8.723   2.710   1.00 35.16 ? 64  LEU A CA   1 
ATOM   615  C C    . LEU A 1 65  ? 16.256  9.312   1.423   1.00 38.13 ? 64  LEU A C    1 
ATOM   616  O O    . LEU A 1 65  ? 16.504  8.673   0.398   1.00 37.46 ? 64  LEU A O    1 
ATOM   617  C CB   . LEU A 1 65  ? 16.685  8.107   3.652   1.00 36.04 ? 64  LEU A CB   1 
ATOM   618  C CG   . LEU A 1 65  ? 16.157  7.327   4.876   1.00 36.24 ? 64  LEU A CG   1 
ATOM   619  C CD1  . LEU A 1 65  ? 15.911  5.850   4.558   1.00 36.39 ? 64  LEU A CD1  1 
ATOM   620  C CD2  . LEU A 1 65  ? 17.111  7.387   6.068   1.00 37.57 ? 64  LEU A CD2  1 
ATOM   621  H H    . LEU A 1 65  ? 14.491  6.847   2.392   1.00 0.00  ? 64  LEU A H    1 
ATOM   622  N N    . ASP A 1 66  ? 16.482  10.614  1.518   1.00 41.21 ? 65  ASP A N    1 
ATOM   623  C CA   . ASP A 1 66  ? 17.333  11.392  0.591   1.00 44.28 ? 65  ASP A CA   1 
ATOM   624  C C    . ASP A 1 66  ? 18.558  10.687  -0.074  1.00 41.53 ? 65  ASP A C    1 
ATOM   625  O O    . ASP A 1 66  ? 18.716  10.531  -1.292  1.00 39.88 ? 65  ASP A O    1 
ATOM   626  C CB   . ASP A 1 66  ? 17.730  12.667  1.380   1.00 50.79 ? 65  ASP A CB   1 
ATOM   627  C CG   . ASP A 1 66  ? 18.245  12.275  2.775   1.00 56.18 ? 65  ASP A CG   1 
ATOM   628  O OD1  . ASP A 1 66  ? 17.438  12.007  3.668   1.00 59.44 ? 65  ASP A OD1  1 
ATOM   629  O OD2  . ASP A 1 66  ? 19.457  12.179  2.948   1.00 59.22 ? 65  ASP A OD2  1 
ATOM   630  H H    . ASP A 1 66  ? 16.216  11.046  2.383   1.00 0.00  ? 65  ASP A H    1 
ATOM   631  N N    . SER A 1 67  ? 19.380  10.250  0.869   1.00 38.31 ? 66  SER A N    1 
ATOM   632  C CA   . SER A 1 67  ? 20.607  9.464   0.855   1.00 37.11 ? 66  SER A CA   1 
ATOM   633  C C    . SER A 1 67  ? 20.444  7.980   0.589   1.00 35.97 ? 66  SER A C    1 
ATOM   634  O O    . SER A 1 67  ? 21.399  7.233   0.383   1.00 35.43 ? 66  SER A O    1 
ATOM   635  C CB   . SER A 1 67  ? 21.121  9.575   2.277   1.00 39.52 ? 66  SER A CB   1 
ATOM   636  O OG   . SER A 1 67  ? 19.987  9.394   3.167   1.00 39.08 ? 66  SER A OG   1 
ATOM   637  H H    . SER A 1 67  ? 19.074  10.520  1.784   1.00 0.00  ? 66  SER A H    1 
ATOM   638  H HG   . SER A 1 67  ? 19.788  10.285  3.492   1.00 0.00  ? 66  SER A HG   1 
ATOM   639  N N    . GLY A 1 68  ? 19.183  7.543   0.664   1.00 34.37 ? 67  GLY A N    1 
ATOM   640  C CA   . GLY A 1 68  ? 19.021  6.086   0.680   1.00 30.60 ? 67  GLY A CA   1 
ATOM   641  C C    . GLY A 1 68  ? 17.716  5.448   0.200   1.00 27.65 ? 67  GLY A C    1 
ATOM   642  O O    . GLY A 1 68  ? 17.081  5.809   -0.791  1.00 27.52 ? 67  GLY A O    1 
ATOM   643  H H    . GLY A 1 68  ? 18.431  8.183   0.815   1.00 0.00  ? 67  GLY A H    1 
ATOM   644  N N    . GLY A 1 69  ? 17.383  4.417   0.987   1.00 25.50 ? 68  GLY A N    1 
ATOM   645  C CA   . GLY A 1 69  ? 16.213  3.626   0.619   1.00 23.70 ? 68  GLY A CA   1 
ATOM   646  C C    . GLY A 1 69  ? 14.812  4.028   1.135   1.00 22.10 ? 68  GLY A C    1 
ATOM   647  O O    . GLY A 1 69  ? 14.606  4.890   1.983   1.00 23.28 ? 68  GLY A O    1 
ATOM   648  H H    . GLY A 1 69  ? 17.880  4.265   1.840   1.00 0.00  ? 68  GLY A H    1 
ATOM   649  N N    . PHE A 1 70  ? 13.846  3.324   0.534   1.00 19.09 ? 69  PHE A N    1 
ATOM   650  C CA   . PHE A 1 70  ? 12.433  3.420   0.883   1.00 16.75 ? 69  PHE A CA   1 
ATOM   651  C C    . PHE A 1 70  ? 12.027  2.548   2.082   1.00 16.99 ? 69  PHE A C    1 
ATOM   652  O O    . PHE A 1 70  ? 12.482  1.422   2.247   1.00 18.37 ? 69  PHE A O    1 
ATOM   653  C CB   . PHE A 1 70  ? 11.612  2.979   -0.324  1.00 15.91 ? 69  PHE A CB   1 
ATOM   654  C CG   . PHE A 1 70  ? 11.850  3.866   -1.514  1.00 15.98 ? 69  PHE A CG   1 
ATOM   655  C CD1  . PHE A 1 70  ? 12.980  3.639   -2.340  1.00 14.80 ? 69  PHE A CD1  1 
ATOM   656  C CD2  . PHE A 1 70  ? 10.911  4.884   -1.802  1.00 16.38 ? 69  PHE A CD2  1 
ATOM   657  C CE1  . PHE A 1 70  ? 13.133  4.381   -3.526  1.00 13.91 ? 69  PHE A CE1  1 
ATOM   658  C CE2  . PHE A 1 70  ? 11.057  5.623   -3.001  1.00 17.26 ? 69  PHE A CE2  1 
ATOM   659  C CZ   . PHE A 1 70  ? 12.143  5.326   -3.861  1.00 16.58 ? 69  PHE A CZ   1 
ATOM   660  H H    . PHE A 1 70  ? 14.177  2.638   -0.113  1.00 0.00  ? 69  PHE A H    1 
ATOM   661  N N    . TYR A 1 71  ? 11.129  3.075   2.921   1.00 16.01 ? 70  TYR A N    1 
ATOM   662  C CA   . TYR A 1 71  ? 10.687  2.218   4.033   1.00 13.17 ? 70  TYR A CA   1 
ATOM   663  C C    . TYR A 1 71  ? 9.304   2.550   4.572   1.00 11.78 ? 70  TYR A C    1 
ATOM   664  O O    . TYR A 1 71  ? 8.857   3.687   4.517   1.00 10.72 ? 70  TYR A O    1 
ATOM   665  C CB   . TYR A 1 71  ? 11.740  2.095   5.170   1.00 10.62 ? 70  TYR A CB   1 
ATOM   666  C CG   . TYR A 1 71  ? 11.918  3.378   5.943   1.00 15.25 ? 70  TYR A CG   1 
ATOM   667  C CD1  . TYR A 1 71  ? 11.078  3.652   7.041   1.00 19.10 ? 70  TYR A CD1  1 
ATOM   668  C CD2  . TYR A 1 71  ? 12.893  4.298   5.522   1.00 20.02 ? 70  TYR A CD2  1 
ATOM   669  C CE1  . TYR A 1 71  ? 11.138  4.902   7.677   1.00 17.04 ? 70  TYR A CE1  1 
ATOM   670  C CE2  . TYR A 1 71  ? 12.945  5.559   6.136   1.00 20.41 ? 70  TYR A CE2  1 
ATOM   671  C CZ   . TYR A 1 71  ? 12.044  5.839   7.177   1.00 17.68 ? 70  TYR A CZ   1 
ATOM   672  O OH   . TYR A 1 71  ? 12.029  7.089   7.724   1.00 23.35 ? 70  TYR A OH   1 
ATOM   673  H H    . TYR A 1 71  ? 10.831  4.016   2.791   1.00 0.00  ? 70  TYR A H    1 
ATOM   674  H HH   . TYR A 1 71  ? 12.680  7.639   7.297   1.00 0.00  ? 70  TYR A HH   1 
ATOM   675  N N    . ILE A 1 72  ? 8.677   1.516   5.146   1.00 10.23 ? 71  ILE A N    1 
ATOM   676  C CA   . ILE A 1 72  ? 7.548   1.681   6.054   1.00 9.76  ? 71  ILE A CA   1 
ATOM   677  C C    . ILE A 1 72  ? 8.004   1.681   7.519   1.00 15.09 ? 71  ILE A C    1 
ATOM   678  O O    . ILE A 1 72  ? 7.850   2.638   8.264   1.00 17.84 ? 71  ILE A O    1 
ATOM   679  C CB   . ILE A 1 72  ? 6.519   0.580   5.751   1.00 7.90  ? 71  ILE A CB   1 
ATOM   680  C CG1  . ILE A 1 72  ? 5.992   0.677   4.316   1.00 7.29  ? 71  ILE A CG1  1 
ATOM   681  C CG2  . ILE A 1 72  ? 5.335   0.652   6.714   1.00 10.59 ? 71  ILE A CG2  1 
ATOM   682  C CD1  . ILE A 1 72  ? 5.002   -0.465  3.981   1.00 8.28  ? 71  ILE A CD1  1 
ATOM   683  H H    . ILE A 1 72  ? 9.099   0.621   5.000   1.00 0.00  ? 71  ILE A H    1 
ATOM   684  N N    . THR A 1 73  ? 8.664   0.599   7.912   1.00 16.59 ? 72  THR A N    1 
ATOM   685  C CA   . THR A 1 73  ? 9.469   0.622   9.155   1.00 18.71 ? 72  THR A CA   1 
ATOM   686  C C    . THR A 1 73  ? 10.929  0.886   8.878   1.00 19.34 ? 72  THR A C    1 
ATOM   687  O O    . THR A 1 73  ? 11.544  0.233   8.054   1.00 18.06 ? 72  THR A O    1 
ATOM   688  C CB   . THR A 1 73  ? 9.492   -0.712  9.946   1.00 19.58 ? 72  THR A CB   1 
ATOM   689  O OG1  . THR A 1 73  ? 8.366   -1.546  9.642   1.00 26.66 ? 72  THR A OG1  1 
ATOM   690  C CG2  . THR A 1 73  ? 9.589   -0.453  11.451  1.00 19.79 ? 72  THR A CG2  1 
ATOM   691  H H    . THR A 1 73  ? 8.719   -0.170  7.270   1.00 0.00  ? 72  THR A H    1 
ATOM   692  H HG1  . THR A 1 73  ? 8.699   -2.414  9.395   1.00 0.00  ? 72  THR A HG1  1 
ATOM   693  N N    . SER A 1 74  ? 11.516  1.835   9.611   1.00 20.40 ? 73  SER A N    1 
ATOM   694  C CA   . SER A 1 74  ? 12.928  2.172   9.324   1.00 20.88 ? 73  SER A CA   1 
ATOM   695  C C    . SER A 1 74  ? 14.052  1.150   9.502   1.00 23.71 ? 73  SER A C    1 
ATOM   696  O O    . SER A 1 74  ? 15.153  1.347   9.015   1.00 23.47 ? 73  SER A O    1 
ATOM   697  C CB   . SER A 1 74  ? 13.377  3.430   10.056  1.00 22.02 ? 73  SER A CB   1 
ATOM   698  O OG   . SER A 1 74  ? 13.060  3.328   11.460  1.00 26.75 ? 73  SER A OG   1 
ATOM   699  H H    . SER A 1 74  ? 10.958  2.352   10.263  1.00 0.00  ? 73  SER A H    1 
ATOM   700  H HG   . SER A 1 74  ? 13.474  4.093   11.855  1.00 0.00  ? 73  SER A HG   1 
ATOM   701  N N    . ARG A 1 75  ? 13.787  0.027   10.205  1.00 26.81 ? 74  ARG A N    1 
ATOM   702  C CA   . ARG A 1 75  ? 14.861  -0.999  10.183  1.00 27.89 ? 74  ARG A CA   1 
ATOM   703  C C    . ARG A 1 75  ? 14.831  -1.944  8.952   1.00 25.99 ? 74  ARG A C    1 
ATOM   704  O O    . ARG A 1 75  ? 15.750  -2.707  8.681   1.00 26.45 ? 74  ARG A O    1 
ATOM   705  C CB   . ARG A 1 75  ? 14.973  -1.716  11.564  1.00 30.77 ? 74  ARG A CB   1 
ATOM   706  C CG   . ARG A 1 75  ? 16.279  -2.458  12.053  1.00 40.35 ? 74  ARG A CG   1 
ATOM   707  C CD   . ARG A 1 75  ? 17.605  -1.757  12.524  1.00 43.04 ? 74  ARG A CD   1 
ATOM   708  N NE   . ARG A 1 75  ? 18.419  -2.680  13.372  1.00 47.14 ? 74  ARG A NE   1 
ATOM   709  C CZ   . ARG A 1 75  ? 19.545  -2.401  14.086  1.00 45.04 ? 74  ARG A CZ   1 
ATOM   710  N NH1  . ARG A 1 75  ? 20.095  -1.218  14.076  1.00 45.30 ? 74  ARG A NH1  1 
ATOM   711  N NH2  . ARG A 1 75  ? 20.117  -3.327  14.830  1.00 43.31 ? 74  ARG A NH2  1 
ATOM   712  H H    . ARG A 1 75  ? 12.869  -0.116  10.568  1.00 0.00  ? 74  ARG A H    1 
ATOM   713  H HE   . ARG A 1 75  ? 18.134  -3.637  13.427  1.00 0.00  ? 74  ARG A HE   1 
ATOM   714  H HH11 . ARG A 1 75  ? 19.712  -0.495  13.508  1.00 0.00  ? 74  ARG A HH11 1 
ATOM   715  H HH12 . ARG A 1 75  ? 20.861  -1.006  14.673  1.00 0.00  ? 74  ARG A HH12 1 
ATOM   716  H HH21 . ARG A 1 75  ? 19.742  -4.245  14.886  1.00 0.00  ? 74  ARG A HH21 1 
ATOM   717  H HH22 . ARG A 1 75  ? 20.922  -3.097  15.372  1.00 0.00  ? 74  ARG A HH22 1 
ATOM   718  N N    . THR A 1 76  ? 13.736  -1.784  8.182   1.00 24.46 ? 75  THR A N    1 
ATOM   719  C CA   . THR A 1 76  ? 13.545  -2.553  6.941   1.00 22.49 ? 75  THR A CA   1 
ATOM   720  C C    . THR A 1 76  ? 13.345  -1.705  5.684   1.00 21.25 ? 75  THR A C    1 
ATOM   721  O O    . THR A 1 76  ? 12.275  -1.229  5.341   1.00 20.57 ? 75  THR A O    1 
ATOM   722  C CB   . THR A 1 76  ? 12.409  -3.550  7.142   1.00 23.24 ? 75  THR A CB   1 
ATOM   723  O OG1  . THR A 1 76  ? 12.609  -4.154  8.437   1.00 23.57 ? 75  THR A OG1  1 
ATOM   724  C CG2  . THR A 1 76  ? 12.325  -4.620  6.043   1.00 22.64 ? 75  THR A CG2  1 
ATOM   725  H H    . THR A 1 76  ? 12.995  -1.185  8.477   1.00 0.00  ? 75  THR A H    1 
ATOM   726  H HG1  . THR A 1 76  ? 12.120  -4.976  8.455   1.00 0.00  ? 75  THR A HG1  1 
ATOM   727  N N    . GLN A 1 77  ? 14.476  -1.500  5.029   1.00 19.50 ? 76  GLN A N    1 
ATOM   728  C CA   . GLN A 1 77  ? 14.535  -0.631  3.854   1.00 19.79 ? 76  GLN A CA   1 
ATOM   729  C C    . GLN A 1 77  ? 14.699  -1.326  2.504   1.00 18.61 ? 76  GLN A C    1 
ATOM   730  O O    . GLN A 1 77  ? 15.158  -2.449  2.391   1.00 19.17 ? 76  GLN A O    1 
ATOM   731  C CB   . GLN A 1 77  ? 15.682  0.369   4.028   1.00 17.48 ? 76  GLN A CB   1 
ATOM   732  C CG   . GLN A 1 77  ? 15.564  1.095   5.363   1.00 22.42 ? 76  GLN A CG   1 
ATOM   733  C CD   . GLN A 1 77  ? 16.683  2.085   5.502   1.00 25.53 ? 76  GLN A CD   1 
ATOM   734  O OE1  . GLN A 1 77  ? 17.342  2.511   4.561   1.00 29.75 ? 76  GLN A OE1  1 
ATOM   735  N NE2  . GLN A 1 77  ? 16.894  2.462   6.748   1.00 25.51 ? 76  GLN A NE2  1 
ATOM   736  H H    . GLN A 1 77  ? 15.284  -2.022  5.308   1.00 0.00  ? 76  GLN A H    1 
ATOM   737  H HE21 . GLN A 1 77  ? 17.633  3.120   6.850   1.00 0.00  ? 76  GLN A HE21 1 
ATOM   738  H HE22 . GLN A 1 77  ? 16.361  2.097   7.513   1.00 0.00  ? 76  GLN A HE22 1 
ATOM   739  N N    . PHE A 1 78  ? 14.322  -0.586  1.460   1.00 19.06 ? 77  PHE A N    1 
ATOM   740  C CA   . PHE A 1 78  ? 14.442  -1.109  0.100   1.00 17.52 ? 77  PHE A CA   1 
ATOM   741  C C    . PHE A 1 78  ? 15.066  -0.150  -0.881  1.00 18.83 ? 77  PHE A C    1 
ATOM   742  O O    . PHE A 1 78  ? 14.939  1.061   -0.838  1.00 17.79 ? 77  PHE A O    1 
ATOM   743  C CB   . PHE A 1 78  ? 13.091  -1.524  -0.480  1.00 15.91 ? 77  PHE A CB   1 
ATOM   744  C CG   . PHE A 1 78  ? 12.441  -2.425  0.530   1.00 14.94 ? 77  PHE A CG   1 
ATOM   745  C CD1  . PHE A 1 78  ? 12.719  -3.794  0.494   1.00 11.77 ? 77  PHE A CD1  1 
ATOM   746  C CD2  . PHE A 1 78  ? 11.587  -1.856  1.503   1.00 15.96 ? 77  PHE A CD2  1 
ATOM   747  C CE1  . PHE A 1 78  ? 12.133  -4.623  1.469   1.00 14.00 ? 77  PHE A CE1  1 
ATOM   748  C CE2  . PHE A 1 78  ? 11.014  -2.678  2.487   1.00 15.72 ? 77  PHE A CE2  1 
ATOM   749  C CZ   . PHE A 1 78  ? 11.292  -4.057  2.455   1.00 15.12 ? 77  PHE A CZ   1 
ATOM   750  H H    . PHE A 1 78  ? 13.863  0.273   1.687   1.00 0.00  ? 77  PHE A H    1 
ATOM   751  N N    . SER A 1 79  ? 15.760  -0.735  -1.844  1.00 20.04 ? 78  SER A N    1 
ATOM   752  C CA   . SER A 1 79  ? 16.345  0.225   -2.792  1.00 20.73 ? 78  SER A CA   1 
ATOM   753  C C    . SER A 1 79  ? 15.413  0.773   -3.869  1.00 18.29 ? 78  SER A C    1 
ATOM   754  O O    . SER A 1 79  ? 15.779  1.599   -4.693  1.00 22.53 ? 78  SER A O    1 
ATOM   755  C CB   . SER A 1 79  ? 17.589  -0.380  -3.464  1.00 24.83 ? 78  SER A CB   1 
ATOM   756  O OG   . SER A 1 79  ? 17.198  -1.479  -4.299  1.00 29.93 ? 78  SER A OG   1 
ATOM   757  H H    . SER A 1 79  ? 15.789  -1.734  -1.897  1.00 0.00  ? 78  SER A H    1 
ATOM   758  H HG   . SER A 1 79  ? 16.839  -2.139  -3.704  1.00 0.00  ? 78  SER A HG   1 
ATOM   759  N N    . SER A 1 80  ? 14.188  0.262   -3.831  1.00 13.52 ? 79  SER A N    1 
ATOM   760  C CA   . SER A 1 80  ? 13.139  0.716   -4.730  1.00 12.77 ? 79  SER A CA   1 
ATOM   761  C C    . SER A 1 80  ? 11.738  0.300   -4.269  1.00 13.92 ? 79  SER A C    1 
ATOM   762  O O    . SER A 1 80  ? 11.592  -0.567  -3.414  1.00 13.98 ? 79  SER A O    1 
ATOM   763  C CB   . SER A 1 80  ? 13.357  0.139   -6.123  1.00 12.95 ? 79  SER A CB   1 
ATOM   764  O OG   . SER A 1 80  ? 13.102  -1.278  -6.161  1.00 13.20 ? 79  SER A OG   1 
ATOM   765  H H    . SER A 1 80  ? 13.992  -0.448  -3.158  1.00 0.00  ? 79  SER A H    1 
ATOM   766  H HG   . SER A 1 80  ? 13.618  -1.593  -6.908  1.00 0.00  ? 79  SER A HG   1 
ATOM   767  N N    . LEU A 1 81  ? 10.698  0.903   -4.893  1.00 14.95 ? 80  LEU A N    1 
ATOM   768  C CA   . LEU A 1 81  ? 9.289   0.488   -4.698  1.00 14.13 ? 80  LEU A CA   1 
ATOM   769  C C    . LEU A 1 81  ? 8.899   -0.923  -5.163  1.00 16.15 ? 80  LEU A C    1 
ATOM   770  O O    . LEU A 1 81  ? 8.208   -1.657  -4.471  1.00 13.14 ? 80  LEU A O    1 
ATOM   771  C CB   . LEU A 1 81  ? 8.282   1.453   -5.353  1.00 15.16 ? 80  LEU A CB   1 
ATOM   772  C CG   . LEU A 1 81  ? 7.785   2.725   -4.646  1.00 15.60 ? 80  LEU A CG   1 
ATOM   773  C CD1  . LEU A 1 81  ? 8.166   2.860   -3.160  1.00 18.18 ? 80  LEU A CD1  1 
ATOM   774  C CD2  . LEU A 1 81  ? 7.960   3.958   -5.520  1.00 11.41 ? 80  LEU A CD2  1 
ATOM   775  H H    . LEU A 1 81  ? 10.917  1.658   -5.504  1.00 0.00  ? 80  LEU A H    1 
ATOM   776  N N    . GLN A 1 82  ? 9.395   -1.334  -6.349  1.00 17.72 ? 81  GLN A N    1 
ATOM   777  C CA   . GLN A 1 82  ? 9.194   -2.764  -6.652  1.00 17.65 ? 81  GLN A CA   1 
ATOM   778  C C    . GLN A 1 82  ? 9.808   -3.747  -5.660  1.00 14.18 ? 81  GLN A C    1 
ATOM   779  O O    . GLN A 1 82  ? 9.196   -4.749  -5.346  1.00 13.65 ? 81  GLN A O    1 
ATOM   780  C CB   . GLN A 1 82  ? 9.598   -3.172  -8.086  1.00 24.05 ? 81  GLN A CB   1 
ATOM   781  C CG   . GLN A 1 82  ? 9.455   -4.694  -8.426  1.00 32.57 ? 81  GLN A CG   1 
ATOM   782  C CD   . GLN A 1 82  ? 8.015   -5.282  -8.324  1.00 37.32 ? 81  GLN A CD   1 
ATOM   783  O OE1  . GLN A 1 82  ? 7.185   -5.198  -9.218  1.00 41.24 ? 81  GLN A OE1  1 
ATOM   784  N NE2  . GLN A 1 82  ? 7.717   -5.945  -7.217  1.00 35.97 ? 81  GLN A NE2  1 
ATOM   785  H H    . GLN A 1 82  ? 9.789   -0.682  -6.998  1.00 0.00  ? 81  GLN A H    1 
ATOM   786  H HE21 . GLN A 1 82  ? 6.780   -6.296  -7.269  1.00 0.00  ? 81  GLN A HE21 1 
ATOM   787  H HE22 . GLN A 1 82  ? 8.335   -6.053  -6.446  1.00 0.00  ? 81  GLN A HE22 1 
ATOM   788  N N    . GLN A 1 83  ? 10.998  -3.430  -5.114  1.00 11.82 ? 82  GLN A N    1 
ATOM   789  C CA   . GLN A 1 83  ? 11.485  -4.284  -4.012  1.00 12.35 ? 82  GLN A CA   1 
ATOM   790  C C    . GLN A 1 83  ? 10.699  -4.286  -2.715  1.00 10.51 ? 82  GLN A C    1 
ATOM   791  O O    . GLN A 1 83  ? 10.513  -5.329  -2.123  1.00 9.05  ? 82  GLN A O    1 
ATOM   792  C CB   . GLN A 1 83  ? 12.921  -3.968  -3.620  1.00 17.68 ? 82  GLN A CB   1 
ATOM   793  C CG   . GLN A 1 83  ? 14.015  -4.729  -4.362  1.00 30.21 ? 82  GLN A CG   1 
ATOM   794  C CD   . GLN A 1 83  ? 15.319  -3.964  -4.120  1.00 40.63 ? 82  GLN A CD   1 
ATOM   795  O OE1  . GLN A 1 83  ? 15.711  -3.528  -3.033  1.00 45.30 ? 82  GLN A OE1  1 
ATOM   796  N NE2  . GLN A 1 83  ? 15.993  -3.749  -5.247  1.00 45.00 ? 82  GLN A NE2  1 
ATOM   797  H H    . GLN A 1 83  ? 11.503  -2.631  -5.449  1.00 0.00  ? 82  GLN A H    1 
ATOM   798  H HE21 . GLN A 1 83  ? 16.846  -3.232  -5.181  1.00 0.00  ? 82  GLN A HE21 1 
ATOM   799  H HE22 . GLN A 1 83  ? 15.642  -4.051  -6.124  1.00 0.00  ? 82  GLN A HE22 1 
ATOM   800  N N    . LEU A 1 84  ? 10.189  -3.115  -2.298  1.00 12.46 ? 83  LEU A N    1 
ATOM   801  C CA   . LEU A 1 84  ? 9.173   -3.085  -1.222  1.00 13.65 ? 83  LEU A CA   1 
ATOM   802  C C    . LEU A 1 84  ? 7.945   -4.000  -1.451  1.00 13.01 ? 83  LEU A C    1 
ATOM   803  O O    . LEU A 1 84  ? 7.567   -4.842  -0.637  1.00 12.45 ? 83  LEU A O    1 
ATOM   804  C CB   . LEU A 1 84  ? 8.767   -1.603  -1.089  1.00 21.11 ? 83  LEU A CB   1 
ATOM   805  C CG   . LEU A 1 84  ? 7.714   -0.950  -0.122  1.00 22.86 ? 83  LEU A CG   1 
ATOM   806  C CD1  . LEU A 1 84  ? 6.325   -1.582  -0.047  1.00 16.53 ? 83  LEU A CD1  1 
ATOM   807  C CD2  . LEU A 1 84  ? 8.301   -0.483  1.204   1.00 21.76 ? 83  LEU A CD2  1 
ATOM   808  H H    . LEU A 1 84  ? 10.518  -2.280  -2.742  1.00 0.00  ? 83  LEU A H    1 
ATOM   809  N N    . VAL A 1 85  ? 7.334   -3.784  -2.630  1.00 11.15 ? 84  VAL A N    1 
ATOM   810  C CA   . VAL A 1 85  ? 6.186   -4.583  -3.064  1.00 8.76  ? 84  VAL A CA   1 
ATOM   811  C C    . VAL A 1 85  ? 6.407   -6.123  -3.172  1.00 11.30 ? 84  VAL A C    1 
ATOM   812  O O    . VAL A 1 85  ? 5.605   -6.949  -2.726  1.00 11.49 ? 84  VAL A O    1 
ATOM   813  C CB   . VAL A 1 85  ? 5.638   -3.988  -4.388  1.00 9.09  ? 84  VAL A CB   1 
ATOM   814  C CG1  . VAL A 1 85  ? 4.570   -4.870  -5.049  1.00 5.39  ? 84  VAL A CG1  1 
ATOM   815  C CG2  . VAL A 1 85  ? 5.053   -2.584  -4.151  1.00 5.79  ? 84  VAL A CG2  1 
ATOM   816  H H    . VAL A 1 85  ? 7.681   -3.044  -3.210  1.00 0.00  ? 84  VAL A H    1 
ATOM   817  N N    . ALA A 1 86  ? 7.556   -6.485  -3.772  1.00 10.97 ? 85  ALA A N    1 
ATOM   818  C CA   . ALA A 1 86  ? 8.014   -7.883  -3.749  1.00 10.02 ? 85  ALA A CA   1 
ATOM   819  C C    . ALA A 1 86  ? 8.260   -8.496  -2.349  1.00 11.45 ? 85  ALA A C    1 
ATOM   820  O O    . ALA A 1 86  ? 7.850   -9.615  -2.073  1.00 10.12 ? 85  ALA A O    1 
ATOM   821  C CB   . ALA A 1 86  ? 9.294   -8.058  -4.582  1.00 6.12  ? 85  ALA A CB   1 
ATOM   822  H H    . ALA A 1 86  ? 8.093   -5.745  -4.181  1.00 0.00  ? 85  ALA A H    1 
ATOM   823  N N    . TYR A 1 87  ? 8.898   -7.712  -1.447  1.00 10.43 ? 86  TYR A N    1 
ATOM   824  C CA   . TYR A 1 87  ? 8.959   -8.138  -0.035  1.00 10.01 ? 86  TYR A CA   1 
ATOM   825  C C    . TYR A 1 87  ? 7.609   -8.466  0.629   1.00 10.78 ? 86  TYR A C    1 
ATOM   826  O O    . TYR A 1 87  ? 7.313   -9.589  1.037   1.00 11.75 ? 86  TYR A O    1 
ATOM   827  C CB   . TYR A 1 87  ? 9.710   -7.091  0.792   1.00 11.34 ? 86  TYR A CB   1 
ATOM   828  C CG   . TYR A 1 87  ? 9.952   -7.539  2.250   1.00 15.22 ? 86  TYR A CG   1 
ATOM   829  C CD1  . TYR A 1 87  ? 11.079  -8.329  2.530   1.00 13.08 ? 86  TYR A CD1  1 
ATOM   830  C CD2  . TYR A 1 87  ? 9.077   -7.155  3.294   1.00 13.09 ? 86  TYR A CD2  1 
ATOM   831  C CE1  . TYR A 1 87  ? 11.338  -8.723  3.852   1.00 14.78 ? 86  TYR A CE1  1 
ATOM   832  C CE2  . TYR A 1 87  ? 9.327   -7.567  4.629   1.00 12.36 ? 86  TYR A CE2  1 
ATOM   833  C CZ   . TYR A 1 87  ? 10.467  -8.345  4.895   1.00 14.26 ? 86  TYR A CZ   1 
ATOM   834  O OH   . TYR A 1 87  ? 10.780  -8.772  6.174   1.00 13.90 ? 86  TYR A OH   1 
ATOM   835  H H    . TYR A 1 87  ? 9.289   -6.841  -1.753  1.00 0.00  ? 86  TYR A H    1 
ATOM   836  H HH   . TYR A 1 87  ? 10.061  -8.508  6.753   1.00 0.00  ? 86  TYR A HH   1 
ATOM   837  N N    . TYR A 1 88  ? 6.779   -7.417  0.693   1.00 8.87  ? 87  TYR A N    1 
ATOM   838  C CA   . TYR A 1 88  ? 5.492   -7.588  1.369   1.00 7.64  ? 87  TYR A CA   1 
ATOM   839  C C    . TYR A 1 88  ? 4.458   -8.506  0.724   1.00 8.99  ? 87  TYR A C    1 
ATOM   840  O O    . TYR A 1 88  ? 3.488   -8.965  1.326   1.00 7.65  ? 87  TYR A O    1 
ATOM   841  C CB   . TYR A 1 88  ? 4.903   -6.209  1.627   1.00 8.59  ? 87  TYR A CB   1 
ATOM   842  C CG   . TYR A 1 88  ? 5.757   -5.493  2.647   1.00 8.16  ? 87  TYR A CG   1 
ATOM   843  C CD1  . TYR A 1 88  ? 5.693   -5.946  3.977   1.00 9.12  ? 87  TYR A CD1  1 
ATOM   844  C CD2  . TYR A 1 88  ? 6.540   -4.392  2.265   1.00 6.26  ? 87  TYR A CD2  1 
ATOM   845  C CE1  . TYR A 1 88  ? 6.400   -5.252  4.970   1.00 6.89  ? 87  TYR A CE1  1 
ATOM   846  C CE2  . TYR A 1 88  ? 7.256   -3.709  3.261   1.00 7.59  ? 87  TYR A CE2  1 
ATOM   847  C CZ   . TYR A 1 88  ? 7.174   -4.158  4.594   1.00 6.87  ? 87  TYR A CZ   1 
ATOM   848  O OH   . TYR A 1 88  ? 7.921   -3.517  5.552   1.00 10.04 ? 87  TYR A OH   1 
ATOM   849  H H    . TYR A 1 88  ? 7.080   -6.526  0.337   1.00 0.00  ? 87  TYR A H    1 
ATOM   850  H HH   . TYR A 1 88  ? 7.869   -4.009  6.375   1.00 0.00  ? 87  TYR A HH   1 
ATOM   851  N N    . SER A 1 89  ? 4.739   -8.777  -0.576  1.00 10.80 ? 88  SER A N    1 
ATOM   852  C CA   . SER A 1 89  ? 4.051   -9.910  -1.244  1.00 11.74 ? 88  SER A CA   1 
ATOM   853  C C    . SER A 1 89  ? 4.342   -11.284 -0.712  1.00 9.35  ? 88  SER A C    1 
ATOM   854  O O    . SER A 1 89  ? 3.544   -12.201 -0.831  1.00 12.27 ? 88  SER A O    1 
ATOM   855  C CB   . SER A 1 89  ? 4.316   -10.082 -2.739  1.00 8.73  ? 88  SER A CB   1 
ATOM   856  O OG   . SER A 1 89  ? 3.760   -8.993  -3.453  1.00 13.24 ? 88  SER A OG   1 
ATOM   857  H H    . SER A 1 89  ? 5.418   -8.204  -1.037  1.00 0.00  ? 88  SER A H    1 
ATOM   858  H HG   . SER A 1 89  ? 4.233   -8.219  -3.144  1.00 0.00  ? 88  SER A HG   1 
ATOM   859  N N    . LYS A 1 90  ? 5.533   -11.413 -0.146  1.00 8.50  ? 89  LYS A N    1 
ATOM   860  C CA   . LYS A 1 90  ? 5.908   -12.703 0.433   1.00 10.48 ? 89  LYS A CA   1 
ATOM   861  C C    . LYS A 1 90  ? 5.645   -12.752 1.930   1.00 12.47 ? 89  LYS A C    1 
ATOM   862  O O    . LYS A 1 90  ? 5.248   -13.764 2.474   1.00 15.97 ? 89  LYS A O    1 
ATOM   863  C CB   . LYS A 1 90  ? 7.357   -13.062 -0.016  1.00 13.19 ? 89  LYS A CB   1 
ATOM   864  C CG   . LYS A 1 90  ? 7.371   -13.205 -1.580  1.00 21.23 ? 89  LYS A CG   1 
ATOM   865  C CD   . LYS A 1 90  ? 8.622   -12.833 -2.459  1.00 24.15 ? 89  LYS A CD   1 
ATOM   866  C CE   . LYS A 1 90  ? 8.393   -12.403 -3.966  1.00 23.34 ? 89  LYS A CE   1 
ATOM   867  N NZ   . LYS A 1 90  ? 9.650   -12.323 -4.759  1.00 14.72 ? 89  LYS A NZ   1 
ATOM   868  H H    . LYS A 1 90  ? 6.139   -10.618 -0.114  1.00 0.00  ? 89  LYS A H    1 
ATOM   869  H HZ1  . LYS A 1 90  ? 10.451  -12.785 -4.276  1.00 0.00  ? 89  LYS A HZ1  1 
ATOM   870  H HZ2  . LYS A 1 90  ? 9.506   -12.731 -5.713  1.00 0.00  ? 89  LYS A HZ2  1 
ATOM   871  H HZ3  . LYS A 1 90  ? 9.866   -11.326 -4.927  1.00 0.00  ? 89  LYS A HZ3  1 
ATOM   872  N N    . HIS A 1 91  ? 5.822   -11.603 2.596   1.00 14.39 ? 90  HIS A N    1 
ATOM   873  C CA   . HIS A 1 91  ? 5.668   -11.520 4.061   1.00 14.23 ? 90  HIS A CA   1 
ATOM   874  C C    . HIS A 1 91  ? 4.769   -10.371 4.462   1.00 13.66 ? 90  HIS A C    1 
ATOM   875  O O    . HIS A 1 91  ? 5.018   -9.276  3.991   1.00 14.42 ? 90  HIS A O    1 
ATOM   876  C CB   . HIS A 1 91  ? 6.974   -11.118 4.728   1.00 14.95 ? 90  HIS A CB   1 
ATOM   877  C CG   . HIS A 1 91  ? 8.083   -11.994 4.261   1.00 15.56 ? 90  HIS A CG   1 
ATOM   878  N ND1  . HIS A 1 91  ? 8.190   -13.283 4.633   1.00 19.15 ? 90  HIS A ND1  1 
ATOM   879  C CD2  . HIS A 1 91  ? 9.116   -11.658 3.388   1.00 16.98 ? 90  HIS A CD2  1 
ATOM   880  C CE1  . HIS A 1 91  ? 9.288   -13.775 3.998   1.00 16.58 ? 90  HIS A CE1  1 
ATOM   881  N NE2  . HIS A 1 91  ? 9.853   -12.781 3.239   1.00 18.31 ? 90  HIS A NE2  1 
ATOM   882  H H    . HIS A 1 91  ? 6.114   -10.805 2.070   1.00 0.00  ? 90  HIS A H    1 
ATOM   883  H HD1  . HIS A 1 91  ? 7.543   -13.787 5.163   1.00 0.00  ? 90  HIS A HD1  1 
ATOM   884  N N    . ALA A 1 92  ? 3.790   -10.598 5.370   1.00 12.29 ? 91  ALA A N    1 
ATOM   885  C CA   . ALA A 1 92  ? 3.109   -9.418  5.951   1.00 11.94 ? 91  ALA A CA   1 
ATOM   886  C C    . ALA A 1 92  ? 4.034   -8.469  6.731   1.00 11.59 ? 91  ALA A C    1 
ATOM   887  O O    . ALA A 1 92  ? 4.000   -7.259  6.597   1.00 13.43 ? 91  ALA A O    1 
ATOM   888  C CB   . ALA A 1 92  ? 1.984   -9.861  6.907   1.00 9.97  ? 91  ALA A CB   1 
ATOM   889  H H    . ALA A 1 92  ? 3.689   -11.525 5.725   1.00 0.00  ? 91  ALA A H    1 
ATOM   890  N N    . ASP A 1 93  ? 4.856   -9.120  7.590   1.00 12.99 ? 92  ASP A N    1 
ATOM   891  C CA   . ASP A 1 93  ? 5.855   -8.481  8.485   1.00 13.02 ? 92  ASP A CA   1 
ATOM   892  C C    . ASP A 1 93  ? 5.393   -7.184  9.159   1.00 11.66 ? 92  ASP A C    1 
ATOM   893  O O    . ASP A 1 93  ? 5.902   -6.082  8.973   1.00 11.91 ? 92  ASP A O    1 
ATOM   894  C CB   . ASP A 1 93  ? 7.230   -8.375  7.769   1.00 10.68 ? 92  ASP A CB   1 
ATOM   895  C CG   . ASP A 1 93  ? 8.430   -8.050  8.691   1.00 11.02 ? 92  ASP A CG   1 
ATOM   896  O OD1  . ASP A 1 93  ? 8.399   -8.269  9.900   1.00 8.12  ? 92  ASP A OD1  1 
ATOM   897  O OD2  . ASP A 1 93  ? 9.426   -7.559  8.164   1.00 12.13 ? 92  ASP A OD2  1 
ATOM   898  H H    . ASP A 1 93  ? 4.830   -10.115 7.520   1.00 0.00  ? 92  ASP A H    1 
ATOM   899  N N    . GLY A 1 94  ? 4.285   -7.377  9.912   1.00 11.74 ? 93  GLY A N    1 
ATOM   900  C CA   . GLY A 1 94  ? 3.606   -6.233  10.527  1.00 12.41 ? 93  GLY A CA   1 
ATOM   901  C C    . GLY A 1 94  ? 2.564   -5.448  9.704   1.00 14.91 ? 93  GLY A C    1 
ATOM   902  O O    . GLY A 1 94  ? 1.746   -4.755  10.279  1.00 14.24 ? 93  GLY A O    1 
ATOM   903  H H    . GLY A 1 94  ? 3.984   -8.322  10.039  1.00 0.00  ? 93  GLY A H    1 
ATOM   904  N N    . LEU A 1 95  ? 2.547   -5.581  8.354   1.00 15.48 ? 94  LEU A N    1 
ATOM   905  C CA   . LEU A 1 95  ? 1.323   -5.130  7.641   1.00 14.61 ? 94  LEU A CA   1 
ATOM   906  C C    . LEU A 1 95  ? 0.072   -5.914  8.047   1.00 14.67 ? 94  LEU A C    1 
ATOM   907  O O    . LEU A 1 95  ? 0.194   -7.005  8.572   1.00 15.55 ? 94  LEU A O    1 
ATOM   908  C CB   . LEU A 1 95  ? 1.442   -5.201  6.101   1.00 14.48 ? 94  LEU A CB   1 
ATOM   909  C CG   . LEU A 1 95  ? 2.629   -4.473  5.445   1.00 13.86 ? 94  LEU A CG   1 
ATOM   910  C CD1  . LEU A 1 95  ? 2.394   -4.340  3.948   1.00 13.79 ? 94  LEU A CD1  1 
ATOM   911  C CD2  . LEU A 1 95  ? 2.912   -3.076  6.006   1.00 11.49 ? 94  LEU A CD2  1 
ATOM   912  H H    . LEU A 1 95  ? 3.317   -6.017  7.881   1.00 0.00  ? 94  LEU A H    1 
ATOM   913  N N    . CYS A 1 96  ? -1.143  -5.375  7.792   1.00 15.89 ? 95  CYS A N    1 
ATOM   914  C CA   . CYS A 1 96  ? -2.392  -6.120  8.122   1.00 13.42 ? 95  CYS A CA   1 
ATOM   915  C C    . CYS A 1 96  ? -2.551  -7.533  7.527   1.00 14.79 ? 95  CYS A C    1 
ATOM   916  O O    . CYS A 1 96  ? -3.220  -8.443  8.027   1.00 15.39 ? 95  CYS A O    1 
ATOM   917  C CB   . CYS A 1 96  ? -3.628  -5.290  7.733   1.00 13.52 ? 95  CYS A CB   1 
ATOM   918  S SG   . CYS A 1 96  ? -3.758  -4.773  5.981   1.00 15.71 ? 95  CYS A SG   1 
ATOM   919  H H    . CYS A 1 96  ? -1.166  -4.441  7.431   1.00 0.00  ? 95  CYS A H    1 
ATOM   920  N N    . HIS A 1 97  ? -1.876  -7.637  6.377   1.00 11.02 ? 96  HIS A N    1 
ATOM   921  C CA   . HIS A 1 97  ? -2.009  -8.753  5.449   1.00 10.95 ? 96  HIS A CA   1 
ATOM   922  C C    . HIS A 1 97  ? -0.882  -8.661  4.419   1.00 11.42 ? 96  HIS A C    1 
ATOM   923  O O    . HIS A 1 97  ? -0.417  -7.585  4.039   1.00 9.52  ? 96  HIS A O    1 
ATOM   924  C CB   . HIS A 1 97  ? -3.405  -8.694  4.804   1.00 13.02 ? 96  HIS A CB   1 
ATOM   925  C CG   . HIS A 1 97  ? -3.806  -10.016 4.190   1.00 15.39 ? 96  HIS A CG   1 
ATOM   926  N ND1  . HIS A 1 97  ? -4.496  -10.950 4.864   1.00 16.49 ? 96  HIS A ND1  1 
ATOM   927  C CD2  . HIS A 1 97  ? -3.580  -10.496 2.898   1.00 15.08 ? 96  HIS A CD2  1 
ATOM   928  C CE1  . HIS A 1 97  ? -4.706  -12.007 4.018   1.00 16.07 ? 96  HIS A CE1  1 
ATOM   929  N NE2  . HIS A 1 97  ? -4.146  -11.726 2.811   1.00 18.66 ? 96  HIS A NE2  1 
ATOM   930  H H    . HIS A 1 97  ? -1.426  -6.806  6.054   1.00 0.00  ? 96  HIS A H    1 
ATOM   931  H HD1  . HIS A 1 97  ? -4.797  -10.881 5.786   1.00 0.00  ? 96  HIS A HD1  1 
ATOM   932  N N    . ARG A 1 98  ? -0.451  -9.852  3.987   1.00 12.39 ? 97  ARG A N    1 
ATOM   933  C CA   . ARG A 1 98  ? 0.393   -9.956  2.791   1.00 12.68 ? 97  ARG A CA   1 
ATOM   934  C C    . ARG A 1 98  ? -0.268  -9.372  1.521   1.00 11.85 ? 97  ARG A C    1 
ATOM   935  O O    . ARG A 1 98  ? -1.462  -9.527  1.241   1.00 9.23  ? 97  ARG A O    1 
ATOM   936  C CB   . ARG A 1 98  ? 0.723   -11.449 2.689   1.00 15.64 ? 97  ARG A CB   1 
ATOM   937  C CG   . ARG A 1 98  ? 1.323   -12.024 1.425   1.00 21.58 ? 97  ARG A CG   1 
ATOM   938  C CD   . ARG A 1 98  ? 2.246   -13.192 1.788   1.00 23.07 ? 97  ARG A CD   1 
ATOM   939  N NE   . ARG A 1 98  ? 1.737   -14.539 1.545   1.00 29.92 ? 97  ARG A NE   1 
ATOM   940  C CZ   . ARG A 1 98  ? 2.092   -15.247 0.473   1.00 31.72 ? 97  ARG A CZ   1 
ATOM   941  N NH1  . ARG A 1 98  ? 2.617   -14.673 -0.568  1.00 34.71 ? 97  ARG A NH1  1 
ATOM   942  N NH2  . ARG A 1 98  ? 1.911   -16.544 0.420   1.00 33.93 ? 97  ARG A NH2  1 
ATOM   943  H H    . ARG A 1 98  ? -0.832  -10.678 4.390   1.00 0.00  ? 97  ARG A H    1 
ATOM   944  H HE   . ARG A 1 98  ? 1.253   -15.037 2.265   1.00 0.00  ? 97  ARG A HE   1 
ATOM   945  H HH11 . ARG A 1 98  ? 2.748   -13.679 -0.594  1.00 0.00  ? 97  ARG A HH11 1 
ATOM   946  H HH12 . ARG A 1 98  ? 2.870   -15.220 -1.366  1.00 0.00  ? 97  ARG A HH12 1 
ATOM   947  H HH21 . ARG A 1 98  ? 1.624   -17.096 1.217   1.00 0.00  ? 97  ARG A HH21 1 
ATOM   948  H HH22 . ARG A 1 98  ? 2.081   -17.017 -0.441  1.00 0.00  ? 97  ARG A HH22 1 
ATOM   949  N N    . LEU A 1 99  ? 0.563   -8.658  0.769   1.00 10.67 ? 98  LEU A N    1 
ATOM   950  C CA   . LEU A 1 99  ? 0.052   -8.152  -0.518  1.00 8.61  ? 98  LEU A CA   1 
ATOM   951  C C    . LEU A 1 99  ? -0.382  -9.294  -1.467  1.00 12.60 ? 98  LEU A C    1 
ATOM   952  O O    . LEU A 1 99  ? 0.323   -10.289 -1.669  1.00 15.23 ? 98  LEU A O    1 
ATOM   953  C CB   . LEU A 1 99  ? 1.188   -7.312  -1.118  1.00 7.33  ? 98  LEU A CB   1 
ATOM   954  C CG   . LEU A 1 99  ? 1.267   -5.840  -0.739  1.00 6.33  ? 98  LEU A CG   1 
ATOM   955  C CD1  . LEU A 1 99  ? 0.812   -5.567  0.668   1.00 8.37  ? 98  LEU A CD1  1 
ATOM   956  C CD2  . LEU A 1 99  ? 2.579   -5.154  -1.118  1.00 5.45  ? 98  LEU A CD2  1 
ATOM   957  H H    . LEU A 1 99  ? 1.517   -8.582  1.064   1.00 0.00  ? 98  LEU A H    1 
ATOM   958  N N    . THR A 1 100 ? -1.594  -9.132  -2.005  1.00 11.32 ? 99  THR A N    1 
ATOM   959  C CA   . THR A 1 100 ? -2.153  -10.163 -2.881  1.00 11.37 ? 99  THR A CA   1 
ATOM   960  C C    . THR A 1 100 ? -2.464  -9.611  -4.259  1.00 11.12 ? 99  THR A C    1 
ATOM   961  O O    . THR A 1 100 ? -1.563  -9.387  -5.052  1.00 13.93 ? 99  THR A O    1 
ATOM   962  C CB   . THR A 1 100 ? -3.392  -10.899 -2.300  1.00 10.04 ? 99  THR A CB   1 
ATOM   963  O OG1  . THR A 1 100 ? -4.500  -10.017 -2.182  1.00 12.58 ? 99  THR A OG1  1 
ATOM   964  C CG2  . THR A 1 100 ? -3.157  -11.544 -0.943  1.00 8.03  ? 99  THR A CG2  1 
ATOM   965  H H    . THR A 1 100 ? -2.088  -8.317  -1.704  1.00 0.00  ? 99  THR A H    1 
ATOM   966  H HG1  . THR A 1 100 ? -4.918  -10.246 -1.348  1.00 0.00  ? 99  THR A HG1  1 
ATOM   967  N N    . ASN A 1 101 ? -3.724  -9.359  -4.576  1.00 11.08 ? 100 ASN A N    1 
ATOM   968  C CA   . ASN A 1 101 ? -3.983  -8.822  -5.911  1.00 9.51  ? 100 ASN A CA   1 
ATOM   969  C C    . ASN A 1 101 ? -3.576  -7.363  -6.066  1.00 11.12 ? 100 ASN A C    1 
ATOM   970  O O    . ASN A 1 101 ? -3.739  -6.543  -5.174  1.00 9.46  ? 100 ASN A O    1 
ATOM   971  C CB   . ASN A 1 101 ? -5.471  -8.946  -6.236  1.00 9.94  ? 100 ASN A CB   1 
ATOM   972  C CG   . ASN A 1 101 ? -5.898  -10.359 -6.573  1.00 13.45 ? 100 ASN A CG   1 
ATOM   973  O OD1  . ASN A 1 101 ? -5.122  -11.300 -6.617  1.00 14.81 ? 100 ASN A OD1  1 
ATOM   974  N ND2  . ASN A 1 101 ? -7.197  -10.510 -6.816  1.00 13.52 ? 100 ASN A ND2  1 
ATOM   975  H H    . ASN A 1 101 ? -4.440  -9.366  -3.882  1.00 0.00  ? 100 ASN A H    1 
ATOM   976  H HD21 . ASN A 1 101 ? -7.559  -11.420 -7.004  1.00 0.00  ? 100 ASN A HD21 1 
ATOM   977  H HD22 . ASN A 1 101 ? -7.792  -9.706  -6.811  1.00 0.00  ? 100 ASN A HD22 1 
ATOM   978  N N    . VAL A 1 102 ? -3.056  -7.027  -7.238  1.00 15.06 ? 101 VAL A N    1 
ATOM   979  C CA   . VAL A 1 102 ? -3.025  -5.565  -7.469  1.00 19.76 ? 101 VAL A CA   1 
ATOM   980  C C    . VAL A 1 102 ? -4.417  -4.964  -7.750  1.00 19.96 ? 101 VAL A C    1 
ATOM   981  O O    . VAL A 1 102 ? -5.306  -5.617  -8.270  1.00 20.94 ? 101 VAL A O    1 
ATOM   982  C CB   . VAL A 1 102 ? -2.023  -5.097  -8.547  1.00 17.94 ? 101 VAL A CB   1 
ATOM   983  C CG1  . VAL A 1 102 ? -0.645  -5.731  -8.329  1.00 17.92 ? 101 VAL A CG1  1 
ATOM   984  C CG2  . VAL A 1 102 ? -2.578  -5.374  -9.936  1.00 20.67 ? 101 VAL A CG2  1 
ATOM   985  H H    . VAL A 1 102 ? -2.959  -7.722  -7.954  1.00 0.00  ? 101 VAL A H    1 
ATOM   986  N N    . CYS A 1 103 ? -4.607  -3.715  -7.370  1.00 17.81 ? 102 CYS A N    1 
ATOM   987  C CA   . CYS A 1 103 ? -5.957  -3.211  -7.595  1.00 17.60 ? 102 CYS A CA   1 
ATOM   988  C C    . CYS A 1 103 ? -6.355  -3.036  -9.062  1.00 17.93 ? 102 CYS A C    1 
ATOM   989  O O    . CYS A 1 103 ? -5.669  -2.409  -9.864  1.00 17.55 ? 102 CYS A O    1 
ATOM   990  C CB   . CYS A 1 103 ? -6.124  -1.932  -6.805  1.00 15.85 ? 102 CYS A CB   1 
ATOM   991  S SG   . CYS A 1 103 ? -7.854  -1.482  -6.798  1.00 20.77 ? 102 CYS A SG   1 
ATOM   992  H H    . CYS A 1 103 ? -3.860  -3.239  -6.912  1.00 0.00  ? 102 CYS A H    1 
ATOM   993  N N    . PRO A 1 104 ? -7.486  -3.636  -9.406  1.00 21.41 ? 103 PRO A N    1 
ATOM   994  C CA   . PRO A 1 104 ? -7.951  -3.520  -10.795 1.00 29.07 ? 103 PRO A CA   1 
ATOM   995  C C    . PRO A 1 104 ? -8.663  -2.177  -11.056 1.00 35.53 ? 103 PRO A C    1 
ATOM   996  O O    . PRO A 1 104 ? -9.238  -1.604  -10.133 1.00 38.48 ? 103 PRO A O    1 
ATOM   997  C CB   . PRO A 1 104 ? -8.869  -4.745  -10.877 1.00 26.19 ? 103 PRO A CB   1 
ATOM   998  C CG   . PRO A 1 104 ? -9.527  -4.799  -9.496  1.00 25.23 ? 103 PRO A CG   1 
ATOM   999  C CD   . PRO A 1 104 ? -8.378  -4.415  -8.559  1.00 23.48 ? 103 PRO A CD   1 
ATOM   1000 N N    . THR A 1 105 ? -8.577  -1.733  -12.322 1.00 41.09 ? 104 THR A N    1 
ATOM   1001 C CA   . THR A 1 105 ? -8.991  -0.417  -12.889 1.00 48.18 ? 104 THR A CA   1 
ATOM   1002 C C    . THR A 1 105 ? -7.808  0.573   -13.276 1.00 49.83 ? 104 THR A C    1 
ATOM   1003 O O    . THR A 1 105 ? -7.052  0.327   -14.226 1.00 50.02 ? 104 THR A O    1 
ATOM   1004 C CB   . THR A 1 105 ? -10.189 0.317   -12.129 1.00 52.31 ? 104 THR A CB   1 
ATOM   1005 O OG1  . THR A 1 105 ? -11.205 -0.563  -11.551 1.00 53.23 ? 104 THR A OG1  1 
ATOM   1006 C CG2  . THR A 1 105 ? -10.922 1.333   -13.032 1.00 54.56 ? 104 THR A CG2  1 
ATOM   1007 H H    . THR A 1 105 ? -8.117  -2.353  -12.950 1.00 0.00  ? 104 THR A H    1 
ATOM   1008 H HG1  . THR A 1 105 ? -10.762 -1.016  -10.843 1.00 0.00  ? 104 THR A HG1  1 
HETATM 1009 C C1   . 1C5 B 2 .   ? 4.923   -2.514  10.656  1.00 33.79 ? 113 1C5 A C1   1 
HETATM 1010 C C2   . 1C5 B 2 .   ? 4.236   -2.746  12.003  1.00 35.20 ? 113 1C5 A C2   1 
HETATM 1011 C C3   . 1C5 B 2 .   ? 3.102   -1.731  12.260  1.00 35.55 ? 113 1C5 A C3   1 
HETATM 1012 C C4   . 1C5 B 2 .   ? 3.627   -0.285  12.194  1.00 32.79 ? 113 1C5 A C4   1 
HETATM 1013 C C5   . 1C5 B 2 .   ? 4.255   -0.061  10.813  1.00 37.12 ? 113 1C5 A C5   1 
HETATM 1014 C C6   . 1C5 B 2 .   ? 5.389   -1.062  10.524  1.00 36.48 ? 113 1C5 A C6   1 
HETATM 1015 C C7   . 1C5 B 2 .   ? 2.564   0.765   12.604  1.00 30.31 ? 113 1C5 A C7   1 
HETATM 1016 C C8   . 1C5 B 2 .   ? 3.052   2.220   12.599  1.00 23.87 ? 113 1C5 A C8   1 
HETATM 1017 C C9   . 1C5 B 2 .   ? 1.961   3.296   12.811  1.00 23.88 ? 113 1C5 A C9   1 
HETATM 1018 C C10  . 1C5 B 2 .   ? 1.765   3.641   14.288  1.00 25.45 ? 113 1C5 A C10  1 
HETATM 1019 C C11  . 1C5 B 2 .   ? 0.586   3.538   11.022  1.00 16.94 ? 113 1C5 A C11  1 
HETATM 1020 C C12  . 1C5 B 2 .   ? -0.904  3.081   10.457  1.00 17.72 ? 113 1C5 A C12  1 
HETATM 1021 C C13  . 1C5 B 2 .   ? -0.827  1.692   9.977   1.00 15.23 ? 113 1C5 A C13  1 
HETATM 1022 C C14  . 1C5 B 2 .   ? -2.139  1.296   9.304   1.00 16.32 ? 113 1C5 A C14  1 
HETATM 1023 C C15  . 1C5 B 2 .   ? -3.240  1.205   10.364  1.00 17.28 ? 113 1C5 A C15  1 
HETATM 1024 C C16  . 1C5 B 2 .   ? -1.432  5.312   9.559   1.00 16.30 ? 113 1C5 A C16  1 
HETATM 1025 C C17  . 1C5 B 2 .   ? -1.752  6.268   8.411   1.00 15.45 ? 113 1C5 A C17  1 
HETATM 1026 C C18  . 1C5 B 2 .   ? -0.425  6.796   7.812   1.00 13.16 ? 113 1C5 A C18  1 
HETATM 1027 C C19  . 1C5 B 2 .   ? -0.582  7.639   6.539   1.00 13.43 ? 113 1C5 A C19  1 
HETATM 1028 C C20  . 1C5 B 2 .   ? -0.803  7.017   5.299   1.00 14.24 ? 113 1C5 A C20  1 
HETATM 1029 C C21  . 1C5 B 2 .   ? -0.894  7.806   4.139   1.00 16.36 ? 113 1C5 A C21  1 
HETATM 1030 C C22  . 1C5 B 2 .   ? -0.753  9.204   4.219   1.00 14.55 ? 113 1C5 A C22  1 
HETATM 1031 C C23  . 1C5 B 2 .   ? -0.525  9.826   5.455   1.00 13.74 ? 113 1C5 A C23  1 
HETATM 1032 C C24  . 1C5 B 2 .   ? -0.471  9.042   6.617   1.00 13.16 ? 113 1C5 A C24  1 
HETATM 1033 C C25  . 1C5 B 2 .   ? -3.864  7.326   8.452   1.00 20.32 ? 113 1C5 A C25  1 
HETATM 1034 C C26  . 1C5 B 2 .   ? -4.753  8.438   9.011   1.00 24.04 ? 113 1C5 A C26  1 
HETATM 1035 N N1   . 1C5 B 2 .   ? 0.604   4.179   14.617  1.00 25.61 ? 113 1C5 A N1   1 
HETATM 1036 N N2   . 1C5 B 2 .   ? 0.700   3.012   12.028  1.00 16.19 ? 113 1C5 A N2   1 
HETATM 1037 N N3   . 1C5 B 2 .   ? -1.487  4.012   9.269   1.00 16.92 ? 113 1C5 A N3   1 
HETATM 1038 N N4   . 1C5 B 2 .   ? -2.611  7.366   8.868   1.00 17.93 ? 113 1C5 A N4   1 
HETATM 1039 O O1   . 1C5 B 2 .   ? 2.658   3.481   15.088  1.00 29.25 ? 113 1C5 A O1   1 
HETATM 1040 O O2   . 1C5 B 2 .   ? 1.343   4.184   10.506  1.00 24.34 ? 113 1C5 A O2   1 
HETATM 1041 O O3   . 1C5 B 2 .   ? -4.257  1.884   10.224  1.00 19.40 ? 113 1C5 A O3   1 
HETATM 1042 O O4   . 1C5 B 2 .   ? -3.150  0.461   11.307  1.00 12.39 ? 113 1C5 A O4   1 
HETATM 1043 O O5   . 1C5 B 2 .   ? -1.121  5.744   10.660  1.00 16.74 ? 113 1C5 A O5   1 
HETATM 1044 O O6   . 1C5 B 2 .   ? -4.255  6.496   7.637   1.00 15.45 ? 113 1C5 A O6   1 
HETATM 1045 O O4P  . 1C5 B 2 .   ? -0.870  10.001  3.059   1.00 17.27 ? 113 1C5 A O4P  1 
HETATM 1046 O O1P  . 1C5 B 2 .   ? -3.229  9.200   2.887   1.00 15.64 ? 113 1C5 A O1P  1 
HETATM 1047 O O2P  . 1C5 B 2 .   ? -2.303  10.487  1.092   1.00 15.51 ? 113 1C5 A O2P  1 
HETATM 1048 O O3P  . 1C5 B 2 .   ? -2.780  11.569  3.216   1.00 15.84 ? 113 1C5 A O3P  1 
HETATM 1049 P P    . 1C5 B 2 .   ? -2.300  10.329  2.567   1.00 17.93 ? 113 1C5 A P    1 
HETATM 1050 H H9   . 1C5 B 2 .   ? 2.417   4.234   12.482  1.00 0.00  ? 113 1C5 A H9   1 
HETATM 1051 H HN11 . 1C5 B 2 .   ? 0.610   4.447   15.574  1.00 0.00  ? 113 1C5 A HN11 1 
HETATM 1052 H HN12 . 1C5 B 2 .   ? -0.179  4.302   14.011  1.00 0.00  ? 113 1C5 A HN12 1 
HETATM 1053 H HN2  . 1C5 B 2 .   ? -0.095  2.525   12.393  1.00 0.00  ? 113 1C5 A HN2  1 
HETATM 1054 H HN3  . 1C5 B 2 .   ? -1.984  3.774   8.431   1.00 0.00  ? 113 1C5 A HN3  1 
HETATM 1055 H HN4  . 1C5 B 2 .   ? -2.387  7.989   9.625   1.00 0.00  ? 113 1C5 A HN4  1 
HETATM 1056 O O    . HOH C 3 .   ? 9.471   -1.225  5.624   1.00 6.66  ? 114 HOH A O    1 
HETATM 1057 H H1   . HOH C 3 .   ? 10.406  -1.442  5.525   1.00 0.00  ? 114 HOH A H1   1 
HETATM 1058 H H2   . HOH C 3 .   ? 9.046   -2.057  5.397   1.00 0.00  ? 114 HOH A H2   1 
HETATM 1059 O O    . HOH C 3 .   ? -3.072  8.104   11.920  1.00 40.03 ? 115 HOH A O    1 
HETATM 1060 H H1   . HOH C 3 .   ? -2.365  8.506   12.435  1.00 0.00  ? 115 HOH A H1   1 
HETATM 1061 H H2   . HOH C 3 .   ? -3.641  7.744   12.602  1.00 0.00  ? 115 HOH A H2   1 
HETATM 1062 O O    . HOH C 3 .   ? 8.460   -4.484  8.572   1.00 35.91 ? 116 HOH A O    1 
HETATM 1063 H H1   . HOH C 3 .   ? 7.604   -4.901  8.764   1.00 0.00  ? 116 HOH A H1   1 
HETATM 1064 H H2   . HOH C 3 .   ? 8.994   -5.296  8.535   1.00 0.00  ? 116 HOH A H2   1 
HETATM 1065 O O    . HOH C 3 .   ? 2.301   4.245   7.963   1.00 17.06 ? 117 HOH A O    1 
HETATM 1066 H H1   . HOH C 3 .   ? 1.925   4.798   8.661   1.00 0.00  ? 117 HOH A H1   1 
HETATM 1067 H H2   . HOH C 3 .   ? 3.238   4.240   8.217   1.00 0.00  ? 117 HOH A H2   1 
HETATM 1068 O O    . HOH C 3 .   ? -4.972  3.505   7.867   1.00 13.75 ? 118 HOH A O    1 
HETATM 1069 H H1   . HOH C 3 .   ? -5.917  3.560   7.675   1.00 0.00  ? 118 HOH A H1   1 
HETATM 1070 H H2   . HOH C 3 .   ? -4.955  3.033   8.713   1.00 0.00  ? 118 HOH A H2   1 
HETATM 1071 O O    . HOH C 3 .   ? -2.398  -2.419  10.484  1.00 50.44 ? 119 HOH A O    1 
HETATM 1072 H H1   . HOH C 3 .   ? -2.742  -1.611  10.896  1.00 0.00  ? 119 HOH A H1   1 
HETATM 1073 H H2   . HOH C 3 .   ? -1.923  -2.834  11.215  1.00 0.00  ? 119 HOH A H2   1 
HETATM 1074 O O    . HOH C 3 .   ? -0.063  -1.012  14.376  1.00 10.38 ? 120 HOH A O    1 
HETATM 1075 H H1   . HOH C 3 .   ? -0.834  -0.495  14.120  1.00 0.00  ? 120 HOH A H1   1 
HETATM 1076 H H2   . HOH C 3 .   ? -0.321  -1.904  14.095  1.00 0.00  ? 120 HOH A H2   1 
HETATM 1077 O O    . HOH C 3 .   ? -1.503  -3.943  13.615  1.00 13.93 ? 121 HOH A O    1 
HETATM 1078 H H1   . HOH C 3 .   ? -2.366  -4.346  13.462  1.00 0.00  ? 121 HOH A H1   1 
HETATM 1079 H H2   . HOH C 3 .   ? -0.927  -4.583  13.153  1.00 0.00  ? 121 HOH A H2   1 
HETATM 1080 O O    . HOH C 3 .   ? -13.235 6.550   0.507   1.00 34.34 ? 122 HOH A O    1 
HETATM 1081 H H1   . HOH C 3 .   ? -13.476 5.887   1.168   1.00 0.00  ? 122 HOH A H1   1 
HETATM 1082 H H2   . HOH C 3 .   ? -12.333 6.747   0.816   1.00 0.00  ? 122 HOH A H2   1 
HETATM 1083 O O    . HOH C 3 .   ? -4.777  0.903   14.503  1.00 35.94 ? 123 HOH A O    1 
HETATM 1084 H H1   . HOH C 3 .   ? -4.459  1.155   13.626  1.00 0.00  ? 123 HOH A H1   1 
HETATM 1085 H H2   . HOH C 3 .   ? -5.611  0.471   14.287  1.00 0.00  ? 123 HOH A H2   1 
HETATM 1086 O O    . HOH C 3 .   ? -0.940  11.177  14.565  1.00 44.91 ? 124 HOH A O    1 
HETATM 1087 H H1   . HOH C 3 .   ? -0.427  11.753  15.139  1.00 0.00  ? 124 HOH A H1   1 
HETATM 1088 H H2   . HOH C 3 .   ? -0.322  10.952  13.863  1.00 0.00  ? 124 HOH A H2   1 
HETATM 1089 O O    . HOH C 3 .   ? -2.511  10.983  9.053   1.00 37.14 ? 125 HOH A O    1 
HETATM 1090 H H1   . HOH C 3 .   ? -2.622  11.706  8.428   1.00 0.00  ? 125 HOH A H1   1 
HETATM 1091 H H2   . HOH C 3 .   ? -2.849  11.373  9.866   1.00 0.00  ? 125 HOH A H2   1 
HETATM 1092 O O    . HOH C 3 .   ? -3.901  12.478  6.189   1.00 20.15 ? 126 HOH A O    1 
HETATM 1093 H H1   . HOH C 3 .   ? -3.183  13.124  6.245   1.00 0.00  ? 126 HOH A H1   1 
HETATM 1094 H H2   . HOH C 3 .   ? -4.416  12.661  6.982   1.00 0.00  ? 126 HOH A H2   1 
HETATM 1095 O O    . HOH C 3 .   ? -1.694  4.897   13.438  1.00 38.13 ? 127 HOH A O    1 
HETATM 1096 H H1   . HOH C 3 .   ? -2.115  5.727   13.696  1.00 0.00  ? 127 HOH A H1   1 
HETATM 1097 H H2   . HOH C 3 .   ? -1.360  5.098   12.561  1.00 0.00  ? 127 HOH A H2   1 
HETATM 1098 O O    . HOH C 3 .   ? -4.174  10.224  15.964  1.00 43.43 ? 128 HOH A O    1 
HETATM 1099 H H1   . HOH C 3 .   ? -4.300  10.411  16.907  1.00 0.00  ? 128 HOH A H1   1 
HETATM 1100 H H2   . HOH C 3 .   ? -3.209  10.194  15.879  1.00 0.00  ? 128 HOH A H2   1 
HETATM 1101 O O    . HOH C 3 .   ? -0.392  -6.258  11.483  1.00 26.77 ? 129 HOH A O    1 
HETATM 1102 H H1   . HOH C 3 .   ? 0.226   -5.765  10.933  1.00 0.00  ? 129 HOH A H1   1 
HETATM 1103 H H2   . HOH C 3 .   ? -0.277  -7.162  11.154  1.00 0.00  ? 129 HOH A H2   1 
HETATM 1104 O O    . HOH C 3 .   ? -9.251  -5.280  9.491   1.00 25.96 ? 130 HOH A O    1 
HETATM 1105 H H1   . HOH C 3 .   ? -9.994  -5.683  9.976   1.00 0.00  ? 130 HOH A H1   1 
HETATM 1106 H H2   . HOH C 3 .   ? -8.984  -6.009  8.904   1.00 0.00  ? 130 HOH A H2   1 
HETATM 1107 O O    . HOH C 3 .   ? -6.898  -8.104  9.594   1.00 43.99 ? 131 HOH A O    1 
HETATM 1108 H H1   . HOH C 3 .   ? -6.782  -7.560  8.786   1.00 0.00  ? 131 HOH A H1   1 
HETATM 1109 H H2   . HOH C 3 .   ? -7.616  -7.616  10.024  1.00 0.00  ? 131 HOH A H2   1 
HETATM 1110 O O    . HOH C 3 .   ? -4.826  -5.334  11.171  1.00 22.54 ? 132 HOH A O    1 
HETATM 1111 H H1   . HOH C 3 .   ? -5.229  -5.661  10.357  1.00 0.00  ? 132 HOH A H1   1 
HETATM 1112 H H2   . HOH C 3 .   ? -3.985  -4.973  10.874  1.00 0.00  ? 132 HOH A H2   1 
HETATM 1113 O O    . HOH C 3 .   ? -8.077  -3.294  12.183  1.00 44.32 ? 133 HOH A O    1 
HETATM 1114 H H1   . HOH C 3 .   ? -7.460  -3.034  12.890  1.00 0.00  ? 133 HOH A H1   1 
HETATM 1115 H H2   . HOH C 3 .   ? -7.800  -4.217  12.072  1.00 0.00  ? 133 HOH A H2   1 
HETATM 1116 O O    . HOH C 3 .   ? -8.093  1.269   9.717   1.00 27.49 ? 134 HOH A O    1 
HETATM 1117 H H1   . HOH C 3 .   ? -8.401  1.925   9.076   1.00 0.00  ? 134 HOH A H1   1 
HETATM 1118 H H2   . HOH C 3 .   ? -7.355  1.710   10.150  1.00 0.00  ? 134 HOH A H2   1 
HETATM 1119 O O    . HOH C 3 .   ? -0.161  -9.406  10.064  1.00 48.95 ? 135 HOH A O    1 
HETATM 1120 H H1   . HOH C 3 .   ? 0.120   -8.814  9.359   1.00 0.00  ? 135 HOH A H1   1 
HETATM 1121 H H2   . HOH C 3 .   ? 0.667   -9.609  10.515  1.00 0.00  ? 135 HOH A H2   1 
HETATM 1122 O O    . HOH C 3 .   ? -8.879  4.173   6.028   1.00 35.90 ? 136 HOH A O    1 
HETATM 1123 H H1   . HOH C 3 .   ? -9.126  4.608   5.196   1.00 0.00  ? 136 HOH A H1   1 
HETATM 1124 H H2   . HOH C 3 .   ? -8.550  3.326   5.698   1.00 0.00  ? 136 HOH A H2   1 
HETATM 1125 O O    . HOH C 3 .   ? 5.538   3.798   8.207   1.00 35.63 ? 137 HOH A O    1 
HETATM 1126 H H1   . HOH C 3 .   ? 5.983   3.209   8.840   1.00 0.00  ? 137 HOH A H1   1 
HETATM 1127 H H2   . HOH C 3 .   ? 5.025   3.182   7.672   1.00 0.00  ? 137 HOH A H2   1 
HETATM 1128 O O    . HOH C 3 .   ? 6.583   2.487   11.428  1.00 31.03 ? 138 HOH A O    1 
HETATM 1129 H H1   . HOH C 3 .   ? 6.531   2.692   12.370  1.00 0.00  ? 138 HOH A H1   1 
HETATM 1130 H H2   . HOH C 3 .   ? 7.236   1.779   11.414  1.00 0.00  ? 138 HOH A H2   1 
HETATM 1131 O O    . HOH C 3 .   ? 6.848   0.851   14.846  1.00 17.31 ? 139 HOH A O    1 
HETATM 1132 H H1   . HOH C 3 .   ? 7.267   1.656   15.184  1.00 0.00  ? 139 HOH A H1   1 
HETATM 1133 H H2   . HOH C 3 .   ? 5.983   0.899   15.269  1.00 0.00  ? 139 HOH A H2   1 
HETATM 1134 O O    . HOH C 3 .   ? -14.667 8.331   -4.716  1.00 28.91 ? 140 HOH A O    1 
HETATM 1135 H H1   . HOH C 3 .   ? -14.623 9.288   -4.768  1.00 0.00  ? 140 HOH A H1   1 
HETATM 1136 H H2   . HOH C 3 .   ? -15.051 8.194   -3.840  1.00 0.00  ? 140 HOH A H2   1 
HETATM 1137 O O    . HOH C 3 .   ? -15.590 8.511   -1.122  1.00 26.98 ? 141 HOH A O    1 
HETATM 1138 H H1   . HOH C 3 .   ? -14.888 7.939   -0.771  1.00 0.00  ? 141 HOH A H1   1 
HETATM 1139 H H2   . HOH C 3 .   ? -15.830 9.016   -0.335  1.00 0.00  ? 141 HOH A H2   1 
HETATM 1140 O O    . HOH C 3 .   ? -9.198  7.850   6.293   1.00 38.29 ? 142 HOH A O    1 
HETATM 1141 H H1   . HOH C 3 .   ? -9.804  7.654   7.019   1.00 0.00  ? 142 HOH A H1   1 
HETATM 1142 H H2   . HOH C 3 .   ? -9.632  7.385   5.554   1.00 0.00  ? 142 HOH A H2   1 
HETATM 1143 O O    . HOH C 3 .   ? 11.861  -7.212  9.143   1.00 19.05 ? 143 HOH A O    1 
HETATM 1144 H H1   . HOH C 3 .   ? 10.937  -7.191  9.454   1.00 0.00  ? 143 HOH A H1   1 
HETATM 1145 H H2   . HOH C 3 .   ? 11.701  -7.680  8.311   1.00 0.00  ? 143 HOH A H2   1 
HETATM 1146 O O    . HOH C 3 .   ? -20.231 -6.046  7.706   1.00 19.98 ? 144 HOH A O    1 
HETATM 1147 H H1   . HOH C 3 .   ? -19.279 -5.926  7.637   1.00 0.00  ? 144 HOH A H1   1 
HETATM 1148 H H2   . HOH C 3 .   ? -20.350 -6.302  8.624   1.00 0.00  ? 144 HOH A H2   1 
HETATM 1149 O O    . HOH C 3 .   ? 12.492  -7.403  -1.806  1.00 17.44 ? 145 HOH A O    1 
HETATM 1150 H H1   . HOH C 3 .   ? 13.365  -7.004  -1.653  1.00 0.00  ? 145 HOH A H1   1 
HETATM 1151 H H2   . HOH C 3 .   ? 11.893  -6.653  -1.716  1.00 0.00  ? 145 HOH A H2   1 
HETATM 1152 O O    . HOH C 3 .   ? -18.813 0.039   7.412   1.00 16.49 ? 146 HOH A O    1 
HETATM 1153 H H1   . HOH C 3 .   ? -19.404 0.776   7.605   1.00 0.00  ? 146 HOH A H1   1 
HETATM 1154 H H2   . HOH C 3 .   ? -18.077 0.223   8.008   1.00 0.00  ? 146 HOH A H2   1 
HETATM 1155 O O    . HOH C 3 .   ? 7.227   -9.781  -6.728  1.00 34.52 ? 147 HOH A O    1 
HETATM 1156 H H1   . HOH C 3 .   ? 7.902   -10.135 -7.331  1.00 0.00  ? 147 HOH A H1   1 
HETATM 1157 H H2   . HOH C 3 .   ? 6.761   -9.170  -7.311  1.00 0.00  ? 147 HOH A H2   1 
HETATM 1158 O O    . HOH C 3 .   ? 1.200   -12.769 -3.060  1.00 42.76 ? 148 HOH A O    1 
HETATM 1159 H H1   . HOH C 3 .   ? 1.025   -11.971 -2.536  1.00 0.00  ? 148 HOH A H1   1 
HETATM 1160 H H2   . HOH C 3 .   ? 1.066   -12.461 -3.957  1.00 0.00  ? 148 HOH A H2   1 
HETATM 1161 O O    . HOH C 3 .   ? 7.547   3.771   16.751  1.00 28.70 ? 149 HOH A O    1 
HETATM 1162 H H1   . HOH C 3 .   ? 8.498   3.871   16.867  1.00 0.00  ? 149 HOH A H1   1 
HETATM 1163 H H2   . HOH C 3 .   ? 7.169   4.421   17.352  1.00 0.00  ? 149 HOH A H2   1 
HETATM 1164 O O    . HOH C 3 .   ? 16.014  11.134  -2.583  1.00 32.63 ? 150 HOH A O    1 
HETATM 1165 H H1   . HOH C 3 .   ? 16.125  12.098  -2.654  1.00 0.00  ? 150 HOH A H1   1 
HETATM 1166 H H2   . HOH C 3 .   ? 16.377  10.951  -1.705  1.00 0.00  ? 150 HOH A H2   1 
HETATM 1167 O O    . HOH C 3 .   ? 7.117   11.949  -4.830  1.00 34.25 ? 151 HOH A O    1 
HETATM 1168 H H1   . HOH C 3 .   ? 7.577   11.787  -3.996  1.00 0.00  ? 151 HOH A H1   1 
HETATM 1169 H H2   . HOH C 3 .   ? 6.183   11.884  -4.578  1.00 0.00  ? 151 HOH A H2   1 
HETATM 1170 O O    . HOH C 3 .   ? 15.278  11.222  7.168   1.00 35.13 ? 152 HOH A O    1 
HETATM 1171 H H1   . HOH C 3 .   ? 15.834  11.477  6.419   1.00 0.00  ? 152 HOH A H1   1 
HETATM 1172 H H2   . HOH C 3 .   ? 15.870  11.318  7.915   1.00 0.00  ? 152 HOH A H2   1 
HETATM 1173 O O    . HOH C 3 .   ? -12.760 1.949   9.060   1.00 45.79 ? 153 HOH A O    1 
HETATM 1174 H H1   . HOH C 3 .   ? -12.435 2.827   9.299   1.00 0.00  ? 153 HOH A H1   1 
HETATM 1175 H H2   . HOH C 3 .   ? -13.701 2.025   9.262   1.00 0.00  ? 153 HOH A H2   1 
HETATM 1176 O O    . HOH C 3 .   ? -15.579 -0.055  8.603   1.00 32.54 ? 154 HOH A O    1 
HETATM 1177 H H1   . HOH C 3 .   ? -14.707 -0.172  8.214   1.00 0.00  ? 154 HOH A H1   1 
HETATM 1178 H H2   . HOH C 3 .   ? -16.073 -0.811  8.260   1.00 0.00  ? 154 HOH A H2   1 
HETATM 1179 O O    . HOH C 3 .   ? -1.331  7.031   15.292  1.00 44.58 ? 155 HOH A O    1 
HETATM 1180 H H1   . HOH C 3 .   ? -0.628  7.334   14.703  1.00 0.00  ? 155 HOH A H1   1 
HETATM 1181 H H2   . HOH C 3 .   ? -0.874  6.951   16.136  1.00 0.00  ? 155 HOH A H2   1 
HETATM 1182 O O    . HOH C 3 .   ? -1.852  15.062  7.193   1.00 42.02 ? 156 HOH A O    1 
HETATM 1183 H H1   . HOH C 3 .   ? -1.920  15.812  6.578   1.00 0.00  ? 156 HOH A H1   1 
HETATM 1184 H H2   . HOH C 3 .   ? -2.408  15.351  7.918   1.00 0.00  ? 156 HOH A H2   1 
HETATM 1185 O O    . HOH C 3 .   ? 0.716   13.005  5.982   1.00 29.26 ? 157 HOH A O    1 
HETATM 1186 H H1   . HOH C 3 .   ? 0.176   13.719  6.375   1.00 0.00  ? 157 HOH A H1   1 
HETATM 1187 H H2   . HOH C 3 .   ? 0.120   12.731  5.270   1.00 0.00  ? 157 HOH A H2   1 
HETATM 1188 O O    . HOH C 3 .   ? -18.149 6.070   -0.630  1.00 27.95 ? 158 HOH A O    1 
HETATM 1189 H H1   . HOH C 3 .   ? -17.631 6.809   -0.974  1.00 0.00  ? 158 HOH A H1   1 
HETATM 1190 H H2   . HOH C 3 .   ? -18.182 6.259   0.313   1.00 0.00  ? 158 HOH A H2   1 
HETATM 1191 O O    . HOH C 3 .   ? 0.957   -8.564  -6.495  1.00 37.85 ? 159 HOH A O    1 
HETATM 1192 H H1   . HOH C 3 .   ? 1.350   -8.442  -5.626  1.00 0.00  ? 159 HOH A H1   1 
HETATM 1193 H H2   . HOH C 3 .   ? 0.066   -8.860  -6.259  1.00 0.00  ? 159 HOH A H2   1 
HETATM 1194 O O    . HOH C 3 .   ? -19.458 -0.978  15.294  1.00 35.75 ? 160 HOH A O    1 
HETATM 1195 H H1   . HOH C 3 .   ? -18.510 -0.905  15.181  1.00 0.00  ? 160 HOH A H1   1 
HETATM 1196 H H2   . HOH C 3 .   ? -19.631 -1.917  15.200  1.00 0.00  ? 160 HOH A H2   1 
HETATM 1197 O O    . HOH C 3 .   ? 17.265  -3.416  5.724   1.00 40.07 ? 161 HOH A O    1 
HETATM 1198 H H1   . HOH C 3 .   ? 18.198  -3.202  5.724   1.00 0.00  ? 161 HOH A H1   1 
HETATM 1199 H H2   . HOH C 3 .   ? 17.159  -3.925  6.538   1.00 0.00  ? 161 HOH A H2   1 
HETATM 1200 O O    . HOH C 3 .   ? 21.746  3.415   0.457   1.00 38.48 ? 162 HOH A O    1 
HETATM 1201 H H1   . HOH C 3 .   ? 20.902  3.871   0.445   1.00 0.00  ? 162 HOH A H1   1 
HETATM 1202 H H2   . HOH C 3 .   ? 21.592  2.648   -0.102  1.00 0.00  ? 162 HOH A H2   1 
HETATM 1203 O O    . HOH C 3 .   ? -0.908  -12.717 5.315   1.00 26.69 ? 163 HOH A O    1 
HETATM 1204 H H1   . HOH C 3 .   ? -0.630  -12.800 6.232   1.00 0.00  ? 163 HOH A H1   1 
HETATM 1205 H H2   . HOH C 3 .   ? -1.871  -12.777 5.372   1.00 0.00  ? 163 HOH A H2   1 
HETATM 1206 O O    . HOH C 3 .   ? -1.849  11.304  -3.876  1.00 30.84 ? 164 HOH A O    1 
HETATM 1207 H H1   . HOH C 3 .   ? -1.204  10.617  -4.061  1.00 0.00  ? 164 HOH A H1   1 
HETATM 1208 H H2   . HOH C 3 .   ? -2.663  10.967  -4.263  1.00 0.00  ? 164 HOH A H2   1 
HETATM 1209 O O    . HOH C 3 .   ? -8.700  12.202  -0.333  1.00 21.50 ? 165 HOH A O    1 
HETATM 1210 H H1   . HOH C 3 .   ? -7.769  12.347  -0.586  1.00 0.00  ? 165 HOH A H1   1 
HETATM 1211 H H2   . HOH C 3 .   ? -8.976  13.115  -0.186  1.00 0.00  ? 165 HOH A H2   1 
HETATM 1212 O O    . HOH C 3 .   ? -13.853 4.513   3.547   1.00 39.79 ? 166 HOH A O    1 
HETATM 1213 H H1   . HOH C 3 .   ? -12.915 4.289   3.517   1.00 0.00  ? 166 HOH A H1   1 
HETATM 1214 H H2   . HOH C 3 .   ? -14.209 3.951   4.246   1.00 0.00  ? 166 HOH A H2   1 
HETATM 1215 O O    . HOH C 3 .   ? -11.406 -2.025  -8.029  1.00 23.77 ? 167 HOH A O    1 
HETATM 1216 H H1   . HOH C 3 .   ? -10.635 -1.760  -8.555  1.00 0.00  ? 167 HOH A H1   1 
HETATM 1217 H H2   . HOH C 3 .   ? -11.359 -1.443  -7.265  1.00 0.00  ? 167 HOH A H2   1 
HETATM 1218 O O    . HOH C 3 .   ? 9.900   11.205  1.708   1.00 32.36 ? 168 HOH A O    1 
HETATM 1219 H H1   . HOH C 3 .   ? 10.721  11.514  2.101   1.00 0.00  ? 168 HOH A H1   1 
HETATM 1220 H H2   . HOH C 3 .   ? 9.277   11.898  1.927   1.00 0.00  ? 168 HOH A H2   1 
HETATM 1221 O O    . HOH C 3 .   ? -2.628  -12.185 -7.409  1.00 24.12 ? 169 HOH A O    1 
HETATM 1222 H H1   . HOH C 3 .   ? -2.006  -11.462 -7.300  1.00 0.00  ? 169 HOH A H1   1 
HETATM 1223 H H2   . HOH C 3 .   ? -3.350  -11.932 -6.826  1.00 0.00  ? 169 HOH A H2   1 
HETATM 1224 O O    . HOH C 3 .   ? -15.109 5.462   -7.167  1.00 49.57 ? 170 HOH A O    1 
HETATM 1225 H H1   . HOH C 3 .   ? -14.470 5.713   -7.839  1.00 0.00  ? 170 HOH A H1   1 
HETATM 1226 H H2   . HOH C 3 .   ? -14.850 6.009   -6.411  1.00 0.00  ? 170 HOH A H2   1 
HETATM 1227 O O    . HOH C 3 .   ? 0.599   19.173  6.098   1.00 42.79 ? 171 HOH A O    1 
HETATM 1228 H H1   . HOH C 3 .   ? 1.049   19.924  5.698   1.00 0.00  ? 171 HOH A H1   1 
HETATM 1229 H H2   . HOH C 3 .   ? 1.031   19.077  6.952   1.00 0.00  ? 171 HOH A H2   1 
HETATM 1230 O O    . HOH C 3 .   ? -15.691 8.505   2.757   1.00 45.01 ? 172 HOH A O    1 
HETATM 1231 H H1   . HOH C 3 .   ? -14.998 7.855   2.587   1.00 0.00  ? 172 HOH A H1   1 
HETATM 1232 H H2   . HOH C 3 .   ? -16.256 7.988   3.341   1.00 0.00  ? 172 HOH A H2   1 
HETATM 1233 O O    . HOH C 3 .   ? 17.093  -5.863  8.521   1.00 42.03 ? 173 HOH A O    1 
HETATM 1234 H H1   . HOH C 3 .   ? 16.567  -5.058  8.616   1.00 0.00  ? 173 HOH A H1   1 
HETATM 1235 H H2   . HOH C 3 .   ? 16.465  -6.555  8.744   1.00 0.00  ? 173 HOH A H2   1 
HETATM 1236 O O    . HOH C 3 .   ? 12.536  11.225  4.589   1.00 46.82 ? 174 HOH A O    1 
HETATM 1237 H H1   . HOH C 3 .   ? 13.027  10.840  3.851   1.00 0.00  ? 174 HOH A H1   1 
HETATM 1238 H H2   . HOH C 3 .   ? 13.222  11.431  5.236   1.00 0.00  ? 174 HOH A H2   1 
# 
